data_3QKT
#
_entry.id   3QKT
#
_cell.length_a   83.390
_cell.length_b   108.517
_cell.length_c   150.366
_cell.angle_alpha   90.00
_cell.angle_beta   90.00
_cell.angle_gamma   90.00
#
_symmetry.space_group_name_H-M   'P 21 21 21'
#
loop_
_entity.id
_entity.type
_entity.pdbx_description
1 polymer 'DNA double-strand break repair rad50 ATPase'
2 non-polymer 'PHOSPHOAMINOPHOSPHONIC ACID-ADENYLATE ESTER'
3 non-polymer 'MAGNESIUM ION'
4 water water
#
_entity_poly.entity_id   1
_entity_poly.type   'polypeptide(L)'
_entity_poly.pdbx_seq_one_letter_code
;MKLERVTVKNFRSHSDTVVEFKEGINLIIGQNGSGKSSLLDAILVGLYWPLRIKDIKKDEFTKVGARDTYIDLIFEKDGT
KYRITRRFLKGYSSGEIHAMKRLVGNEWKHVTEPSSKAISAFMEKLIPYNIFLNAIYIRQGQIDAILESDEAREKVVREV
LNLDKFETAYKKLSELKGGSGGTEELIEKVKKYKALAREAALSKIGELASEIFAEFTEGKYSEVVVRAEENKVRLFVVWE
GKERPLTFLSGGERIALGLAFRLAMSLYLAGEISLLILDEPTPYLDEERRRKLITIMERYLKKIPQVILVSHDEELKDAA
DHVIRISLENGSSKVEVVS
;
_entity_poly.pdbx_strand_id   A,B,C,D
#
loop_
_chem_comp.id
_chem_comp.type
_chem_comp.name
_chem_comp.formula
ANP non-polymer 'PHOSPHOAMINOPHOSPHONIC ACID-ADENYLATE ESTER' 'C10 H17 N6 O12 P3'
MG non-polymer 'MAGNESIUM ION' 'Mg 2'
#
# COMPACT_ATOMS: atom_id res chain seq x y z
N MET A 1 25.21 -14.39 29.03
CA MET A 1 26.62 -14.13 28.75
C MET A 1 26.92 -12.65 28.89
N LYS A 2 28.05 -12.31 29.53
CA LYS A 2 28.41 -10.91 29.70
C LYS A 2 29.93 -10.71 29.60
N LEU A 3 30.36 -9.83 28.69
CA LEU A 3 31.78 -9.51 28.61
C LEU A 3 32.10 -8.50 29.69
N GLU A 4 33.24 -8.67 30.35
CA GLU A 4 33.60 -7.76 31.42
C GLU A 4 34.84 -6.94 31.10
N ARG A 5 35.91 -7.62 30.71
CA ARG A 5 37.16 -6.92 30.46
C ARG A 5 37.87 -7.58 29.29
N VAL A 6 38.41 -6.75 28.41
CA VAL A 6 39.21 -7.21 27.28
C VAL A 6 40.55 -6.49 27.29
N THR A 7 41.63 -7.26 27.35
CA THR A 7 42.98 -6.72 27.27
C THR A 7 43.61 -7.20 25.97
N VAL A 8 44.18 -6.27 25.21
CA VAL A 8 44.74 -6.59 23.89
C VAL A 8 46.11 -5.94 23.67
N LYS A 9 47.10 -6.76 23.35
CA LYS A 9 48.44 -6.27 23.05
C LYS A 9 48.88 -6.69 21.65
N ASN A 10 49.26 -5.71 20.84
CA ASN A 10 49.82 -5.96 19.51
C ASN A 10 48.94 -6.75 18.57
N PHE A 11 47.68 -6.33 18.48
CA PHE A 11 46.73 -6.91 17.54
C PHE A 11 46.29 -5.79 16.61
N ARG A 12 46.67 -5.90 15.34
CA ARG A 12 46.44 -4.84 14.37
C ARG A 12 46.87 -3.48 14.94
N SER A 13 45.96 -2.51 15.02
CA SER A 13 46.32 -1.18 15.51
C SER A 13 46.47 -1.07 17.02
N HIS A 14 46.11 -2.12 17.76
CA HIS A 14 46.18 -2.06 19.21
C HIS A 14 47.54 -2.51 19.74
N SER A 15 48.29 -1.57 20.32
CA SER A 15 49.56 -1.90 20.95
C SER A 15 49.33 -2.43 22.36
N ASP A 16 48.59 -1.67 23.16
CA ASP A 16 48.23 -2.09 24.50
C ASP A 16 46.92 -1.43 24.89
N THR A 17 45.84 -2.18 24.79
CA THR A 17 44.51 -1.64 25.03
C THR A 17 43.80 -2.46 26.09
N VAL A 18 43.10 -1.78 26.99
CA VAL A 18 42.22 -2.46 27.94
C VAL A 18 40.85 -1.80 27.87
N VAL A 19 39.82 -2.61 27.69
CA VAL A 19 38.46 -2.09 27.69
C VAL A 19 37.57 -2.81 28.71
N GLU A 20 36.95 -2.03 29.58
CA GLU A 20 35.98 -2.56 30.56
C GLU A 20 34.57 -2.37 30.01
N PHE A 21 33.86 -3.48 29.80
CA PHE A 21 32.49 -3.42 29.34
C PHE A 21 31.53 -3.48 30.51
N LYS A 22 30.35 -2.90 30.34
CA LYS A 22 29.37 -2.81 31.41
C LYS A 22 27.99 -3.23 30.92
N GLU A 23 27.01 -3.21 31.82
CA GLU A 23 25.63 -3.49 31.44
C GLU A 23 25.09 -2.39 30.53
N GLY A 24 24.13 -2.73 29.68
CA GLY A 24 23.49 -1.76 28.81
C GLY A 24 24.17 -1.56 27.47
N ILE A 25 23.93 -0.42 26.83
CA ILE A 25 24.52 -0.15 25.52
C ILE A 25 25.91 0.45 25.66
N ASN A 26 26.93 -0.32 25.30
CA ASN A 26 28.30 0.16 25.27
C ASN A 26 28.60 0.61 23.84
N LEU A 27 28.77 1.92 23.64
CA LEU A 27 29.10 2.40 22.30
C LEU A 27 30.58 2.68 22.18
N ILE A 28 31.21 2.13 21.14
CA ILE A 28 32.58 2.49 20.82
C ILE A 28 32.58 3.38 19.59
N ILE A 29 32.98 4.63 19.75
CA ILE A 29 32.89 5.60 18.66
C ILE A 29 34.29 5.90 18.12
N GLY A 30 34.43 5.88 16.80
CA GLY A 30 35.72 6.17 16.18
C GLY A 30 35.66 6.33 14.68
N GLN A 31 36.64 7.06 14.14
CA GLN A 31 36.72 7.32 12.71
C GLN A 31 37.15 6.06 11.96
N ASN A 32 37.07 6.11 10.62
CA ASN A 32 37.63 5.05 9.80
C ASN A 32 39.10 4.85 10.20
N GLY A 33 39.52 3.59 10.30
CA GLY A 33 40.90 3.25 10.61
C GLY A 33 41.37 3.49 12.03
N SER A 34 40.45 3.57 12.98
CA SER A 34 40.81 3.90 14.36
C SER A 34 41.09 2.69 15.28
N GLY A 35 40.49 1.54 14.98
CA GLY A 35 40.70 0.33 15.78
C GLY A 35 39.45 -0.36 16.35
N LYS A 36 38.28 0.09 15.93
CA LYS A 36 37.01 -0.49 16.41
C LYS A 36 36.84 -1.97 16.08
N SER A 37 36.86 -2.32 14.79
CA SER A 37 36.72 -3.71 14.39
C SER A 37 37.90 -4.56 14.87
N SER A 38 39.08 -3.95 14.96
CA SER A 38 40.25 -4.69 15.42
C SER A 38 40.00 -5.21 16.83
N LEU A 39 39.35 -4.38 17.63
CA LEU A 39 39.02 -4.74 19.00
C LEU A 39 38.02 -5.89 19.03
N LEU A 40 36.98 -5.78 18.21
CA LEU A 40 35.93 -6.81 18.20
C LEU A 40 36.43 -8.14 17.68
N ASP A 41 37.26 -8.10 16.64
CA ASP A 41 37.85 -9.32 16.10
C ASP A 41 38.87 -9.94 17.08
N ALA A 42 39.48 -9.14 17.94
CA ALA A 42 40.36 -9.71 18.97
C ALA A 42 39.54 -10.47 20.00
N ILE A 43 38.35 -9.99 20.28
CA ILE A 43 37.46 -10.70 21.18
C ILE A 43 37.07 -12.05 20.59
N LEU A 44 36.77 -12.04 19.30
CA LEU A 44 36.41 -13.27 18.59
C LEU A 44 37.58 -14.26 18.58
N VAL A 45 38.78 -13.76 18.34
CA VAL A 45 39.98 -14.60 18.38
C VAL A 45 40.18 -15.16 19.80
N GLY A 46 40.02 -14.28 20.79
CA GLY A 46 40.20 -14.69 22.17
C GLY A 46 39.26 -15.83 22.53
N LEU A 47 38.02 -15.73 22.09
CA LEU A 47 37.02 -16.72 22.46
C LEU A 47 37.17 -18.03 21.67
N TYR A 48 37.41 -17.93 20.37
CA TYR A 48 37.17 -19.07 19.48
C TYR A 48 38.33 -19.56 18.60
N TRP A 49 39.52 -19.02 18.78
CA TRP A 49 40.69 -19.56 18.07
C TRP A 49 40.79 -21.05 18.33
N PRO A 50 41.17 -21.84 17.32
CA PRO A 50 41.53 -21.37 15.98
C PRO A 50 40.30 -21.04 15.14
N LEU A 51 40.35 -19.91 14.46
CA LEU A 51 39.32 -19.57 13.51
C LEU A 51 39.78 -20.03 12.13
N ARG A 52 38.83 -20.29 11.26
CA ARG A 52 39.13 -20.49 9.85
C ARG A 52 38.38 -19.42 9.10
N ILE A 53 38.70 -18.17 9.43
CA ILE A 53 38.07 -17.02 8.80
C ILE A 53 39.11 -16.41 7.90
N LYS A 54 38.76 -16.25 6.62
CA LYS A 54 39.74 -15.90 5.60
C LYS A 54 40.46 -14.58 5.88
N ASP A 55 39.74 -13.58 6.39
CA ASP A 55 40.37 -12.28 6.62
C ASP A 55 41.00 -12.11 8.01
N ILE A 56 40.98 -13.17 8.82
CA ILE A 56 41.68 -13.14 10.10
C ILE A 56 42.81 -14.17 10.13
N LYS A 57 44.05 -13.70 10.03
CA LYS A 57 45.21 -14.58 9.99
C LYS A 57 46.29 -14.11 10.98
N LYS A 58 46.84 -15.04 11.75
CA LYS A 58 47.82 -14.69 12.79
C LYS A 58 49.04 -13.96 12.26
N ASP A 59 49.54 -14.41 11.11
CA ASP A 59 50.70 -13.81 10.48
C ASP A 59 50.44 -12.35 10.09
N GLU A 60 49.17 -12.02 9.90
CA GLU A 60 48.79 -10.67 9.49
C GLU A 60 48.39 -9.79 10.69
N PHE A 61 47.78 -10.39 11.71
CA PHE A 61 47.20 -9.55 12.77
C PHE A 61 48.17 -9.11 13.88
N THR A 62 49.39 -9.66 13.89
CA THR A 62 50.40 -9.13 14.82
C THR A 62 50.74 -7.70 14.43
N LYS A 63 50.65 -6.77 15.38
CA LYS A 63 50.93 -5.37 15.07
C LYS A 63 52.28 -5.18 14.39
N VAL A 64 52.32 -4.38 13.33
CA VAL A 64 53.57 -4.11 12.64
C VAL A 64 54.63 -3.64 13.64
N GLY A 65 55.83 -4.21 13.53
CA GLY A 65 56.94 -3.86 14.41
C GLY A 65 57.02 -4.67 15.70
N ALA A 66 56.00 -5.48 15.95
CA ALA A 66 55.98 -6.30 17.16
C ALA A 66 56.22 -7.76 16.82
N ARG A 67 56.50 -8.59 17.82
CA ARG A 67 56.68 -10.02 17.56
C ARG A 67 55.63 -10.88 18.27
N ASP A 68 54.90 -10.27 19.19
CA ASP A 68 54.11 -11.03 20.15
C ASP A 68 52.73 -10.41 20.36
N THR A 69 51.69 -11.22 20.15
CA THR A 69 50.31 -10.77 20.32
C THR A 69 49.69 -11.43 21.55
N TYR A 70 48.98 -10.63 22.34
CA TYR A 70 48.40 -11.11 23.58
C TYR A 70 46.96 -10.67 23.75
N ILE A 71 46.09 -11.63 24.08
CA ILE A 71 44.67 -11.35 24.29
C ILE A 71 44.19 -12.02 25.57
N ASP A 72 43.55 -11.22 26.43
CA ASP A 72 43.05 -11.68 27.72
C ASP A 72 41.60 -11.22 27.87
N LEU A 73 40.68 -12.17 27.92
CA LEU A 73 39.24 -11.88 27.95
C LEU A 73 38.61 -12.43 29.21
N ILE A 74 37.90 -11.57 29.95
CA ILE A 74 37.14 -12.02 31.12
C ILE A 74 35.66 -11.87 30.80
N PHE A 75 34.90 -12.94 31.00
CA PHE A 75 33.46 -12.89 30.74
C PHE A 75 32.69 -13.76 31.72
N GLU A 76 31.39 -13.50 31.85
CA GLU A 76 30.54 -14.24 32.76
C GLU A 76 29.52 -15.05 31.96
N LYS A 77 29.22 -16.25 32.46
CA LYS A 77 28.25 -17.13 31.83
C LYS A 77 27.66 -18.05 32.90
N ASP A 78 26.36 -17.95 33.11
CA ASP A 78 25.65 -18.79 34.08
C ASP A 78 26.22 -18.66 35.49
N GLY A 79 26.61 -17.44 35.86
CA GLY A 79 27.09 -17.17 37.21
C GLY A 79 28.59 -17.37 37.39
N THR A 80 29.19 -18.12 36.48
CA THR A 80 30.63 -18.37 36.53
C THR A 80 31.40 -17.34 35.72
N LYS A 81 32.45 -16.79 36.31
CA LYS A 81 33.31 -15.86 35.58
C LYS A 81 34.48 -16.61 34.96
N TYR A 82 34.70 -16.39 33.67
CA TYR A 82 35.73 -17.09 32.94
C TYR A 82 36.79 -16.16 32.43
N ARG A 83 37.99 -16.70 32.23
CA ARG A 83 39.08 -15.92 31.69
C ARG A 83 39.83 -16.75 30.67
N ILE A 84 39.96 -16.22 29.46
CA ILE A 84 40.76 -16.87 28.42
C ILE A 84 41.95 -16.01 28.02
N THR A 85 43.12 -16.63 27.99
CA THR A 85 44.36 -15.93 27.69
C THR A 85 45.06 -16.58 26.49
N ARG A 86 45.45 -15.77 25.53
CA ARG A 86 46.15 -16.30 24.35
C ARG A 86 47.37 -15.47 23.98
N ARG A 87 48.43 -16.16 23.60
CA ARG A 87 49.66 -15.51 23.20
C ARG A 87 50.15 -16.11 21.90
N PHE A 88 50.37 -15.26 20.91
CA PHE A 88 50.83 -15.70 19.61
C PHE A 88 52.20 -15.10 19.33
N LEU A 89 53.11 -15.90 18.78
CA LEU A 89 54.41 -15.40 18.35
C LEU A 89 54.46 -15.32 16.84
N LYS A 90 54.76 -14.13 16.33
CA LYS A 90 54.78 -13.90 14.88
C LYS A 90 55.77 -14.84 14.17
N GLY A 91 55.27 -15.55 13.16
CA GLY A 91 56.10 -16.39 12.32
C GLY A 91 56.71 -17.61 13.00
N TYR A 92 56.31 -17.85 14.24
CA TYR A 92 56.80 -18.96 15.03
C TYR A 92 55.70 -19.45 15.96
N SER A 93 54.94 -20.44 15.50
CA SER A 93 53.73 -20.85 16.21
C SER A 93 53.97 -21.95 17.24
N SER A 94 55.15 -21.96 17.84
CA SER A 94 55.46 -22.94 18.89
C SER A 94 55.67 -22.30 20.25
N GLY A 95 55.58 -20.98 20.30
CA GLY A 95 55.62 -20.26 21.56
C GLY A 95 54.19 -19.90 21.93
N GLU A 96 53.28 -20.28 21.05
CA GLU A 96 51.85 -20.04 21.20
C GLU A 96 51.31 -20.72 22.46
N ILE A 97 50.70 -19.93 23.34
CA ILE A 97 50.17 -20.48 24.60
C ILE A 97 48.72 -20.08 24.87
N HIS A 98 47.93 -21.06 25.29
CA HIS A 98 46.50 -20.84 25.53
C HIS A 98 46.09 -21.32 26.92
N ALA A 99 45.18 -20.59 27.54
CA ALA A 99 44.70 -20.96 28.86
C ALA A 99 43.26 -20.50 29.07
N MET A 100 42.46 -21.34 29.73
CA MET A 100 41.11 -20.93 30.12
C MET A 100 40.86 -21.27 31.59
N LYS A 101 40.49 -20.25 32.36
CA LYS A 101 40.28 -20.43 33.78
C LYS A 101 38.90 -19.95 34.24
N ARG A 102 38.48 -20.45 35.40
CA ARG A 102 37.28 -19.94 36.05
C ARG A 102 37.66 -19.34 37.39
N LEU A 103 36.85 -18.41 37.87
CA LEU A 103 37.11 -17.76 39.15
C LEU A 103 36.50 -18.58 40.29
N VAL A 104 37.36 -19.20 41.08
CA VAL A 104 36.92 -19.95 42.24
C VAL A 104 37.32 -19.18 43.49
N GLY A 105 36.34 -18.56 44.13
CA GLY A 105 36.59 -17.68 45.25
C GLY A 105 37.44 -16.50 44.81
N ASN A 106 38.72 -16.53 45.17
CA ASN A 106 39.63 -15.44 44.86
C ASN A 106 40.71 -15.84 43.85
N GLU A 107 40.70 -17.10 43.44
CA GLU A 107 41.74 -17.63 42.56
C GLU A 107 41.24 -18.03 41.19
N TRP A 108 42.04 -17.74 40.16
CA TRP A 108 41.77 -18.26 38.82
C TRP A 108 42.33 -19.66 38.70
N LYS A 109 41.50 -20.59 38.25
CA LYS A 109 41.90 -21.98 38.15
C LYS A 109 41.57 -22.55 36.78
N HIS A 110 42.49 -23.34 36.23
CA HIS A 110 42.29 -23.97 34.94
C HIS A 110 40.98 -24.74 34.89
N VAL A 111 40.23 -24.57 33.81
CA VAL A 111 38.96 -25.28 33.65
C VAL A 111 39.15 -26.42 32.66
N THR A 112 40.27 -26.42 31.98
CA THR A 112 40.63 -27.47 31.02
C THR A 112 42.13 -27.42 30.77
N GLU A 113 42.64 -28.36 29.98
CA GLU A 113 44.06 -28.37 29.64
C GLU A 113 44.42 -27.10 28.86
N PRO A 114 45.61 -26.54 29.13
CA PRO A 114 46.00 -25.31 28.43
C PRO A 114 46.34 -25.56 26.96
N SER A 115 45.35 -25.94 26.17
CA SER A 115 45.55 -26.21 24.75
C SER A 115 44.40 -25.67 23.92
N SER A 116 44.69 -25.27 22.69
CA SER A 116 43.66 -24.77 21.80
C SER A 116 42.53 -25.78 21.68
N LYS A 117 42.89 -27.05 21.52
CA LYS A 117 41.92 -28.13 21.33
C LYS A 117 40.97 -28.26 22.51
N ALA A 118 41.52 -28.28 23.72
CA ALA A 118 40.73 -28.45 24.93
C ALA A 118 39.87 -27.21 25.21
N ILE A 119 40.47 -26.04 25.04
CA ILE A 119 39.75 -24.79 25.25
C ILE A 119 38.63 -24.63 24.23
N SER A 120 38.90 -25.03 22.99
CA SER A 120 37.91 -24.98 21.92
C SER A 120 36.70 -25.84 22.28
N ALA A 121 36.96 -27.07 22.72
CA ALA A 121 35.90 -28.00 23.08
C ALA A 121 35.07 -27.43 24.23
N PHE A 122 35.74 -26.86 25.23
CA PHE A 122 35.05 -26.28 26.37
C PHE A 122 34.19 -25.10 25.95
N MET A 123 34.76 -24.19 25.17
CA MET A 123 34.01 -23.03 24.68
C MET A 123 32.78 -23.46 23.87
N GLU A 124 32.98 -24.39 22.94
CA GLU A 124 31.89 -24.88 22.11
C GLU A 124 30.71 -25.38 22.96
N LYS A 125 31.01 -25.98 24.12
CA LYS A 125 29.97 -26.43 25.04
C LYS A 125 29.30 -25.26 25.75
N LEU A 126 30.06 -24.20 25.99
CA LEU A 126 29.54 -23.02 26.65
C LEU A 126 28.61 -22.25 25.72
N ILE A 127 29.16 -21.82 24.59
CA ILE A 127 28.41 -21.10 23.58
C ILE A 127 28.88 -21.59 22.22
N PRO A 128 28.01 -22.34 21.50
CA PRO A 128 28.41 -22.85 20.19
C PRO A 128 28.94 -21.74 19.28
N TYR A 129 30.00 -22.06 18.54
CA TYR A 129 30.64 -21.09 17.67
C TYR A 129 29.67 -20.49 16.66
N ASN A 130 28.86 -21.34 16.05
CA ASN A 130 27.88 -20.90 15.06
C ASN A 130 26.87 -19.92 15.64
N ILE A 131 26.49 -20.12 16.90
CA ILE A 131 25.58 -19.17 17.55
C ILE A 131 26.27 -17.83 17.77
N PHE A 132 27.54 -17.87 18.20
CA PHE A 132 28.25 -16.63 18.46
C PHE A 132 28.43 -15.80 17.20
N LEU A 133 28.88 -16.45 16.12
CA LEU A 133 29.20 -15.75 14.87
C LEU A 133 27.96 -15.29 14.10
N ASN A 134 26.84 -15.99 14.26
CA ASN A 134 25.66 -15.68 13.46
C ASN A 134 24.47 -15.06 14.21
N ALA A 135 24.57 -14.97 15.54
CA ALA A 135 23.47 -14.40 16.32
C ALA A 135 23.93 -13.47 17.44
N ILE A 136 25.22 -13.49 17.77
CA ILE A 136 25.72 -12.65 18.85
C ILE A 136 26.65 -11.55 18.32
N TYR A 137 27.69 -11.95 17.60
CA TYR A 137 28.65 -11.00 17.06
C TYR A 137 28.41 -10.85 15.57
N ILE A 138 27.88 -9.68 15.19
CA ILE A 138 27.62 -9.40 13.79
C ILE A 138 28.75 -8.56 13.20
N ARG A 139 29.64 -9.21 12.44
CA ARG A 139 30.83 -8.53 11.94
C ARG A 139 30.51 -7.45 10.93
N GLN A 140 31.38 -6.45 10.84
CA GLN A 140 31.17 -5.39 9.88
C GLN A 140 30.89 -5.98 8.51
N GLY A 141 29.86 -5.48 7.85
CA GLY A 141 29.51 -5.96 6.52
C GLY A 141 28.68 -7.23 6.51
N GLN A 142 28.34 -7.75 7.69
CA GLN A 142 27.57 -9.01 7.73
C GLN A 142 26.12 -8.81 8.17
N ILE A 143 25.66 -7.56 8.26
CA ILE A 143 24.31 -7.30 8.76
C ILE A 143 23.25 -8.04 7.93
N ASP A 144 23.42 -8.02 6.61
CA ASP A 144 22.43 -8.63 5.73
C ASP A 144 22.77 -10.07 5.37
N ALA A 145 23.77 -10.65 6.00
CA ALA A 145 24.20 -12.00 5.67
C ALA A 145 23.07 -13.00 5.83
N ILE A 146 22.29 -12.81 6.89
CA ILE A 146 21.21 -13.71 7.25
C ILE A 146 20.04 -13.62 6.26
N LEU A 147 20.08 -12.60 5.40
CA LEU A 147 19.08 -12.42 4.35
C LEU A 147 19.46 -13.08 3.04
N GLU A 148 20.76 -13.32 2.86
CA GLU A 148 21.29 -13.70 1.55
C GLU A 148 21.09 -15.19 1.19
N SER A 149 20.78 -16.02 2.18
CA SER A 149 20.71 -17.46 1.93
C SER A 149 19.78 -18.23 2.84
N ASP A 150 19.04 -19.18 2.26
CA ASP A 150 18.23 -20.11 3.03
C ASP A 150 19.09 -21.22 3.61
N GLU A 151 20.40 -20.99 3.65
CA GLU A 151 21.32 -21.96 4.20
C GLU A 151 21.83 -21.52 5.57
N ALA A 152 22.50 -20.37 5.60
CA ALA A 152 23.00 -19.85 6.87
C ALA A 152 21.85 -19.51 7.82
N ARG A 153 20.77 -18.97 7.27
CA ARG A 153 19.61 -18.59 8.08
C ARG A 153 18.91 -19.79 8.73
N GLU A 154 18.58 -20.80 7.93
CA GLU A 154 17.94 -22.00 8.45
C GLU A 154 18.78 -22.65 9.53
N LYS A 155 20.10 -22.70 9.31
CA LYS A 155 21.01 -23.31 10.28
C LYS A 155 21.04 -22.54 11.59
N VAL A 156 21.21 -21.24 11.51
CA VAL A 156 21.31 -20.44 12.72
C VAL A 156 19.98 -20.43 13.46
N VAL A 157 18.88 -20.37 12.71
CA VAL A 157 17.56 -20.36 13.33
C VAL A 157 17.33 -21.66 14.07
N ARG A 158 17.62 -22.78 13.40
CA ARG A 158 17.49 -24.10 14.00
C ARG A 158 18.35 -24.22 15.26
N GLU A 159 19.60 -23.76 15.16
CA GLU A 159 20.52 -23.85 16.29
C GLU A 159 20.15 -22.91 17.43
N VAL A 160 19.59 -21.75 17.09
CA VAL A 160 19.04 -20.83 18.09
C VAL A 160 17.85 -21.43 18.82
N LEU A 161 16.93 -22.02 18.07
CA LEU A 161 15.77 -22.66 18.70
C LEU A 161 16.20 -23.89 19.49
N ASN A 162 17.36 -24.45 19.14
CA ASN A 162 17.87 -25.64 19.85
C ASN A 162 18.34 -25.33 21.28
N LEU A 163 18.47 -24.05 21.60
CA LEU A 163 18.96 -23.64 22.92
C LEU A 163 17.86 -23.69 23.98
N ASP A 164 16.63 -23.96 23.54
CA ASP A 164 15.50 -24.06 24.45
C ASP A 164 15.80 -25.04 25.59
N LYS A 165 15.39 -24.67 26.80
CA LYS A 165 15.70 -25.46 28.00
C LYS A 165 15.14 -26.89 27.95
N PHE A 166 14.13 -27.11 27.12
CA PHE A 166 13.45 -28.40 27.10
C PHE A 166 13.89 -29.28 25.94
N GLU A 167 14.78 -28.75 25.10
CA GLU A 167 15.23 -29.44 23.90
C GLU A 167 15.79 -30.84 24.17
N THR A 168 16.72 -30.94 25.11
CA THR A 168 17.35 -32.22 25.40
C THR A 168 16.35 -33.23 25.97
N ALA A 169 15.37 -32.73 26.70
CA ALA A 169 14.31 -33.58 27.24
C ALA A 169 13.48 -34.18 26.10
N TYR A 170 13.11 -33.33 25.14
CA TYR A 170 12.36 -33.79 23.97
C TYR A 170 13.12 -34.89 23.24
N LYS A 171 14.36 -34.62 22.88
CA LYS A 171 15.16 -35.55 22.09
C LYS A 171 15.26 -36.93 22.75
N LYS A 172 15.41 -36.94 24.06
CA LYS A 172 15.57 -38.20 24.80
C LYS A 172 14.31 -39.06 24.72
N LEU A 173 13.17 -38.49 25.07
CA LEU A 173 11.90 -39.22 25.02
C LEU A 173 11.61 -39.71 23.61
N SER A 174 12.21 -39.06 22.62
CA SER A 174 12.00 -39.44 21.24
C SER A 174 12.77 -40.70 20.87
N GLU A 175 13.65 -41.13 21.77
CA GLU A 175 14.55 -42.25 21.47
C GLU A 175 14.02 -43.59 21.98
N LEU A 176 13.23 -43.56 23.06
CA LEU A 176 12.73 -44.80 23.63
C LEU A 176 11.78 -45.52 22.68
N LYS A 177 11.78 -46.86 22.74
CA LYS A 177 10.92 -47.66 21.88
C LYS A 177 10.44 -48.92 22.58
N GLY A 178 9.14 -49.00 22.80
CA GLY A 178 8.54 -50.19 23.38
C GLY A 178 7.57 -50.81 22.40
N GLY A 179 7.41 -50.16 21.25
CA GLY A 179 6.48 -50.63 20.23
C GLY A 179 5.07 -50.70 20.76
N SER A 180 4.86 -50.12 21.94
CA SER A 180 3.56 -50.14 22.59
C SER A 180 2.75 -48.89 22.24
N GLY A 181 1.45 -48.94 22.50
CA GLY A 181 0.58 -47.82 22.27
C GLY A 181 0.96 -46.66 23.18
N GLY A 182 1.56 -46.98 24.32
CA GLY A 182 1.98 -45.98 25.28
C GLY A 182 3.22 -45.22 24.82
N THR A 183 4.22 -45.97 24.38
CA THR A 183 5.47 -45.39 23.89
C THR A 183 5.24 -44.56 22.64
N GLU A 184 4.65 -45.19 21.62
CA GLU A 184 4.34 -44.52 20.35
C GLU A 184 3.55 -43.25 20.57
N GLU A 185 2.51 -43.33 21.40
CA GLU A 185 1.65 -42.18 21.66
C GLU A 185 2.40 -41.05 22.34
N LEU A 186 3.30 -41.40 23.26
CA LEU A 186 4.06 -40.39 23.98
C LEU A 186 5.06 -39.69 23.07
N ILE A 187 5.79 -40.45 22.26
CA ILE A 187 6.76 -39.89 21.34
C ILE A 187 6.07 -38.99 20.31
N GLU A 188 4.88 -39.38 19.89
CA GLU A 188 4.09 -38.57 18.96
C GLU A 188 3.70 -37.27 19.63
N LYS A 189 3.29 -37.37 20.89
CA LYS A 189 2.91 -36.22 21.70
C LYS A 189 4.08 -35.25 21.86
N VAL A 190 5.26 -35.78 22.15
CA VAL A 190 6.46 -34.97 22.34
C VAL A 190 6.89 -34.27 21.04
N LYS A 191 6.84 -35.02 19.94
CA LYS A 191 7.18 -34.50 18.63
C LYS A 191 6.27 -33.32 18.24
N LYS A 192 4.97 -33.49 18.50
CA LYS A 192 3.99 -32.46 18.19
C LYS A 192 4.21 -31.22 19.05
N TYR A 193 4.41 -31.42 20.35
CA TYR A 193 4.61 -30.31 21.27
C TYR A 193 5.88 -29.53 20.93
N LYS A 194 6.93 -30.24 20.55
CA LYS A 194 8.18 -29.61 20.16
C LYS A 194 8.00 -28.76 18.89
N ALA A 195 7.30 -29.31 17.92
CA ALA A 195 7.02 -28.59 16.67
C ALA A 195 6.22 -27.32 16.92
N LEU A 196 5.25 -27.39 17.83
CA LEU A 196 4.43 -26.22 18.14
C LEU A 196 5.26 -25.15 18.88
N ALA A 197 6.13 -25.58 19.78
CA ALA A 197 6.99 -24.67 20.52
C ALA A 197 7.94 -23.90 19.59
N ARG A 198 8.47 -24.61 18.60
CA ARG A 198 9.36 -23.99 17.61
C ARG A 198 8.58 -22.98 16.79
N GLU A 199 7.42 -23.39 16.31
CA GLU A 199 6.59 -22.52 15.50
C GLU A 199 6.27 -21.24 16.26
N ALA A 200 6.12 -21.36 17.57
CA ALA A 200 5.83 -20.21 18.43
C ALA A 200 7.06 -19.29 18.56
N ALA A 201 8.22 -19.90 18.70
CA ALA A 201 9.47 -19.15 18.76
C ALA A 201 9.66 -18.38 17.46
N LEU A 202 9.48 -19.06 16.34
CA LEU A 202 9.65 -18.44 15.04
C LEU A 202 8.61 -17.33 14.84
N SER A 203 7.38 -17.55 15.33
CA SER A 203 6.35 -16.52 15.23
C SER A 203 6.76 -15.29 16.04
N LYS A 204 7.36 -15.53 17.20
CA LYS A 204 7.79 -14.45 18.09
C LYS A 204 8.93 -13.65 17.46
N ILE A 205 9.87 -14.34 16.83
CA ILE A 205 10.92 -13.67 16.07
C ILE A 205 10.33 -12.84 14.93
N GLY A 206 9.33 -13.39 14.23
CA GLY A 206 8.66 -12.67 13.16
C GLY A 206 7.92 -11.43 13.66
N GLU A 207 7.28 -11.57 14.81
CA GLU A 207 6.55 -10.46 15.43
C GLU A 207 7.49 -9.30 15.74
N LEU A 208 8.61 -9.60 16.40
CA LEU A 208 9.58 -8.58 16.77
C LEU A 208 10.19 -7.92 15.54
N ALA A 209 10.54 -8.74 14.56
CA ALA A 209 11.14 -8.22 13.34
C ALA A 209 10.14 -7.34 12.60
N SER A 210 8.88 -7.74 12.64
CA SER A 210 7.82 -6.97 11.99
C SER A 210 7.67 -5.60 12.63
N GLU A 211 7.61 -5.58 13.95
CA GLU A 211 7.46 -4.34 14.69
C GLU A 211 8.62 -3.38 14.41
N ILE A 212 9.84 -3.91 14.44
CA ILE A 212 11.03 -3.08 14.22
C ILE A 212 11.14 -2.59 12.78
N PHE A 213 10.88 -3.49 11.83
CA PHE A 213 10.98 -3.12 10.41
C PHE A 213 9.88 -2.13 10.01
N ALA A 214 8.68 -2.29 10.57
CA ALA A 214 7.60 -1.33 10.34
C ALA A 214 7.98 0.04 10.90
N GLU A 215 8.62 0.07 12.06
CA GLU A 215 9.08 1.33 12.64
C GLU A 215 10.14 1.97 11.74
N PHE A 216 11.09 1.14 11.29
CA PHE A 216 12.18 1.56 10.41
C PHE A 216 11.69 2.17 9.11
N THR A 217 10.66 1.55 8.53
CA THR A 217 10.19 1.93 7.20
C THR A 217 8.87 2.71 7.26
N GLU A 218 8.55 3.20 8.45
CA GLU A 218 7.34 4.00 8.66
C GLU A 218 6.09 3.34 8.11
N GLY A 219 5.97 2.03 8.34
CA GLY A 219 4.80 1.28 7.90
C GLY A 219 4.79 0.90 6.42
N LYS A 220 5.83 1.27 5.68
CA LYS A 220 5.89 0.90 4.27
C LYS A 220 5.80 -0.61 4.08
N TYR A 221 6.51 -1.36 4.92
CA TYR A 221 6.38 -2.81 4.94
C TYR A 221 5.69 -3.19 6.24
N SER A 222 4.56 -3.87 6.13
CA SER A 222 3.65 -4.02 7.26
C SER A 222 3.93 -5.22 8.13
N GLU A 223 4.69 -6.17 7.59
CA GLU A 223 5.00 -7.38 8.33
C GLU A 223 6.25 -8.01 7.75
N VAL A 224 7.00 -8.70 8.60
CA VAL A 224 8.10 -9.55 8.15
C VAL A 224 7.65 -10.98 8.43
N VAL A 225 7.50 -11.76 7.37
CA VAL A 225 7.00 -13.14 7.50
C VAL A 225 8.13 -14.14 7.58
N VAL A 226 8.16 -14.91 8.66
CA VAL A 226 9.20 -15.91 8.87
C VAL A 226 8.56 -17.29 8.90
N ARG A 227 8.89 -18.11 7.91
CA ARG A 227 8.17 -19.37 7.74
C ARG A 227 9.09 -20.57 7.52
N ALA A 228 9.04 -21.50 8.46
CA ALA A 228 9.84 -22.73 8.35
C ALA A 228 9.14 -23.72 7.42
N GLU A 229 9.88 -24.22 6.44
CA GLU A 229 9.35 -25.21 5.51
C GLU A 229 10.41 -26.26 5.18
N GLU A 230 10.18 -27.48 5.63
CA GLU A 230 11.16 -28.55 5.47
C GLU A 230 12.52 -28.17 6.05
N ASN A 231 13.53 -28.09 5.21
CA ASN A 231 14.86 -27.68 5.67
C ASN A 231 15.20 -26.24 5.29
N LYS A 232 14.18 -25.39 5.24
CA LYS A 232 14.37 -23.98 4.93
C LYS A 232 13.63 -23.08 5.91
N VAL A 233 14.16 -21.88 6.11
CA VAL A 233 13.43 -20.83 6.81
C VAL A 233 13.25 -19.68 5.83
N ARG A 234 12.02 -19.48 5.38
CA ARG A 234 11.73 -18.47 4.38
C ARG A 234 11.53 -17.12 5.06
N LEU A 235 11.87 -16.07 4.34
CA LEU A 235 11.70 -14.70 4.83
C LEU A 235 11.03 -13.90 3.74
N PHE A 236 9.92 -13.26 4.07
CA PHE A 236 9.27 -12.38 3.13
C PHE A 236 8.96 -11.04 3.80
N VAL A 237 8.72 -10.02 3.00
CA VAL A 237 8.20 -8.77 3.52
C VAL A 237 6.82 -8.52 2.92
N VAL A 238 5.93 -7.94 3.70
CA VAL A 238 4.60 -7.64 3.18
C VAL A 238 4.50 -6.20 2.74
N TRP A 239 4.18 -6.02 1.46
CA TRP A 239 4.03 -4.71 0.86
C TRP A 239 2.70 -4.65 0.11
N GLU A 240 1.93 -3.59 0.36
CA GLU A 240 0.58 -3.49 -0.15
C GLU A 240 -0.18 -4.81 -0.01
N GLY A 241 -0.12 -5.39 1.18
CA GLY A 241 -0.98 -6.51 1.53
C GLY A 241 -0.56 -7.89 1.09
N LYS A 242 0.55 -8.01 0.36
CA LYS A 242 0.97 -9.32 -0.12
C LYS A 242 2.44 -9.58 0.19
N GLU A 243 2.80 -10.85 0.42
CA GLU A 243 4.20 -11.22 0.63
C GLU A 243 5.06 -11.00 -0.63
N ARG A 244 6.24 -10.42 -0.44
CA ARG A 244 7.17 -10.21 -1.54
C ARG A 244 8.51 -10.81 -1.16
N PRO A 245 9.26 -11.30 -2.14
CA PRO A 245 10.60 -11.82 -1.83
C PRO A 245 11.54 -10.69 -1.45
N LEU A 246 12.67 -11.02 -0.84
CA LEU A 246 13.59 -10.00 -0.33
C LEU A 246 14.20 -9.11 -1.41
N THR A 247 14.21 -9.57 -2.66
CA THR A 247 14.73 -8.77 -3.75
C THR A 247 13.87 -7.53 -3.98
N PHE A 248 12.67 -7.53 -3.43
CA PHE A 248 11.78 -6.39 -3.57
C PHE A 248 12.43 -5.17 -2.90
N LEU A 249 13.15 -5.41 -1.81
CA LEU A 249 13.71 -4.31 -1.03
C LEU A 249 14.80 -3.52 -1.75
N SER A 250 14.93 -2.25 -1.36
CA SER A 250 16.06 -1.45 -1.79
C SER A 250 17.30 -1.83 -0.96
N GLY A 251 18.46 -1.30 -1.34
CA GLY A 251 19.70 -1.59 -0.64
C GLY A 251 19.63 -1.14 0.80
N GLY A 252 19.16 0.09 1.02
CA GLY A 252 18.98 0.59 2.38
C GLY A 252 17.92 -0.17 3.18
N GLU A 253 16.84 -0.55 2.52
CA GLU A 253 15.80 -1.34 3.19
C GLU A 253 16.30 -2.73 3.62
N ARG A 254 17.22 -3.28 2.83
CA ARG A 254 17.84 -4.55 3.16
C ARG A 254 18.65 -4.48 4.46
N ILE A 255 19.42 -3.41 4.60
CA ILE A 255 20.16 -3.18 5.85
C ILE A 255 19.19 -3.06 7.02
N ALA A 256 18.15 -2.24 6.83
CA ALA A 256 17.12 -2.07 7.84
C ALA A 256 16.46 -3.40 8.24
N LEU A 257 16.17 -4.23 7.25
CA LEU A 257 15.60 -5.55 7.56
C LEU A 257 16.58 -6.44 8.31
N GLY A 258 17.85 -6.40 7.89
CA GLY A 258 18.87 -7.18 8.58
C GLY A 258 18.96 -6.81 10.03
N LEU A 259 18.96 -5.51 10.31
CA LEU A 259 18.96 -5.03 11.68
C LEU A 259 17.72 -5.52 12.44
N ALA A 260 16.55 -5.37 11.81
CA ALA A 260 15.29 -5.80 12.40
C ALA A 260 15.35 -7.26 12.80
N PHE A 261 15.85 -8.09 11.89
CA PHE A 261 15.92 -9.52 12.12
C PHE A 261 16.98 -9.86 13.18
N ARG A 262 18.17 -9.27 13.07
CA ARG A 262 19.19 -9.45 14.11
C ARG A 262 18.65 -9.09 15.49
N LEU A 263 18.04 -7.92 15.60
CA LEU A 263 17.49 -7.46 16.87
C LEU A 263 16.42 -8.42 17.38
N ALA A 264 15.56 -8.88 16.48
CA ALA A 264 14.48 -9.77 16.85
C ALA A 264 15.01 -11.08 17.44
N MET A 265 16.03 -11.64 16.81
CA MET A 265 16.69 -12.83 17.36
C MET A 265 17.31 -12.55 18.73
N SER A 266 18.05 -11.46 18.84
CA SER A 266 18.67 -11.08 20.11
C SER A 266 17.64 -10.84 21.22
N LEU A 267 16.50 -10.27 20.86
CA LEU A 267 15.43 -10.04 21.84
C LEU A 267 14.80 -11.35 22.28
N TYR A 268 14.57 -12.25 21.33
CA TYR A 268 14.06 -13.58 21.66
C TYR A 268 15.05 -14.31 22.58
N LEU A 269 16.33 -14.00 22.43
CA LEU A 269 17.40 -14.64 23.22
C LEU A 269 17.90 -13.80 24.41
N ALA A 270 17.22 -12.70 24.72
CA ALA A 270 17.69 -11.76 25.74
C ALA A 270 17.91 -12.40 27.11
N GLY A 271 17.15 -13.46 27.39
CA GLY A 271 17.30 -14.17 28.65
C GLY A 271 18.38 -15.24 28.64
N GLU A 272 18.47 -15.98 27.53
CA GLU A 272 19.39 -17.09 27.41
C GLU A 272 20.82 -16.66 27.08
N ILE A 273 20.97 -15.69 26.18
CA ILE A 273 22.28 -15.22 25.74
C ILE A 273 22.58 -13.79 26.19
N SER A 274 21.66 -12.86 25.97
CA SER A 274 21.73 -11.57 26.64
C SER A 274 22.82 -10.62 26.15
N LEU A 275 23.40 -10.92 25.00
CA LEU A 275 24.49 -10.13 24.45
C LEU A 275 24.34 -9.94 22.95
N LEU A 276 24.50 -8.71 22.49
CA LEU A 276 24.58 -8.45 21.06
C LEU A 276 25.80 -7.55 20.79
N ILE A 277 26.60 -7.93 19.82
CA ILE A 277 27.75 -7.13 19.41
C ILE A 277 27.55 -6.77 17.94
N LEU A 278 27.44 -5.49 17.65
CA LEU A 278 27.09 -5.02 16.31
C LEU A 278 28.11 -4.00 15.80
N ASP A 279 28.71 -4.28 14.64
CA ASP A 279 29.80 -3.44 14.09
C ASP A 279 29.32 -2.63 12.87
N GLU A 280 29.18 -1.31 13.05
CA GLU A 280 28.69 -0.36 12.02
C GLU A 280 27.32 -0.72 11.46
N PRO A 281 26.26 -0.30 12.15
CA PRO A 281 24.88 -0.54 11.74
C PRO A 281 24.35 0.42 10.67
N THR A 282 25.11 1.47 10.32
CA THR A 282 24.55 2.51 9.44
C THR A 282 24.80 2.43 7.92
N PRO A 283 25.50 1.38 7.43
CA PRO A 283 25.82 1.54 6.00
C PRO A 283 24.54 1.54 5.14
N TYR A 284 24.53 2.40 4.13
CA TYR A 284 23.45 2.50 3.15
C TYR A 284 22.19 3.18 3.68
N LEU A 285 22.14 3.46 4.97
CA LEU A 285 20.96 4.10 5.55
C LEU A 285 20.95 5.60 5.29
N ASP A 286 19.82 6.13 4.83
CA ASP A 286 19.72 7.57 4.61
C ASP A 286 19.48 8.31 5.92
N GLU A 287 19.44 9.63 5.87
CA GLU A 287 19.36 10.45 7.07
C GLU A 287 18.16 10.08 7.96
N GLU A 288 17.02 9.84 7.33
CA GLU A 288 15.81 9.46 8.06
C GLU A 288 15.99 8.13 8.78
N ARG A 289 16.60 7.16 8.10
CA ARG A 289 16.77 5.84 8.67
C ARG A 289 17.78 5.83 9.81
N ARG A 290 18.81 6.68 9.71
CA ARG A 290 19.77 6.79 10.81
C ARG A 290 19.09 7.37 12.05
N ARG A 291 18.17 8.30 11.82
CA ARG A 291 17.39 8.85 12.94
C ARG A 291 16.51 7.78 13.59
N LYS A 292 15.91 6.92 12.77
CA LYS A 292 15.07 5.84 13.28
C LYS A 292 15.92 4.84 14.07
N LEU A 293 17.19 4.73 13.69
CA LEU A 293 18.09 3.80 14.33
C LEU A 293 18.25 4.20 15.79
N ILE A 294 18.35 5.52 16.01
CA ILE A 294 18.48 6.04 17.37
C ILE A 294 17.25 5.70 18.20
N THR A 295 16.07 5.83 17.59
CA THR A 295 14.83 5.48 18.25
C THR A 295 14.77 4.00 18.60
N ILE A 296 15.25 3.16 17.68
CA ILE A 296 15.26 1.72 17.85
C ILE A 296 16.31 1.27 18.88
N MET A 297 17.38 2.05 19.02
CA MET A 297 18.30 1.83 20.11
C MET A 297 17.57 2.01 21.45
N GLU A 298 16.84 3.11 21.56
CA GLU A 298 16.16 3.45 22.80
C GLU A 298 15.11 2.40 23.15
N ARG A 299 14.34 1.99 22.16
CA ARG A 299 13.18 1.14 22.37
C ARG A 299 13.48 -0.36 22.37
N TYR A 300 14.55 -0.77 21.68
CA TYR A 300 14.82 -2.20 21.56
C TYR A 300 16.18 -2.66 22.09
N LEU A 301 17.25 -1.97 21.68
CA LEU A 301 18.60 -2.35 22.13
C LEU A 301 18.70 -2.25 23.65
N LYS A 302 17.92 -1.35 24.24
CA LYS A 302 17.90 -1.20 25.71
C LYS A 302 17.30 -2.43 26.41
N LYS A 303 16.64 -3.29 25.65
CA LYS A 303 15.98 -4.46 26.24
C LYS A 303 16.87 -5.70 26.23
N ILE A 304 18.09 -5.55 25.72
CA ILE A 304 19.08 -6.61 25.75
C ILE A 304 20.09 -6.25 26.83
N PRO A 305 20.28 -7.14 27.83
CA PRO A 305 21.11 -6.86 29.01
C PRO A 305 22.47 -6.23 28.70
N GLN A 306 23.19 -6.77 27.73
CA GLN A 306 24.44 -6.13 27.29
C GLN A 306 24.50 -5.98 25.77
N VAL A 307 24.80 -4.77 25.31
CA VAL A 307 25.00 -4.51 23.90
C VAL A 307 26.32 -3.80 23.66
N ILE A 308 27.09 -4.27 22.71
CA ILE A 308 28.31 -3.57 22.32
C ILE A 308 28.15 -3.11 20.88
N LEU A 309 28.14 -1.80 20.71
CA LEU A 309 27.88 -1.19 19.42
C LEU A 309 29.10 -0.40 19.02
N VAL A 310 29.51 -0.55 17.77
CA VAL A 310 30.67 0.15 17.28
C VAL A 310 30.25 0.92 16.04
N SER A 311 30.66 2.19 15.96
CA SER A 311 30.27 3.03 14.85
C SER A 311 31.15 4.25 14.68
N HIS A 312 31.09 4.86 13.50
CA HIS A 312 31.74 6.15 13.26
C HIS A 312 30.72 7.28 13.39
N ASP A 313 29.45 6.93 13.56
CA ASP A 313 28.38 7.92 13.56
C ASP A 313 28.19 8.57 14.94
N GLU A 314 28.63 9.82 15.06
CA GLU A 314 28.61 10.54 16.34
C GLU A 314 27.22 10.69 16.94
N GLU A 315 26.19 10.67 16.10
CA GLU A 315 24.83 10.92 16.55
C GLU A 315 24.27 9.81 17.44
N LEU A 316 24.93 8.65 17.44
CA LEU A 316 24.48 7.53 18.26
C LEU A 316 24.91 7.68 19.73
N LYS A 317 25.82 8.61 20.01
CA LYS A 317 26.35 8.77 21.36
C LYS A 317 25.24 8.93 22.40
N ASP A 318 24.28 9.81 22.10
CA ASP A 318 23.23 10.14 23.05
C ASP A 318 22.36 8.94 23.45
N ALA A 319 22.31 7.93 22.59
CA ALA A 319 21.44 6.78 22.84
C ALA A 319 22.14 5.66 23.62
N ALA A 320 23.45 5.80 23.82
CA ALA A 320 24.21 4.75 24.53
C ALA A 320 24.16 4.95 26.04
N ASP A 321 24.57 3.92 26.78
CA ASP A 321 24.65 3.98 28.23
C ASP A 321 26.09 4.25 28.67
N HIS A 322 27.04 3.78 27.87
CA HIS A 322 28.45 4.02 28.11
C HIS A 322 29.15 4.29 26.79
N VAL A 323 30.00 5.30 26.77
CA VAL A 323 30.69 5.68 25.54
C VAL A 323 32.19 5.57 25.70
N ILE A 324 32.83 4.86 24.78
CA ILE A 324 34.28 4.82 24.72
C ILE A 324 34.69 5.35 23.37
N ARG A 325 35.62 6.31 23.36
CA ARG A 325 36.12 6.86 22.11
C ARG A 325 37.45 6.21 21.75
N ILE A 326 37.58 5.78 20.51
CA ILE A 326 38.83 5.21 20.05
C ILE A 326 39.40 6.06 18.92
N SER A 327 40.72 6.29 18.95
CA SER A 327 41.35 7.04 17.88
C SER A 327 42.74 6.51 17.62
N LEU A 328 43.27 6.84 16.44
CA LEU A 328 44.58 6.38 16.04
C LEU A 328 45.61 7.46 16.31
N GLU A 329 46.62 7.13 17.12
CA GLU A 329 47.63 8.09 17.54
C GLU A 329 49.01 7.45 17.46
N ASN A 330 49.89 8.02 16.63
CA ASN A 330 51.21 7.44 16.41
C ASN A 330 51.16 6.00 15.89
N GLY A 331 50.14 5.70 15.09
CA GLY A 331 49.99 4.37 14.54
C GLY A 331 49.52 3.32 15.55
N SER A 332 48.98 3.79 16.67
CA SER A 332 48.41 2.88 17.67
C SER A 332 47.07 3.40 18.14
N SER A 333 46.12 2.48 18.37
CA SER A 333 44.81 2.86 18.87
C SER A 333 44.92 3.39 20.30
N LYS A 334 44.18 4.45 20.58
CA LYS A 334 44.06 5.01 21.91
C LYS A 334 42.59 4.98 22.30
N VAL A 335 42.30 4.46 23.48
CA VAL A 335 40.93 4.31 23.96
C VAL A 335 40.65 5.27 25.13
N GLU A 336 39.61 6.08 24.99
CA GLU A 336 39.21 7.01 26.05
C GLU A 336 37.80 6.72 26.54
N VAL A 337 37.64 6.53 27.84
CA VAL A 337 36.33 6.33 28.43
C VAL A 337 35.64 7.66 28.66
N VAL A 338 34.53 7.89 27.94
CA VAL A 338 33.73 9.10 28.11
C VAL A 338 32.64 8.86 29.15
N SER A 339 31.96 7.72 29.02
CA SER A 339 30.82 7.39 29.87
C SER A 339 30.90 5.93 30.33
N MET B 1 31.48 5.83 -24.96
CA MET B 1 30.07 5.55 -24.73
C MET B 1 29.43 6.68 -23.94
N LYS B 2 28.25 7.12 -24.38
CA LYS B 2 27.53 8.17 -23.65
C LYS B 2 26.03 7.85 -23.57
N LEU B 3 25.46 7.89 -22.37
CA LEU B 3 24.03 7.69 -22.21
C LEU B 3 23.29 8.99 -22.43
N GLU B 4 22.21 8.93 -23.21
CA GLU B 4 21.46 10.12 -23.57
C GLU B 4 20.09 10.19 -22.89
N ARG B 5 19.27 9.16 -23.09
CA ARG B 5 17.92 9.15 -22.55
C ARG B 5 17.56 7.73 -22.13
N VAL B 6 16.96 7.61 -20.95
CA VAL B 6 16.37 6.35 -20.51
C VAL B 6 14.88 6.54 -20.24
N THR B 7 14.06 5.69 -20.83
CA THR B 7 12.62 5.72 -20.63
C THR B 7 12.19 4.39 -20.01
N VAL B 8 11.48 4.45 -18.89
CA VAL B 8 11.10 3.26 -18.14
C VAL B 8 9.62 3.27 -17.78
N LYS B 9 8.89 2.21 -18.14
CA LYS B 9 7.52 2.06 -17.71
C LYS B 9 7.35 0.76 -16.95
N ASN B 10 6.78 0.84 -15.75
CA ASN B 10 6.49 -0.33 -14.93
C ASN B 10 7.68 -1.21 -14.66
N PHE B 11 8.77 -0.59 -14.22
CA PHE B 11 9.95 -1.30 -13.73
C PHE B 11 10.14 -0.98 -12.27
N ARG B 12 9.95 -1.99 -11.41
CA ARG B 12 9.98 -1.79 -9.97
C ARG B 12 9.11 -0.60 -9.57
N SER B 13 9.67 0.39 -8.87
CA SER B 13 8.89 1.54 -8.42
C SER B 13 8.53 2.54 -9.52
N HIS B 14 9.13 2.39 -10.69
CA HIS B 14 8.89 3.34 -11.77
C HIS B 14 7.64 2.98 -12.57
N SER B 15 6.60 3.80 -12.47
CA SER B 15 5.42 3.60 -13.30
C SER B 15 5.64 4.17 -14.70
N ASP B 16 6.19 5.38 -14.76
CA ASP B 16 6.54 6.01 -16.03
C ASP B 16 7.56 7.11 -15.79
N THR B 17 8.79 6.85 -16.21
CA THR B 17 9.90 7.74 -15.93
C THR B 17 10.71 7.99 -17.21
N VAL B 18 11.14 9.23 -17.39
CA VAL B 18 12.10 9.55 -18.44
C VAL B 18 13.22 10.34 -17.79
N VAL B 19 14.46 9.98 -18.10
CA VAL B 19 15.60 10.73 -17.60
C VAL B 19 16.53 11.06 -18.76
N GLU B 20 16.90 12.33 -18.85
CA GLU B 20 17.88 12.79 -19.83
C GLU B 20 19.23 12.97 -19.16
N PHE B 21 20.24 12.23 -19.62
CA PHE B 21 21.57 12.34 -19.07
C PHE B 21 22.42 13.26 -19.93
N LYS B 22 23.37 13.95 -19.30
CA LYS B 22 24.17 14.92 -20.03
C LYS B 22 25.65 14.72 -19.74
N GLU B 23 26.47 15.61 -20.29
CA GLU B 23 27.90 15.52 -20.05
C GLU B 23 28.19 15.91 -18.60
N GLY B 24 29.32 15.43 -18.08
CA GLY B 24 29.74 15.75 -16.73
C GLY B 24 29.11 14.84 -15.68
N ILE B 25 29.10 15.31 -14.43
CA ILE B 25 28.56 14.53 -13.34
C ILE B 25 27.06 14.69 -13.24
N ASN B 26 26.34 13.60 -13.48
CA ASN B 26 24.90 13.55 -13.33
C ASN B 26 24.60 12.88 -12.01
N LEU B 27 24.11 13.65 -11.05
CA LEU B 27 23.82 13.12 -9.73
C LEU B 27 22.32 12.92 -9.56
N ILE B 28 21.93 11.72 -9.14
CA ILE B 28 20.55 11.44 -8.83
C ILE B 28 20.44 11.25 -7.32
N ILE B 29 19.76 12.18 -6.65
CA ILE B 29 19.67 12.15 -5.21
C ILE B 29 18.31 11.65 -4.81
N GLY B 30 18.27 10.71 -3.88
CA GLY B 30 17.00 10.19 -3.38
C GLY B 30 17.17 9.37 -2.12
N GLN B 31 16.07 9.24 -1.36
CA GLN B 31 16.08 8.50 -0.10
C GLN B 31 16.10 6.98 -0.32
N ASN B 32 16.22 6.23 0.77
CA ASN B 32 16.09 4.78 0.69
C ASN B 32 14.70 4.47 0.11
N GLY B 33 14.64 3.53 -0.82
CA GLY B 33 13.36 3.11 -1.37
C GLY B 33 12.72 4.07 -2.37
N SER B 34 13.48 4.98 -2.94
CA SER B 34 12.91 5.99 -3.84
C SER B 34 12.87 5.60 -5.32
N GLY B 35 13.80 4.75 -5.76
CA GLY B 35 13.84 4.31 -7.16
C GLY B 35 15.16 4.52 -7.91
N LYS B 36 16.23 4.84 -7.19
CA LYS B 36 17.54 5.12 -7.81
C LYS B 36 18.16 3.88 -8.47
N SER B 37 18.37 2.83 -7.69
CA SER B 37 18.94 1.60 -8.25
C SER B 37 18.03 0.94 -9.27
N SER B 38 16.72 1.10 -9.09
CA SER B 38 15.78 0.55 -10.06
C SER B 38 16.04 1.15 -11.43
N LEU B 39 16.26 2.45 -11.47
CA LEU B 39 16.56 3.13 -12.72
C LEU B 39 17.84 2.59 -13.36
N LEU B 40 18.90 2.49 -12.56
CA LEU B 40 20.16 1.97 -13.09
C LEU B 40 20.07 0.51 -13.54
N ASP B 41 19.36 -0.31 -12.78
CA ASP B 41 19.23 -1.70 -13.18
C ASP B 41 18.38 -1.84 -14.44
N ALA B 42 17.43 -0.92 -14.64
CA ALA B 42 16.68 -0.88 -15.88
C ALA B 42 17.60 -0.59 -17.06
N ILE B 43 18.63 0.23 -16.84
CA ILE B 43 19.60 0.48 -17.89
C ILE B 43 20.36 -0.79 -18.22
N LEU B 44 20.78 -1.51 -17.18
CA LEU B 44 21.47 -2.79 -17.36
C LEU B 44 20.58 -3.80 -18.12
N VAL B 45 19.33 -3.90 -17.70
CA VAL B 45 18.38 -4.77 -18.39
C VAL B 45 18.22 -4.34 -19.86
N GLY B 46 18.06 -3.03 -20.06
CA GLY B 46 17.90 -2.49 -21.40
C GLY B 46 19.03 -2.87 -22.34
N LEU B 47 20.26 -2.78 -21.85
CA LEU B 47 21.42 -3.09 -22.67
C LEU B 47 21.69 -4.58 -22.86
N TYR B 48 21.56 -5.36 -21.79
CA TYR B 48 22.12 -6.70 -21.80
C TYR B 48 21.17 -7.89 -21.56
N TRP B 49 19.86 -7.64 -21.56
CA TRP B 49 18.94 -8.75 -21.42
C TRP B 49 19.18 -9.74 -22.56
N PRO B 50 19.11 -11.05 -22.28
CA PRO B 50 18.77 -11.61 -20.97
C PRO B 50 19.98 -11.62 -20.05
N LEU B 51 19.73 -11.22 -18.80
CA LEU B 51 20.76 -11.28 -17.79
C LEU B 51 20.56 -12.57 -17.01
N ARG B 52 21.62 -13.04 -16.41
CA ARG B 52 21.54 -14.16 -15.50
C ARG B 52 22.12 -13.72 -14.16
N ILE B 53 21.53 -12.67 -13.62
CA ILE B 53 21.88 -12.13 -12.32
C ILE B 53 20.77 -12.48 -11.33
N LYS B 54 21.17 -13.12 -10.23
CA LYS B 54 20.20 -13.74 -9.32
C LYS B 54 19.13 -12.79 -8.79
N ASP B 55 19.51 -11.54 -8.49
CA ASP B 55 18.54 -10.60 -7.91
C ASP B 55 17.78 -9.78 -8.94
N ILE B 56 17.97 -10.08 -10.22
CA ILE B 56 17.18 -9.41 -11.27
C ILE B 56 16.36 -10.40 -12.07
N LYS B 57 15.07 -10.49 -11.73
CA LYS B 57 14.17 -11.45 -12.37
C LYS B 57 12.98 -10.77 -13.01
N LYS B 58 12.74 -11.08 -14.28
CA LYS B 58 11.66 -10.49 -15.05
C LYS B 58 10.30 -10.59 -14.35
N ASP B 59 10.01 -11.76 -13.78
CA ASP B 59 8.78 -12.00 -13.04
C ASP B 59 8.66 -11.15 -11.78
N GLU B 60 9.78 -10.60 -11.33
CA GLU B 60 9.79 -9.77 -10.13
C GLU B 60 9.84 -8.26 -10.42
N PHE B 61 10.49 -7.87 -11.51
CA PHE B 61 10.72 -6.44 -11.73
C PHE B 61 9.55 -5.70 -12.41
N THR B 62 8.56 -6.44 -12.91
CA THR B 62 7.34 -5.81 -13.40
C THR B 62 6.63 -5.12 -12.23
N LYS B 63 6.34 -3.83 -12.39
CA LYS B 63 5.71 -3.09 -11.32
C LYS B 63 4.41 -3.77 -10.87
N VAL B 64 4.24 -3.89 -9.57
CA VAL B 64 3.04 -4.50 -9.02
C VAL B 64 1.78 -3.83 -9.55
N GLY B 65 0.81 -4.63 -9.97
CA GLY B 65 -0.43 -4.10 -10.48
C GLY B 65 -0.41 -3.94 -11.99
N ALA B 66 0.79 -3.99 -12.57
CA ALA B 66 0.94 -3.81 -14.02
C ALA B 66 1.28 -5.12 -14.72
N ARG B 67 1.15 -5.12 -16.04
CA ARG B 67 1.42 -6.32 -16.83
C ARG B 67 2.62 -6.11 -17.74
N ASP B 68 2.73 -4.92 -18.31
CA ASP B 68 3.73 -4.65 -19.34
C ASP B 68 4.87 -3.78 -18.81
N THR B 69 6.10 -4.21 -19.06
CA THR B 69 7.29 -3.40 -18.73
C THR B 69 7.96 -2.94 -20.01
N TYR B 70 8.35 -1.66 -20.05
CA TYR B 70 8.95 -1.08 -21.23
C TYR B 70 10.23 -0.34 -20.84
N ILE B 71 11.29 -0.60 -21.58
CA ILE B 71 12.56 0.09 -21.38
C ILE B 71 13.11 0.54 -22.72
N ASP B 72 13.42 1.83 -22.80
CA ASP B 72 13.91 2.43 -24.03
C ASP B 72 15.15 3.26 -23.73
N LEU B 73 16.26 2.92 -24.37
CA LEU B 73 17.54 3.54 -24.06
C LEU B 73 18.13 4.15 -25.31
N ILE B 74 18.55 5.41 -25.22
CA ILE B 74 19.29 6.02 -26.32
C ILE B 74 20.71 6.30 -25.82
N PHE B 75 21.70 5.88 -26.60
CA PHE B 75 23.11 6.13 -26.24
C PHE B 75 23.98 6.27 -27.48
N GLU B 76 25.15 6.88 -27.30
CA GLU B 76 26.11 7.05 -28.39
C GLU B 76 27.34 6.16 -28.15
N LYS B 77 27.92 5.66 -29.23
CA LYS B 77 29.17 4.91 -29.15
C LYS B 77 29.92 5.04 -30.47
N ASP B 78 31.19 5.45 -30.38
CA ASP B 78 32.03 5.62 -31.56
C ASP B 78 31.39 6.50 -32.63
N GLY B 79 30.67 7.53 -32.20
CA GLY B 79 30.05 8.46 -33.13
C GLY B 79 28.73 8.00 -33.73
N THR B 80 28.25 6.83 -33.33
CA THR B 80 26.95 6.35 -33.79
C THR B 80 25.93 6.38 -32.65
N LYS B 81 24.73 6.87 -32.94
CA LYS B 81 23.67 6.89 -31.94
C LYS B 81 22.81 5.64 -32.06
N TYR B 82 22.60 4.97 -30.93
CA TYR B 82 21.85 3.72 -30.87
C TYR B 82 20.60 3.87 -30.01
N ARG B 83 19.59 3.08 -30.33
CA ARG B 83 18.39 3.01 -29.49
C ARG B 83 18.01 1.56 -29.28
N ILE B 84 17.94 1.14 -28.02
CA ILE B 84 17.44 -0.18 -27.70
C ILE B 84 16.09 -0.11 -27.01
N THR B 85 15.15 -0.91 -27.49
CA THR B 85 13.79 -0.89 -26.99
C THR B 85 13.39 -2.29 -26.60
N ARG B 86 12.90 -2.46 -25.38
CA ARG B 86 12.44 -3.76 -24.92
C ARG B 86 11.07 -3.68 -24.27
N ARG B 87 10.21 -4.62 -24.62
CA ARG B 87 8.92 -4.76 -23.98
C ARG B 87 8.83 -6.14 -23.38
N PHE B 88 8.59 -6.20 -22.08
CA PHE B 88 8.42 -7.48 -21.40
C PHE B 88 6.95 -7.67 -21.04
N LEU B 89 6.48 -8.91 -21.16
CA LEU B 89 5.15 -9.30 -20.70
C LEU B 89 5.28 -10.41 -19.67
N LYS B 90 5.06 -10.05 -18.41
CA LYS B 90 5.26 -10.95 -17.28
C LYS B 90 4.56 -12.30 -17.41
N GLY B 91 5.30 -13.36 -17.13
CA GLY B 91 4.75 -14.71 -17.19
C GLY B 91 4.88 -15.35 -18.56
N TYR B 92 4.84 -14.53 -19.60
CA TYR B 92 4.93 -15.03 -20.98
C TYR B 92 6.22 -14.57 -21.66
N SER B 93 6.51 -15.13 -22.83
CA SER B 93 7.77 -14.88 -23.52
C SER B 93 7.60 -14.42 -24.98
N SER B 94 6.95 -15.24 -25.80
CA SER B 94 6.89 -14.98 -27.24
C SER B 94 6.19 -13.67 -27.60
N GLY B 95 5.51 -13.06 -26.64
CA GLY B 95 4.83 -11.80 -26.88
C GLY B 95 5.76 -10.61 -26.75
N GLU B 96 6.99 -10.87 -26.31
CA GLU B 96 7.96 -9.81 -26.04
C GLU B 96 8.57 -9.23 -27.32
N ILE B 97 8.94 -7.96 -27.26
CA ILE B 97 9.58 -7.31 -28.40
C ILE B 97 10.92 -6.69 -27.99
N HIS B 98 11.95 -7.00 -28.76
CA HIS B 98 13.28 -6.43 -28.53
C HIS B 98 13.74 -5.87 -29.85
N ALA B 99 14.24 -4.65 -29.83
CA ALA B 99 14.72 -4.03 -31.04
C ALA B 99 15.94 -3.18 -30.73
N MET B 100 16.89 -3.17 -31.66
CA MET B 100 18.02 -2.27 -31.56
C MET B 100 18.28 -1.58 -32.88
N LYS B 101 18.37 -0.26 -32.84
CA LYS B 101 18.44 0.54 -34.04
C LYS B 101 19.56 1.56 -33.93
N ARG B 102 20.00 2.06 -35.09
CA ARG B 102 20.97 3.14 -35.12
C ARG B 102 20.48 4.29 -35.99
N LEU B 103 20.97 5.48 -35.69
CA LEU B 103 20.58 6.67 -36.42
C LEU B 103 21.38 6.72 -37.72
N VAL B 104 20.72 6.38 -38.83
CA VAL B 104 21.34 6.46 -40.15
C VAL B 104 20.65 7.56 -40.91
N GLY B 105 21.42 8.57 -41.29
CA GLY B 105 20.83 9.77 -41.86
C GLY B 105 19.83 10.36 -40.88
N ASN B 106 18.55 10.27 -41.22
CA ASN B 106 17.51 10.91 -40.42
C ASN B 106 16.84 9.96 -39.42
N GLU B 107 16.63 8.71 -39.82
CA GLU B 107 15.77 7.81 -39.06
C GLU B 107 16.46 6.59 -38.45
N TRP B 108 15.78 5.92 -37.53
CA TRP B 108 16.28 4.71 -36.89
C TRP B 108 16.25 3.53 -37.86
N LYS B 109 17.33 2.76 -37.89
CA LYS B 109 17.43 1.57 -38.73
C LYS B 109 17.88 0.39 -37.89
N HIS B 110 17.20 -0.74 -38.01
CA HIS B 110 17.60 -1.93 -37.27
C HIS B 110 19.08 -2.23 -37.55
N VAL B 111 19.82 -2.55 -36.50
CA VAL B 111 21.22 -2.92 -36.63
C VAL B 111 21.33 -4.42 -36.82
N THR B 112 20.29 -5.14 -36.40
CA THR B 112 20.28 -6.58 -36.45
C THR B 112 18.84 -7.07 -36.39
N GLU B 113 18.64 -8.39 -36.50
CA GLU B 113 17.30 -8.94 -36.33
C GLU B 113 16.72 -8.54 -34.98
N PRO B 114 15.44 -8.11 -34.97
CA PRO B 114 14.80 -7.70 -33.72
C PRO B 114 14.52 -8.88 -32.81
N SER B 115 15.56 -9.47 -32.26
CA SER B 115 15.42 -10.60 -31.35
C SER B 115 16.43 -10.49 -30.23
N SER B 116 16.07 -11.00 -29.06
CA SER B 116 16.95 -10.97 -27.90
C SER B 116 18.33 -11.55 -28.23
N LYS B 117 18.35 -12.69 -28.91
CA LYS B 117 19.62 -13.37 -29.19
C LYS B 117 20.52 -12.56 -30.12
N ALA B 118 19.94 -12.02 -31.19
CA ALA B 118 20.71 -11.26 -32.15
C ALA B 118 21.21 -9.96 -31.54
N ILE B 119 20.35 -9.29 -30.79
CA ILE B 119 20.74 -8.05 -30.15
C ILE B 119 21.86 -8.32 -29.16
N SER B 120 21.69 -9.35 -28.33
CA SER B 120 22.69 -9.75 -27.37
C SER B 120 24.05 -9.91 -28.05
N ALA B 121 24.07 -10.62 -29.17
CA ALA B 121 25.30 -10.85 -29.92
C ALA B 121 25.90 -9.54 -30.43
N PHE B 122 25.06 -8.63 -30.89
CA PHE B 122 25.53 -7.34 -31.39
C PHE B 122 26.10 -6.48 -30.25
N MET B 123 25.39 -6.43 -29.14
CA MET B 123 25.81 -5.61 -28.00
C MET B 123 27.13 -6.11 -27.45
N GLU B 124 27.29 -7.42 -27.42
CA GLU B 124 28.51 -8.03 -26.88
C GLU B 124 29.74 -7.59 -27.68
N LYS B 125 29.55 -7.40 -28.98
CA LYS B 125 30.65 -6.99 -29.86
C LYS B 125 30.91 -5.49 -29.75
N LEU B 126 29.85 -4.74 -29.50
CA LEU B 126 29.94 -3.29 -29.34
C LEU B 126 30.55 -2.92 -27.98
N ILE B 127 29.98 -3.48 -26.92
CA ILE B 127 30.48 -3.27 -25.56
C ILE B 127 30.32 -4.55 -24.77
N PRO B 128 31.41 -5.32 -24.63
CA PRO B 128 31.32 -6.59 -23.90
C PRO B 128 30.71 -6.43 -22.52
N TYR B 129 29.80 -7.34 -22.21
CA TYR B 129 29.07 -7.34 -20.94
C TYR B 129 30.00 -7.27 -19.73
N ASN B 130 31.10 -8.02 -19.79
CA ASN B 130 32.03 -8.08 -18.67
C ASN B 130 32.71 -6.74 -18.40
N ILE B 131 32.95 -5.98 -19.46
CA ILE B 131 33.51 -4.64 -19.32
C ILE B 131 32.47 -3.70 -18.71
N PHE B 132 31.24 -3.79 -19.19
CA PHE B 132 30.19 -2.93 -18.68
C PHE B 132 29.99 -3.14 -17.17
N LEU B 133 29.87 -4.40 -16.76
CA LEU B 133 29.62 -4.71 -15.34
C LEU B 133 30.83 -4.46 -14.43
N ASN B 134 32.04 -4.62 -14.98
CA ASN B 134 33.24 -4.53 -14.16
C ASN B 134 33.99 -3.21 -14.23
N ALA B 135 33.68 -2.38 -15.20
CA ALA B 135 34.44 -1.14 -15.37
C ALA B 135 33.55 0.08 -15.61
N ILE B 136 32.32 -0.16 -16.03
CA ILE B 136 31.44 0.97 -16.33
C ILE B 136 30.33 1.16 -15.30
N TYR B 137 29.53 0.12 -15.08
CA TYR B 137 28.42 0.20 -14.12
C TYR B 137 28.79 -0.58 -12.86
N ILE B 138 28.99 0.15 -11.77
CA ILE B 138 29.32 -0.46 -10.50
C ILE B 138 28.07 -0.53 -9.64
N ARG B 139 27.48 -1.72 -9.51
CA ARG B 139 26.18 -1.85 -8.83
C ARG B 139 26.29 -1.59 -7.33
N GLN B 140 25.18 -1.21 -6.71
CA GLN B 140 25.19 -0.95 -5.28
C GLN B 140 25.75 -2.16 -4.54
N GLY B 141 26.66 -1.92 -3.60
CA GLY B 141 27.27 -3.00 -2.86
C GLY B 141 28.50 -3.62 -3.51
N GLN B 142 28.85 -3.17 -4.72
CA GLN B 142 29.90 -3.83 -5.51
C GLN B 142 31.19 -3.00 -5.63
N ILE B 143 31.26 -1.90 -4.92
CA ILE B 143 32.44 -1.02 -5.02
C ILE B 143 33.75 -1.79 -4.80
N ASP B 144 33.78 -2.64 -3.78
CA ASP B 144 34.99 -3.39 -3.44
C ASP B 144 35.09 -4.77 -4.08
N ALA B 145 34.18 -5.11 -4.99
CA ALA B 145 34.19 -6.44 -5.59
C ALA B 145 35.55 -6.71 -6.27
N ILE B 146 36.06 -5.68 -6.92
CA ILE B 146 37.30 -5.78 -7.67
C ILE B 146 38.51 -5.92 -6.77
N LEU B 147 38.30 -5.80 -5.46
CA LEU B 147 39.40 -5.96 -4.51
C LEU B 147 39.57 -7.40 -4.04
N GLU B 148 38.67 -8.29 -4.45
CA GLU B 148 38.60 -9.63 -3.86
C GLU B 148 39.54 -10.70 -4.43
N SER B 149 39.84 -10.65 -5.72
CA SER B 149 40.49 -11.79 -6.37
C SER B 149 41.60 -11.43 -7.36
N ASP B 150 42.80 -11.92 -7.10
CA ASP B 150 43.94 -11.69 -7.99
C ASP B 150 43.62 -12.10 -9.42
N GLU B 151 42.92 -13.23 -9.57
CA GLU B 151 42.59 -13.77 -10.88
C GLU B 151 41.41 -13.03 -11.51
N ALA B 152 40.42 -12.69 -10.69
CA ALA B 152 39.26 -11.94 -11.19
C ALA B 152 39.71 -10.58 -11.70
N ARG B 153 40.57 -9.93 -10.94
CA ARG B 153 41.10 -8.64 -11.33
C ARG B 153 41.85 -8.82 -12.65
N GLU B 154 42.61 -9.91 -12.75
CA GLU B 154 43.35 -10.24 -13.96
C GLU B 154 42.45 -10.28 -15.19
N LYS B 155 41.28 -10.88 -15.06
CA LYS B 155 40.37 -11.01 -16.20
C LYS B 155 39.84 -9.66 -16.66
N VAL B 156 39.30 -8.88 -15.71
CA VAL B 156 38.80 -7.55 -16.01
C VAL B 156 39.84 -6.71 -16.74
N VAL B 157 41.04 -6.66 -16.18
CA VAL B 157 42.14 -5.93 -16.78
C VAL B 157 42.44 -6.45 -18.18
N ARG B 158 42.57 -7.77 -18.29
CA ARG B 158 42.82 -8.41 -19.58
C ARG B 158 41.83 -7.93 -20.65
N GLU B 159 40.55 -7.98 -20.32
CA GLU B 159 39.50 -7.63 -21.28
C GLU B 159 39.50 -6.14 -21.59
N VAL B 160 39.69 -5.34 -20.55
CA VAL B 160 39.67 -3.89 -20.69
C VAL B 160 40.88 -3.36 -21.46
N LEU B 161 41.97 -4.13 -21.46
CA LEU B 161 43.19 -3.71 -22.16
C LEU B 161 43.22 -4.17 -23.62
N ASN B 162 42.57 -5.28 -23.92
CA ASN B 162 42.53 -5.79 -25.29
C ASN B 162 41.11 -6.02 -25.80
N THR B 183 62.67 -14.68 -37.75
CA THR B 183 61.37 -15.26 -38.03
C THR B 183 61.06 -16.40 -37.06
N GLU B 184 61.99 -17.32 -36.93
CA GLU B 184 61.84 -18.44 -35.99
C GLU B 184 61.97 -17.94 -34.56
N GLU B 185 62.65 -16.81 -34.39
CA GLU B 185 62.83 -16.20 -33.08
C GLU B 185 62.03 -14.92 -32.96
N LEU B 186 60.92 -14.84 -33.69
CA LEU B 186 60.08 -13.65 -33.67
C LEU B 186 58.95 -13.78 -32.64
N ILE B 187 58.75 -14.99 -32.14
CA ILE B 187 57.71 -15.24 -31.16
C ILE B 187 58.13 -14.81 -29.75
N GLU B 188 59.44 -14.80 -29.50
CA GLU B 188 59.96 -14.40 -28.20
C GLU B 188 59.76 -12.90 -28.00
N LYS B 189 59.86 -12.14 -29.08
CA LYS B 189 59.78 -10.68 -29.01
C LYS B 189 58.34 -10.19 -28.99
N VAL B 190 57.40 -11.04 -29.41
CA VAL B 190 55.99 -10.71 -29.37
C VAL B 190 55.51 -10.64 -27.92
N LYS B 191 55.86 -11.67 -27.15
CA LYS B 191 55.47 -11.74 -25.75
C LYS B 191 56.10 -10.61 -24.93
N LYS B 192 57.26 -10.14 -25.38
CA LYS B 192 57.98 -9.06 -24.70
C LYS B 192 57.19 -7.75 -24.75
N TYR B 193 56.77 -7.35 -25.95
CA TYR B 193 56.01 -6.12 -26.12
C TYR B 193 54.65 -6.20 -25.43
N LYS B 194 54.06 -7.38 -25.42
CA LYS B 194 52.76 -7.58 -24.79
C LYS B 194 52.86 -7.38 -23.28
N ALA B 195 53.87 -7.99 -22.67
CA ALA B 195 54.08 -7.86 -21.24
C ALA B 195 54.52 -6.44 -20.86
N LEU B 196 55.10 -5.73 -21.82
CA LEU B 196 55.53 -4.36 -21.59
C LEU B 196 54.34 -3.39 -21.66
N ALA B 197 53.46 -3.61 -22.63
CA ALA B 197 52.25 -2.81 -22.75
C ALA B 197 51.42 -2.99 -21.48
N ARG B 198 51.28 -4.24 -21.06
CA ARG B 198 50.53 -4.61 -19.86
C ARG B 198 51.11 -3.93 -18.62
N GLU B 199 52.42 -4.09 -18.41
CA GLU B 199 53.06 -3.51 -17.24
C GLU B 199 52.93 -1.98 -17.19
N ALA B 200 52.97 -1.34 -18.35
CA ALA B 200 52.82 0.11 -18.42
C ALA B 200 51.40 0.53 -18.08
N ALA B 201 50.43 -0.27 -18.53
CA ALA B 201 49.02 0.01 -18.25
C ALA B 201 48.76 -0.12 -16.75
N LEU B 202 49.29 -1.19 -16.17
CA LEU B 202 49.13 -1.43 -14.74
C LEU B 202 49.83 -0.34 -13.91
N SER B 203 50.99 0.10 -14.36
CA SER B 203 51.72 1.15 -13.65
C SER B 203 50.94 2.47 -13.65
N LYS B 204 50.28 2.77 -14.76
CA LYS B 204 49.51 4.01 -14.83
C LYS B 204 48.27 3.95 -13.93
N ILE B 205 47.56 2.82 -13.97
CA ILE B 205 46.42 2.61 -13.09
C ILE B 205 46.85 2.70 -11.64
N GLY B 206 47.97 2.06 -11.32
CA GLY B 206 48.52 2.12 -9.98
C GLY B 206 48.82 3.54 -9.53
N GLU B 207 49.45 4.31 -10.42
CA GLU B 207 49.77 5.70 -10.12
C GLU B 207 48.51 6.51 -9.84
N LEU B 208 47.52 6.35 -10.70
CA LEU B 208 46.24 7.02 -10.52
C LEU B 208 45.58 6.61 -9.21
N ALA B 209 45.52 5.32 -8.94
CA ALA B 209 44.90 4.83 -7.72
C ALA B 209 45.63 5.33 -6.47
N SER B 210 46.96 5.38 -6.56
CA SER B 210 47.77 5.85 -5.44
C SER B 210 47.44 7.30 -5.11
N GLU B 211 47.39 8.13 -6.14
CA GLU B 211 47.12 9.54 -5.97
C GLU B 211 45.76 9.75 -5.32
N ILE B 212 44.76 9.03 -5.79
CA ILE B 212 43.41 9.18 -5.28
C ILE B 212 43.26 8.62 -3.86
N PHE B 213 43.80 7.43 -3.62
CA PHE B 213 43.72 6.80 -2.30
C PHE B 213 44.50 7.59 -1.24
N ALA B 214 45.63 8.16 -1.65
CA ALA B 214 46.43 8.98 -0.74
C ALA B 214 45.66 10.24 -0.36
N GLU B 215 45.00 10.85 -1.32
CA GLU B 215 44.19 12.01 -1.01
C GLU B 215 43.04 11.59 -0.10
N PHE B 216 42.38 10.48 -0.46
CA PHE B 216 41.24 9.95 0.29
C PHE B 216 41.57 9.68 1.76
N THR B 217 42.77 9.18 2.02
CA THR B 217 43.14 8.74 3.37
C THR B 217 44.10 9.74 4.04
N GLU B 218 44.12 10.96 3.51
CA GLU B 218 45.00 12.01 4.05
C GLU B 218 46.44 11.53 4.19
N GLY B 219 46.93 10.80 3.20
CA GLY B 219 48.30 10.33 3.19
C GLY B 219 48.65 9.20 4.15
N LYS B 220 47.64 8.57 4.72
CA LYS B 220 47.87 7.42 5.60
C LYS B 220 48.51 6.26 4.80
N TYR B 221 48.05 6.08 3.58
CA TYR B 221 48.64 5.08 2.68
C TYR B 221 49.26 5.81 1.51
N SER B 222 50.56 5.59 1.30
CA SER B 222 51.33 6.41 0.38
C SER B 222 51.24 5.95 -1.05
N GLU B 223 50.77 4.72 -1.24
CA GLU B 223 50.76 4.12 -2.57
C GLU B 223 49.81 2.94 -2.65
N VAL B 224 49.25 2.72 -3.83
CA VAL B 224 48.49 1.53 -4.12
C VAL B 224 49.27 0.80 -5.20
N VAL B 225 49.67 -0.44 -4.91
CA VAL B 225 50.56 -1.16 -5.80
C VAL B 225 49.78 -2.14 -6.64
N VAL B 226 49.88 -2.01 -7.95
CA VAL B 226 49.16 -2.89 -8.86
C VAL B 226 50.20 -3.66 -9.65
N ARG B 227 50.38 -4.94 -9.33
CA ARG B 227 51.51 -5.67 -9.88
C ARG B 227 51.12 -6.89 -10.71
N ALA B 228 51.69 -6.95 -11.91
CA ALA B 228 51.48 -8.07 -12.82
C ALA B 228 52.24 -9.31 -12.38
N GLU B 229 51.52 -10.41 -12.23
CA GLU B 229 52.14 -11.72 -12.08
C GLU B 229 51.38 -12.69 -12.96
N GLU B 230 52.03 -13.78 -13.35
CA GLU B 230 51.42 -14.73 -14.27
C GLU B 230 50.01 -15.11 -13.81
N ASN B 231 49.03 -14.84 -14.67
CA ASN B 231 47.63 -15.16 -14.40
C ASN B 231 46.97 -14.26 -13.34
N LYS B 232 47.74 -13.33 -12.78
CA LYS B 232 47.24 -12.53 -11.66
C LYS B 232 47.60 -11.04 -11.74
N VAL B 233 46.79 -10.22 -11.07
CA VAL B 233 47.14 -8.84 -10.83
C VAL B 233 47.04 -8.62 -9.32
N ARG B 234 48.19 -8.45 -8.69
CA ARG B 234 48.26 -8.30 -7.25
C ARG B 234 47.97 -6.87 -6.85
N LEU B 235 47.36 -6.70 -5.68
CA LEU B 235 47.03 -5.38 -5.19
C LEU B 235 47.51 -5.22 -3.75
N PHE B 236 48.32 -4.19 -3.49
CA PHE B 236 48.83 -3.90 -2.15
C PHE B 236 48.66 -2.43 -1.81
N VAL B 237 48.59 -2.11 -0.53
CA VAL B 237 48.70 -0.72 -0.09
C VAL B 237 50.00 -0.51 0.67
N VAL B 238 50.61 0.66 0.48
CA VAL B 238 51.86 0.98 1.19
C VAL B 238 51.57 1.78 2.46
N TRP B 239 51.97 1.22 3.61
CA TRP B 239 51.76 1.88 4.90
C TRP B 239 53.09 1.87 5.62
N GLU B 240 53.49 3.04 6.12
CA GLU B 240 54.79 3.23 6.75
C GLU B 240 55.92 2.65 5.90
N GLY B 241 55.81 2.81 4.59
CA GLY B 241 56.89 2.50 3.68
C GLY B 241 56.97 1.07 3.18
N LYS B 242 56.03 0.23 3.57
CA LYS B 242 56.02 -1.16 3.13
C LYS B 242 54.66 -1.59 2.57
N GLU B 243 54.68 -2.47 1.58
CA GLU B 243 53.46 -3.05 1.04
C GLU B 243 52.81 -3.92 2.10
N ARG B 244 51.49 -3.82 2.21
CA ARG B 244 50.67 -4.63 3.10
C ARG B 244 49.52 -5.22 2.28
N PRO B 245 49.01 -6.38 2.69
CA PRO B 245 47.86 -6.96 1.99
C PRO B 245 46.57 -6.17 2.27
N LEU B 246 45.56 -6.40 1.45
CA LEU B 246 44.31 -5.63 1.53
C LEU B 246 43.58 -5.81 2.85
N THR B 247 43.81 -6.96 3.50
CA THR B 247 43.24 -7.24 4.81
C THR B 247 43.70 -6.25 5.87
N PHE B 248 44.76 -5.51 5.56
CA PHE B 248 45.30 -4.52 6.47
C PHE B 248 44.30 -3.37 6.65
N LEU B 249 43.54 -3.08 5.59
CA LEU B 249 42.61 -1.95 5.60
C LEU B 249 41.45 -2.13 6.56
N SER B 250 40.92 -1.02 7.05
CA SER B 250 39.67 -1.05 7.79
C SER B 250 38.50 -1.12 6.79
N GLY B 251 37.29 -1.28 7.32
CA GLY B 251 36.09 -1.37 6.48
C GLY B 251 35.88 -0.15 5.61
N GLY B 252 35.96 1.03 6.22
CA GLY B 252 35.83 2.27 5.49
C GLY B 252 36.98 2.51 4.53
N GLU B 253 38.18 2.09 4.93
CA GLU B 253 39.33 2.23 4.05
C GLU B 253 39.19 1.39 2.80
N ARG B 254 38.61 0.22 2.96
CA ARG B 254 38.41 -0.69 1.83
C ARG B 254 37.48 -0.06 0.79
N ILE B 255 36.41 0.59 1.27
CA ILE B 255 35.53 1.33 0.38
C ILE B 255 36.27 2.43 -0.36
N ALA B 256 37.08 3.21 0.35
CA ALA B 256 37.87 4.26 -0.30
C ALA B 256 38.84 3.70 -1.36
N LEU B 257 39.43 2.54 -1.09
CA LEU B 257 40.34 1.91 -2.06
C LEU B 257 39.57 1.42 -3.29
N GLY B 258 38.40 0.84 -3.05
CA GLY B 258 37.56 0.39 -4.15
C GLY B 258 37.21 1.56 -5.04
N LEU B 259 36.79 2.67 -4.44
CA LEU B 259 36.51 3.90 -5.18
C LEU B 259 37.75 4.38 -5.95
N ALA B 260 38.90 4.39 -5.27
CA ALA B 260 40.14 4.84 -5.90
C ALA B 260 40.52 3.98 -7.11
N PHE B 261 40.36 2.67 -6.99
CA PHE B 261 40.73 1.77 -8.07
C PHE B 261 39.75 1.88 -9.24
N ARG B 262 38.45 1.93 -8.94
CA ARG B 262 37.40 2.15 -9.94
C ARG B 262 37.64 3.45 -10.70
N LEU B 263 37.88 4.54 -9.96
CA LEU B 263 38.17 5.83 -10.59
C LEU B 263 39.43 5.75 -11.45
N ALA B 264 40.47 5.13 -10.90
CA ALA B 264 41.73 4.99 -11.62
C ALA B 264 41.53 4.27 -12.95
N MET B 265 40.75 3.20 -12.91
CA MET B 265 40.47 2.45 -14.13
C MET B 265 39.66 3.29 -15.12
N SER B 266 38.63 3.96 -14.63
CA SER B 266 37.81 4.81 -15.49
C SER B 266 38.64 5.95 -16.09
N LEU B 267 39.57 6.50 -15.32
CA LEU B 267 40.41 7.60 -15.78
C LEU B 267 41.40 7.10 -16.83
N TYR B 268 41.95 5.93 -16.60
CA TYR B 268 42.84 5.31 -17.58
C TYR B 268 42.12 5.06 -18.92
N LEU B 269 40.83 4.76 -18.84
CA LEU B 269 40.05 4.47 -20.05
C LEU B 269 39.15 5.63 -20.49
N ALA B 270 39.40 6.82 -19.95
CA ALA B 270 38.51 7.96 -20.18
C ALA B 270 38.32 8.26 -21.66
N GLY B 271 39.33 7.95 -22.46
CA GLY B 271 39.27 8.18 -23.89
C GLY B 271 38.59 7.07 -24.67
N GLU B 272 38.55 5.88 -24.10
CA GLU B 272 37.99 4.72 -24.79
C GLU B 272 36.57 4.39 -24.31
N ILE B 273 36.36 4.46 -23.00
CA ILE B 273 35.06 4.16 -22.41
C ILE B 273 34.32 5.44 -22.07
N SER B 274 34.91 6.27 -21.22
CA SER B 274 34.45 7.64 -21.04
C SER B 274 33.17 7.78 -20.20
N LEU B 275 32.72 6.67 -19.63
CA LEU B 275 31.50 6.68 -18.81
C LEU B 275 31.70 5.87 -17.54
N LEU B 276 31.20 6.39 -16.42
CA LEU B 276 31.23 5.64 -15.18
C LEU B 276 29.91 5.83 -14.44
N ILE B 277 29.31 4.74 -14.01
CA ILE B 277 28.05 4.76 -13.28
C ILE B 277 28.31 4.13 -11.92
N LEU B 278 28.10 4.91 -10.85
CA LEU B 278 28.36 4.46 -9.48
C LEU B 278 27.10 4.57 -8.64
N ASP B 279 26.74 3.51 -7.94
CA ASP B 279 25.53 3.49 -7.12
C ASP B 279 25.87 3.43 -5.63
N GLU B 280 25.63 4.55 -4.93
CA GLU B 280 25.88 4.69 -3.48
C GLU B 280 27.34 4.53 -3.10
N PRO B 281 28.15 5.57 -3.32
CA PRO B 281 29.58 5.47 -3.00
C PRO B 281 29.91 5.64 -1.51
N THR B 282 28.96 6.08 -0.68
CA THR B 282 29.28 6.43 0.71
C THR B 282 29.17 5.37 1.83
N PRO B 283 28.88 4.10 1.49
CA PRO B 283 28.75 3.18 2.64
C PRO B 283 30.05 3.05 3.43
N TYR B 284 29.93 3.01 4.76
CA TYR B 284 31.06 2.82 5.67
C TYR B 284 32.01 4.02 5.82
N LEU B 285 31.80 5.05 5.01
CA LEU B 285 32.66 6.24 5.09
C LEU B 285 32.27 7.11 6.28
N ASP B 286 33.26 7.55 7.06
CA ASP B 286 32.95 8.49 8.14
C ASP B 286 32.75 9.91 7.59
N GLU B 287 32.37 10.84 8.47
CA GLU B 287 32.02 12.20 8.04
C GLU B 287 33.17 12.84 7.27
N GLU B 288 34.38 12.67 7.79
CA GLU B 288 35.57 13.22 7.15
C GLU B 288 35.80 12.66 5.76
N ARG B 289 35.61 11.34 5.62
CA ARG B 289 35.78 10.69 4.31
C ARG B 289 34.68 11.09 3.32
N ARG B 290 33.47 11.31 3.83
CA ARG B 290 32.39 11.81 2.98
C ARG B 290 32.67 13.22 2.45
N ARG B 291 33.21 14.10 3.29
CA ARG B 291 33.65 15.42 2.83
C ARG B 291 34.77 15.29 1.79
N LYS B 292 35.70 14.37 2.03
CA LYS B 292 36.80 14.13 1.11
C LYS B 292 36.30 13.63 -0.26
N LEU B 293 35.25 12.82 -0.26
CA LEU B 293 34.68 12.31 -1.49
C LEU B 293 34.28 13.47 -2.40
N ILE B 294 33.75 14.52 -1.81
CA ILE B 294 33.35 15.68 -2.58
C ILE B 294 34.56 16.29 -3.29
N THR B 295 35.68 16.38 -2.58
CA THR B 295 36.92 16.87 -3.16
C THR B 295 37.35 15.97 -4.32
N ILE B 296 37.23 14.67 -4.12
CA ILE B 296 37.58 13.69 -5.15
C ILE B 296 36.64 13.73 -6.37
N MET B 297 35.36 13.99 -6.14
CA MET B 297 34.44 14.24 -7.24
C MET B 297 34.94 15.42 -8.07
N GLU B 298 35.34 16.48 -7.38
CA GLU B 298 35.75 17.71 -8.03
C GLU B 298 37.04 17.54 -8.85
N ARG B 299 37.99 16.81 -8.29
CA ARG B 299 39.31 16.72 -8.91
C ARG B 299 39.44 15.59 -9.93
N TYR B 300 38.71 14.50 -9.71
CA TYR B 300 38.88 13.31 -10.55
C TYR B 300 37.65 12.92 -11.36
N LEU B 301 36.50 12.76 -10.69
CA LEU B 301 35.28 12.39 -11.38
C LEU B 301 35.01 13.35 -12.54
N LYS B 302 35.42 14.60 -12.40
CA LYS B 302 35.15 15.58 -13.45
C LYS B 302 36.07 15.41 -14.66
N LYS B 303 37.06 14.53 -14.54
CA LYS B 303 37.94 14.22 -15.67
C LYS B 303 37.32 13.14 -16.55
N ILE B 304 36.26 12.51 -16.06
CA ILE B 304 35.54 11.51 -16.84
C ILE B 304 34.38 12.18 -17.56
N PRO B 305 34.31 12.05 -18.89
CA PRO B 305 33.37 12.84 -19.69
C PRO B 305 31.91 12.70 -19.25
N GLN B 306 31.49 11.50 -18.91
CA GLN B 306 30.15 11.34 -18.33
C GLN B 306 30.20 10.47 -17.09
N VAL B 307 29.58 10.95 -16.03
CA VAL B 307 29.46 10.19 -14.80
C VAL B 307 28.00 10.21 -14.34
N ILE B 308 27.49 9.06 -13.95
CA ILE B 308 26.19 8.98 -13.33
C ILE B 308 26.37 8.46 -11.92
N LEU B 309 25.99 9.31 -10.97
CA LEU B 309 26.22 9.01 -9.56
C LEU B 309 24.87 9.07 -8.90
N VAL B 310 24.54 8.05 -8.13
CA VAL B 310 23.27 8.08 -7.39
C VAL B 310 23.57 7.88 -5.92
N SER B 311 22.86 8.61 -5.06
CA SER B 311 23.18 8.56 -3.64
C SER B 311 22.03 9.15 -2.83
N HIS B 312 21.95 8.77 -1.56
CA HIS B 312 21.04 9.42 -0.63
C HIS B 312 21.73 10.61 0.04
N ASP B 313 23.02 10.81 -0.23
CA ASP B 313 23.79 11.85 0.46
C ASP B 313 23.66 13.20 -0.22
N GLU B 314 22.85 14.08 0.38
CA GLU B 314 22.58 15.40 -0.16
C GLU B 314 23.85 16.23 -0.34
N GLU B 315 24.85 16.00 0.49
CA GLU B 315 26.08 16.81 0.44
C GLU B 315 26.75 16.73 -0.92
N LEU B 316 26.46 15.66 -1.67
CA LEU B 316 27.15 15.42 -2.94
C LEU B 316 26.70 16.38 -4.05
N LYS B 317 25.54 17.00 -3.83
CA LYS B 317 24.97 17.92 -4.82
C LYS B 317 25.97 19.01 -5.17
N ASP B 318 26.82 19.34 -4.20
CA ASP B 318 27.81 20.40 -4.34
C ASP B 318 28.58 20.30 -5.64
N ALA B 319 29.22 19.16 -5.85
CA ALA B 319 30.16 19.00 -6.95
C ALA B 319 29.56 18.34 -8.19
N ALA B 320 28.23 18.28 -8.28
CA ALA B 320 27.61 17.72 -9.47
C ALA B 320 27.44 18.80 -10.54
N ASP B 321 27.37 18.38 -11.80
CA ASP B 321 27.11 19.28 -12.90
C ASP B 321 25.61 19.35 -13.19
N HIS B 322 24.93 18.22 -12.96
CA HIS B 322 23.49 18.14 -13.16
C HIS B 322 22.88 17.34 -12.03
N VAL B 323 21.78 17.83 -11.47
CA VAL B 323 21.13 17.16 -10.35
C VAL B 323 19.68 16.79 -10.66
N ILE B 324 19.37 15.53 -10.44
CA ILE B 324 18.02 15.00 -10.57
C ILE B 324 17.60 14.47 -9.21
N ARG B 325 16.37 14.76 -8.81
CA ARG B 325 15.88 14.25 -7.53
C ARG B 325 14.83 13.21 -7.79
N ILE B 326 14.88 12.13 -7.02
CA ILE B 326 13.91 11.09 -7.16
C ILE B 326 13.26 10.83 -5.81
N SER B 327 11.94 10.68 -5.81
CA SER B 327 11.23 10.42 -4.58
C SER B 327 10.06 9.49 -4.88
N LEU B 328 9.60 8.80 -3.85
CA LEU B 328 8.51 7.85 -3.99
C LEU B 328 7.23 8.49 -3.51
N GLU B 329 6.28 8.69 -4.43
CA GLU B 329 4.97 9.23 -4.07
C GLU B 329 3.89 8.21 -4.40
N ASN B 330 3.07 7.90 -3.40
CA ASN B 330 1.96 6.96 -3.57
C ASN B 330 2.35 5.70 -4.36
N GLY B 331 3.51 5.14 -4.04
CA GLY B 331 3.94 3.86 -4.57
C GLY B 331 4.65 3.88 -5.91
N SER B 332 4.97 5.06 -6.41
CA SER B 332 5.64 5.20 -7.70
C SER B 332 6.72 6.29 -7.63
N SER B 333 7.85 6.02 -8.28
CA SER B 333 8.96 6.98 -8.34
C SER B 333 8.60 8.23 -9.15
N LYS B 334 8.98 9.39 -8.63
CA LYS B 334 8.81 10.62 -9.38
C LYS B 334 10.17 11.29 -9.55
N VAL B 335 10.50 11.61 -10.78
CA VAL B 335 11.78 12.25 -11.09
C VAL B 335 11.61 13.75 -11.25
N GLU B 336 12.44 14.52 -10.54
CA GLU B 336 12.43 15.97 -10.62
C GLU B 336 13.80 16.46 -11.11
N VAL B 337 13.82 17.14 -12.24
CA VAL B 337 15.08 17.69 -12.75
C VAL B 337 15.36 19.04 -12.08
N VAL B 338 16.41 19.09 -11.26
CA VAL B 338 16.75 20.30 -10.53
C VAL B 338 17.63 21.20 -11.39
N SER B 339 18.63 20.59 -12.03
CA SER B 339 19.57 21.29 -12.87
C SER B 339 20.15 20.33 -13.91
N MET C 1 -26.13 19.20 -27.01
CA MET C 1 -27.48 18.68 -26.82
C MET C 1 -28.28 19.59 -25.89
N LYS C 2 -29.56 19.77 -26.19
CA LYS C 2 -30.44 20.60 -25.36
C LYS C 2 -31.88 20.11 -25.42
N LEU C 3 -32.50 19.95 -24.26
CA LEU C 3 -33.92 19.62 -24.20
C LEU C 3 -34.76 20.89 -24.33
N GLU C 4 -35.79 20.83 -25.17
CA GLU C 4 -36.63 22.00 -25.36
C GLU C 4 -38.01 21.83 -24.72
N ARG C 5 -38.70 20.75 -25.08
CA ARG C 5 -40.04 20.54 -24.54
C ARG C 5 -40.32 19.07 -24.32
N VAL C 6 -41.00 18.79 -23.22
CA VAL C 6 -41.42 17.44 -22.88
C VAL C 6 -42.93 17.48 -22.64
N THR C 7 -43.66 16.65 -23.38
CA THR C 7 -45.11 16.53 -23.20
C THR C 7 -45.43 15.08 -22.81
N VAL C 8 -46.17 14.92 -21.73
CA VAL C 8 -46.41 13.59 -21.15
C VAL C 8 -47.89 13.39 -20.79
N LYS C 9 -48.48 12.29 -21.27
CA LYS C 9 -49.83 11.93 -20.88
C LYS C 9 -49.87 10.53 -20.29
N ASN C 10 -50.53 10.40 -19.15
CA ASN C 10 -50.72 9.12 -18.46
C ASN C 10 -49.45 8.32 -18.19
N PHE C 11 -48.43 9.00 -17.69
CA PHE C 11 -47.19 8.35 -17.28
C PHE C 11 -47.03 8.56 -15.78
N ARG C 12 -47.13 7.47 -15.02
CA ARG C 12 -47.17 7.53 -13.55
C ARG C 12 -48.16 8.59 -13.07
N SER C 13 -47.69 9.55 -12.26
CA SER C 13 -48.59 10.55 -11.70
C SER C 13 -49.04 11.63 -12.69
N HIS C 14 -48.45 11.64 -13.89
CA HIS C 14 -48.78 12.70 -14.86
C HIS C 14 -49.94 12.28 -15.76
N SER C 15 -51.07 12.97 -15.65
CA SER C 15 -52.18 12.72 -16.56
C SER C 15 -51.96 13.48 -17.87
N ASP C 16 -51.56 14.73 -17.74
CA ASP C 16 -51.34 15.59 -18.90
C ASP C 16 -50.42 16.73 -18.48
N THR C 17 -49.15 16.62 -18.84
CA THR C 17 -48.15 17.59 -18.41
C THR C 17 -47.33 18.08 -19.60
N VAL C 18 -46.96 19.36 -19.57
CA VAL C 18 -46.03 19.90 -20.54
C VAL C 18 -45.00 20.74 -19.80
N VAL C 19 -43.72 20.51 -20.08
CA VAL C 19 -42.65 21.30 -19.51
C VAL C 19 -41.73 21.81 -20.61
N GLU C 20 -41.43 23.10 -20.58
CA GLU C 20 -40.49 23.71 -21.52
C GLU C 20 -39.18 23.98 -20.80
N PHE C 21 -38.10 23.41 -21.31
CA PHE C 21 -36.79 23.60 -20.68
C PHE C 21 -36.02 24.72 -21.39
N LYS C 22 -35.28 25.49 -20.61
CA LYS C 22 -34.57 26.65 -21.13
C LYS C 22 -33.08 26.45 -20.90
N GLU C 23 -32.28 27.43 -21.31
CA GLU C 23 -30.86 27.36 -21.07
C GLU C 23 -30.60 27.63 -19.58
N GLY C 24 -29.44 27.21 -19.10
CA GLY C 24 -29.08 27.44 -17.72
C GLY C 24 -29.65 26.38 -16.79
N ILE C 25 -29.72 26.69 -15.51
CA ILE C 25 -30.21 25.74 -14.52
C ILE C 25 -31.74 25.77 -14.43
N ASN C 26 -32.35 24.66 -14.84
CA ASN C 26 -33.80 24.47 -14.69
C ASN C 26 -34.05 23.61 -13.46
N LEU C 27 -34.64 24.20 -12.42
CA LEU C 27 -34.92 23.48 -11.19
C LEU C 27 -36.37 23.03 -11.18
N ILE C 28 -36.58 21.76 -10.92
CA ILE C 28 -37.93 21.26 -10.72
C ILE C 28 -38.05 20.96 -9.24
N ILE C 29 -38.91 21.71 -8.57
CA ILE C 29 -39.02 21.63 -7.12
C ILE C 29 -40.35 20.99 -6.75
N GLY C 30 -40.32 20.04 -5.82
CA GLY C 30 -41.55 19.37 -5.42
C GLY C 30 -41.36 18.41 -4.27
N GLN C 31 -42.46 18.09 -3.58
CA GLN C 31 -42.41 17.19 -2.43
C GLN C 31 -42.19 15.74 -2.83
N ASN C 32 -41.97 14.90 -1.84
CA ASN C 32 -41.95 13.46 -2.09
C ASN C 32 -43.28 13.09 -2.76
N GLY C 33 -43.20 12.25 -3.78
CA GLY C 33 -44.37 11.74 -4.46
C GLY C 33 -45.13 12.72 -5.34
N SER C 34 -44.47 13.80 -5.75
CA SER C 34 -45.14 14.84 -6.55
C SER C 34 -45.11 14.62 -8.06
N GLY C 35 -44.12 13.88 -8.55
CA GLY C 35 -44.00 13.60 -9.98
C GLY C 35 -42.69 14.03 -10.65
N LYS C 36 -41.67 14.33 -9.84
CA LYS C 36 -40.41 14.83 -10.36
C LYS C 36 -39.64 13.74 -11.13
N SER C 37 -39.33 12.64 -10.46
CA SER C 37 -38.64 11.53 -11.14
C SER C 37 -39.47 10.96 -12.29
N SER C 38 -40.79 10.95 -12.12
CA SER C 38 -41.67 10.43 -13.17
C SER C 38 -41.39 11.16 -14.48
N LEU C 39 -41.26 12.48 -14.40
CA LEU C 39 -41.01 13.29 -15.59
C LEU C 39 -39.65 12.94 -16.22
N LEU C 40 -38.62 12.86 -15.39
CA LEU C 40 -37.28 12.55 -15.88
C LEU C 40 -37.22 11.16 -16.53
N ASP C 41 -37.86 10.18 -15.90
CA ASP C 41 -37.90 8.84 -16.45
C ASP C 41 -38.72 8.78 -17.76
N ALA C 42 -39.77 9.60 -17.85
CA ALA C 42 -40.49 9.71 -19.12
C ALA C 42 -39.55 10.20 -20.23
N ILE C 43 -38.65 11.11 -19.89
CA ILE C 43 -37.66 11.60 -20.85
C ILE C 43 -36.72 10.48 -21.31
N LEU C 44 -36.26 9.68 -20.35
CA LEU C 44 -35.43 8.51 -20.64
C LEU C 44 -36.16 7.51 -21.54
N VAL C 45 -37.43 7.25 -21.22
CA VAL C 45 -38.25 6.37 -22.05
C VAL C 45 -38.42 6.95 -23.45
N GLY C 46 -38.75 8.24 -23.52
CA GLY C 46 -38.92 8.92 -24.78
C GLY C 46 -37.72 8.76 -25.70
N LEU C 47 -36.54 8.97 -25.16
CA LEU C 47 -35.32 8.91 -25.95
C LEU C 47 -34.91 7.49 -26.32
N TYR C 48 -34.94 6.58 -25.35
CA TYR C 48 -34.23 5.32 -25.50
C TYR C 48 -35.05 4.03 -25.41
N TRP C 49 -36.37 4.12 -25.38
CA TRP C 49 -37.18 2.91 -25.41
C TRP C 49 -36.86 2.12 -26.67
N PRO C 50 -36.68 0.80 -26.56
CA PRO C 50 -36.90 -0.02 -25.37
C PRO C 50 -35.73 0.01 -24.40
N LEU C 51 -36.04 0.13 -23.11
CA LEU C 51 -35.02 0.11 -22.08
C LEU C 51 -35.00 -1.26 -21.43
N ARG C 52 -33.86 -1.63 -20.86
CA ARG C 52 -33.76 -2.86 -20.09
C ARG C 52 -33.49 -2.53 -18.64
N ILE C 53 -34.20 -1.52 -18.13
CA ILE C 53 -34.08 -1.11 -16.75
C ILE C 53 -35.15 -1.77 -15.90
N LYS C 54 -34.72 -2.51 -14.89
CA LYS C 54 -35.61 -3.36 -14.09
C LYS C 54 -36.84 -2.62 -13.57
N ASP C 55 -36.67 -1.39 -13.11
CA ASP C 55 -37.76 -0.70 -12.44
C ASP C 55 -38.56 0.22 -13.36
N ILE C 56 -38.36 0.08 -14.67
CA ILE C 56 -39.16 0.84 -15.63
C ILE C 56 -39.87 -0.09 -16.63
N LYS C 57 -41.14 -0.36 -16.36
CA LYS C 57 -41.91 -1.29 -17.18
C LYS C 57 -43.19 -0.63 -17.68
N LYS C 58 -43.49 -0.78 -18.97
CA LYS C 58 -44.63 -0.07 -19.55
C LYS C 58 -45.97 -0.43 -18.91
N ASP C 59 -46.12 -1.67 -18.46
CA ASP C 59 -47.37 -2.06 -17.81
C ASP C 59 -47.51 -1.43 -16.42
N GLU C 60 -46.39 -0.95 -15.87
CA GLU C 60 -46.42 -0.30 -14.58
C GLU C 60 -46.48 1.23 -14.69
N PHE C 61 -45.78 1.80 -15.67
CA PHE C 61 -45.75 3.25 -15.80
C PHE C 61 -47.00 3.88 -16.42
N THR C 62 -47.89 3.05 -16.96
CA THR C 62 -49.16 3.57 -17.46
C THR C 62 -50.00 4.07 -16.29
N LYS C 63 -50.43 5.33 -16.35
CA LYS C 63 -51.18 5.91 -15.23
C LYS C 63 -52.41 5.09 -14.89
N VAL C 64 -52.57 4.79 -13.60
CA VAL C 64 -53.73 4.05 -13.12
C VAL C 64 -55.04 4.62 -13.65
N GLY C 65 -55.88 3.75 -14.21
CA GLY C 65 -57.16 4.17 -14.74
C GLY C 65 -57.14 4.49 -16.22
N ALA C 66 -55.96 4.55 -16.82
CA ALA C 66 -55.83 4.80 -18.25
C ALA C 66 -55.14 3.65 -18.98
N ARG C 67 -55.05 3.72 -20.30
CA ARG C 67 -54.31 2.73 -21.08
C ARG C 67 -53.33 3.34 -22.08
N ASP C 68 -53.63 4.54 -22.56
CA ASP C 68 -52.76 5.15 -23.56
C ASP C 68 -51.79 6.15 -22.95
N THR C 69 -50.51 5.83 -23.03
CA THR C 69 -49.46 6.69 -22.51
C THR C 69 -48.80 7.34 -23.71
N TYR C 70 -48.60 8.65 -23.62
CA TYR C 70 -48.02 9.42 -24.70
C TYR C 70 -46.83 10.20 -24.18
N ILE C 71 -45.74 10.19 -24.93
CA ILE C 71 -44.54 10.95 -24.58
C ILE C 71 -44.03 11.62 -25.84
N ASP C 72 -43.87 12.94 -25.79
CA ASP C 72 -43.37 13.66 -26.93
C ASP C 72 -42.21 14.53 -26.47
N LEU C 73 -41.05 14.34 -27.10
CA LEU C 73 -39.83 15.04 -26.68
C LEU C 73 -39.26 15.86 -27.84
N ILE C 74 -39.01 17.13 -27.58
CA ILE C 74 -38.33 17.97 -28.55
C ILE C 74 -36.96 18.34 -28.02
N PHE C 75 -35.92 18.10 -28.82
CA PHE C 75 -34.56 18.37 -28.38
C PHE C 75 -33.66 18.78 -29.55
N GLU C 76 -32.54 19.43 -29.24
CA GLU C 76 -31.60 19.82 -30.28
C GLU C 76 -30.29 19.07 -30.14
N LYS C 77 -29.70 18.71 -31.28
CA LYS C 77 -28.41 18.03 -31.31
C LYS C 77 -27.66 18.41 -32.59
N ASP C 78 -26.49 19.03 -32.41
CA ASP C 78 -25.63 19.40 -33.53
C ASP C 78 -26.33 20.29 -34.54
N GLY C 79 -27.11 21.26 -34.06
CA GLY C 79 -27.75 22.23 -34.92
C GLY C 79 -29.09 21.76 -35.48
N THR C 80 -29.42 20.50 -35.22
CA THR C 80 -30.67 19.94 -35.73
C THR C 80 -31.70 19.75 -34.62
N LYS C 81 -32.95 20.14 -34.90
CA LYS C 81 -34.01 19.99 -33.93
C LYS C 81 -34.76 18.69 -34.20
N TYR C 82 -34.91 17.87 -33.17
CA TYR C 82 -35.53 16.56 -33.29
C TYR C 82 -36.78 16.47 -32.43
N ARG C 83 -37.67 15.57 -32.82
CA ARG C 83 -38.88 15.32 -32.07
C ARG C 83 -39.15 13.81 -32.08
N ILE C 84 -39.23 13.24 -30.89
CA ILE C 84 -39.59 11.83 -30.77
C ILE C 84 -40.95 11.73 -30.11
N THR C 85 -41.83 10.96 -30.71
CA THR C 85 -43.16 10.78 -30.18
C THR C 85 -43.39 9.29 -29.98
N ARG C 86 -43.79 8.92 -28.77
CA ARG C 86 -44.11 7.53 -28.49
C ARG C 86 -45.51 7.40 -27.91
N ARG C 87 -46.25 6.43 -28.41
CA ARG C 87 -47.58 6.14 -27.91
C ARG C 87 -47.61 4.71 -27.44
N PHE C 88 -47.89 4.51 -26.17
CA PHE C 88 -47.97 3.16 -25.63
C PHE C 88 -49.42 2.82 -25.34
N LEU C 89 -49.77 1.57 -25.58
CA LEU C 89 -51.12 1.11 -25.34
C LEU C 89 -51.03 -0.11 -24.44
N LYS C 90 -51.41 0.07 -23.18
CA LYS C 90 -51.25 -0.99 -22.18
C LYS C 90 -51.97 -2.26 -22.58
N GLY C 91 -51.23 -3.36 -22.64
CA GLY C 91 -51.82 -4.65 -22.94
C GLY C 91 -51.96 -4.96 -24.42
N TYR C 92 -51.74 -3.95 -25.28
CA TYR C 92 -51.79 -4.19 -26.72
C TYR C 92 -50.66 -3.48 -27.43
N SER C 93 -49.46 -4.05 -27.31
CA SER C 93 -48.24 -3.42 -27.80
C SER C 93 -48.19 -3.30 -29.33
N SER C 94 -48.93 -4.14 -30.05
CA SER C 94 -48.90 -4.05 -31.51
C SER C 94 -49.60 -2.78 -32.01
N GLY C 95 -50.23 -2.06 -31.10
CA GLY C 95 -50.87 -0.79 -31.42
C GLY C 95 -50.01 0.40 -31.03
N GLU C 96 -48.76 0.13 -30.66
CA GLU C 96 -47.83 1.21 -30.32
C GLU C 96 -47.51 2.03 -31.56
N ILE C 97 -47.26 3.32 -31.36
CA ILE C 97 -46.81 4.18 -32.44
C ILE C 97 -45.56 4.96 -32.03
N HIS C 98 -44.47 4.71 -32.74
CA HIS C 98 -43.22 5.39 -32.50
C HIS C 98 -42.79 6.15 -33.74
N ALA C 99 -42.29 7.37 -33.55
CA ALA C 99 -41.84 8.18 -34.67
C ALA C 99 -40.74 9.12 -34.21
N MET C 100 -39.79 9.36 -35.10
CA MET C 100 -38.74 10.35 -34.84
C MET C 100 -38.61 11.26 -36.04
N LYS C 101 -38.63 12.55 -35.79
CA LYS C 101 -38.62 13.54 -36.86
C LYS C 101 -37.59 14.64 -36.62
N ARG C 102 -37.22 15.34 -37.69
CA ARG C 102 -36.36 16.51 -37.60
C ARG C 102 -37.13 17.72 -38.11
N LEU C 103 -36.79 18.91 -37.63
CA LEU C 103 -37.45 20.11 -38.07
C LEU C 103 -36.81 20.65 -39.35
N VAL C 104 -37.56 20.63 -40.43
CA VAL C 104 -37.10 21.19 -41.70
C VAL C 104 -37.91 22.45 -41.99
N GLY C 105 -37.29 23.60 -41.80
CA GLY C 105 -37.99 24.87 -41.95
C GLY C 105 -39.12 24.97 -40.95
N ASN C 106 -40.33 24.71 -41.41
CA ASN C 106 -41.52 24.84 -40.58
C ASN C 106 -42.09 23.50 -40.10
N GLU C 107 -41.72 22.42 -40.79
CA GLU C 107 -42.43 21.16 -40.69
C GLU C 107 -41.59 20.00 -40.17
N TRP C 108 -42.18 19.15 -39.33
CA TRP C 108 -41.51 17.95 -38.83
C TRP C 108 -41.52 16.86 -39.90
N LYS C 109 -40.38 16.23 -40.12
CA LYS C 109 -40.26 15.23 -41.17
C LYS C 109 -39.49 14.00 -40.67
N HIS C 110 -39.92 12.82 -41.10
CA HIS C 110 -39.32 11.57 -40.60
C HIS C 110 -37.83 11.48 -40.93
N VAL C 111 -37.04 11.07 -39.94
CA VAL C 111 -35.60 10.87 -40.15
C VAL C 111 -35.27 9.38 -40.20
N THR C 112 -36.26 8.54 -39.91
CA THR C 112 -36.08 7.10 -39.97
C THR C 112 -37.45 6.46 -40.06
N GLU C 113 -37.48 5.15 -40.28
CA GLU C 113 -38.74 4.42 -40.27
C GLU C 113 -39.40 4.61 -38.90
N PRO C 114 -40.73 4.77 -38.88
CA PRO C 114 -41.46 4.93 -37.62
C PRO C 114 -41.62 3.61 -36.87
N SER C 115 -40.52 3.06 -36.39
CA SER C 115 -40.55 1.86 -35.57
C SER C 115 -39.56 2.00 -34.41
N SER C 116 -39.80 1.26 -33.34
CA SER C 116 -38.95 1.34 -32.16
C SER C 116 -37.49 0.99 -32.48
N LYS C 117 -37.29 -0.05 -33.28
CA LYS C 117 -35.94 -0.51 -33.61
C LYS C 117 -35.16 0.50 -34.45
N ALA C 118 -35.81 1.06 -35.47
CA ALA C 118 -35.15 2.02 -36.34
C ALA C 118 -34.79 3.30 -35.58
N ILE C 119 -35.71 3.75 -34.74
CA ILE C 119 -35.47 4.93 -33.92
C ILE C 119 -34.32 4.66 -32.96
N SER C 120 -34.24 3.43 -32.48
CA SER C 120 -33.20 3.02 -31.54
C SER C 120 -31.82 3.17 -32.15
N ALA C 121 -31.61 2.58 -33.32
CA ALA C 121 -30.33 2.63 -34.00
C ALA C 121 -29.90 4.07 -34.26
N PHE C 122 -30.87 4.93 -34.58
CA PHE C 122 -30.59 6.33 -34.89
C PHE C 122 -30.15 7.11 -33.65
N MET C 123 -30.90 6.97 -32.57
CA MET C 123 -30.58 7.65 -31.32
C MET C 123 -29.21 7.25 -30.79
N GLU C 124 -28.89 5.97 -30.88
CA GLU C 124 -27.61 5.47 -30.41
C GLU C 124 -26.44 6.18 -31.10
N LYS C 125 -26.55 6.40 -32.41
CA LYS C 125 -25.51 7.08 -33.16
C LYS C 125 -25.45 8.56 -32.79
N LEU C 126 -26.62 9.13 -32.54
CA LEU C 126 -26.71 10.52 -32.13
C LEU C 126 -26.04 10.69 -30.77
N ILE C 127 -26.48 9.88 -29.81
CA ILE C 127 -25.97 9.96 -28.45
C ILE C 127 -26.04 8.56 -27.82
N PRO C 128 -24.88 7.92 -27.64
CA PRO C 128 -24.88 6.55 -27.11
C PRO C 128 -25.63 6.44 -25.80
N TYR C 129 -26.42 5.38 -25.66
CA TYR C 129 -27.19 5.12 -24.45
C TYR C 129 -26.33 5.12 -23.18
N ASN C 130 -25.18 4.46 -23.24
CA ASN C 130 -24.32 4.35 -22.07
C ASN C 130 -23.85 5.71 -21.59
N ILE C 131 -23.60 6.60 -22.54
CA ILE C 131 -23.17 7.96 -22.23
C ILE C 131 -24.32 8.74 -21.61
N PHE C 132 -25.51 8.59 -22.18
CA PHE C 132 -26.66 9.30 -21.62
C PHE C 132 -26.93 8.86 -20.20
N LEU C 133 -26.90 7.55 -19.96
CA LEU C 133 -27.22 7.02 -18.64
C LEU C 133 -26.13 7.25 -17.61
N ASN C 134 -24.88 7.33 -18.06
CA ASN C 134 -23.76 7.40 -17.13
C ASN C 134 -23.06 8.75 -17.04
N ALA C 135 -23.37 9.66 -17.95
CA ALA C 135 -22.72 10.98 -17.96
C ALA C 135 -23.71 12.13 -18.02
N ILE C 136 -24.90 11.88 -18.54
CA ILE C 136 -25.88 12.95 -18.75
C ILE C 136 -27.03 12.92 -17.75
N TYR C 137 -27.72 11.79 -17.67
CA TYR C 137 -28.88 11.65 -16.78
C TYR C 137 -28.52 10.81 -15.58
N ILE C 138 -28.41 11.45 -14.41
CA ILE C 138 -28.03 10.75 -13.20
C ILE C 138 -29.29 10.48 -12.39
N ARG C 139 -29.78 9.25 -12.45
CA ARG C 139 -31.05 8.90 -11.83
C ARG C 139 -30.99 9.00 -10.31
N GLN C 140 -32.15 9.16 -9.68
CA GLN C 140 -32.21 9.24 -8.23
C GLN C 140 -31.51 8.04 -7.64
N GLY C 141 -30.63 8.29 -6.67
CA GLY C 141 -29.92 7.21 -6.01
C GLY C 141 -28.66 6.76 -6.74
N GLN C 142 -28.36 7.35 -7.89
CA GLN C 142 -27.20 6.92 -8.69
C GLN C 142 -26.01 7.88 -8.63
N ILE C 143 -26.05 8.87 -7.75
CA ILE C 143 -24.96 9.85 -7.72
C ILE C 143 -23.59 9.20 -7.50
N ASP C 144 -23.53 8.25 -6.59
CA ASP C 144 -22.25 7.64 -6.22
C ASP C 144 -21.96 6.35 -6.96
N ALA C 145 -22.80 6.00 -7.93
CA ALA C 145 -22.64 4.76 -8.68
C ALA C 145 -21.27 4.70 -9.32
N ILE C 146 -20.83 5.83 -9.85
CA ILE C 146 -19.55 5.93 -10.55
C ILE C 146 -18.36 5.83 -9.60
N LEU C 147 -18.62 5.86 -8.30
CA LEU C 147 -17.59 5.61 -7.30
C LEU C 147 -17.50 4.14 -6.89
N GLU C 148 -18.61 3.42 -7.04
CA GLU C 148 -18.73 2.08 -6.51
C GLU C 148 -17.99 1.04 -7.36
N SER C 149 -18.27 1.04 -8.67
CA SER C 149 -17.67 0.05 -9.56
C SER C 149 -16.63 0.67 -10.48
N ASP C 150 -15.38 0.23 -10.33
CA ASP C 150 -14.30 0.69 -11.19
C ASP C 150 -14.60 0.28 -12.64
N GLU C 151 -15.45 -0.72 -12.81
CA GLU C 151 -15.76 -1.22 -14.14
C GLU C 151 -16.68 -0.26 -14.89
N ALA C 152 -17.75 0.18 -14.23
CA ALA C 152 -18.69 1.10 -14.85
C ALA C 152 -17.98 2.43 -15.12
N ARG C 153 -17.09 2.80 -14.21
CA ARG C 153 -16.35 4.06 -14.30
C ARG C 153 -15.36 4.03 -15.45
N GLU C 154 -14.58 2.97 -15.53
CA GLU C 154 -13.59 2.83 -16.60
C GLU C 154 -14.28 2.88 -17.95
N LYS C 155 -15.40 2.18 -18.08
CA LYS C 155 -16.13 2.15 -19.34
C LYS C 155 -16.70 3.50 -19.77
N VAL C 156 -17.33 4.22 -18.84
CA VAL C 156 -17.92 5.51 -19.21
C VAL C 156 -16.82 6.52 -19.52
N VAL C 157 -15.75 6.48 -18.75
CA VAL C 157 -14.63 7.38 -19.00
C VAL C 157 -14.05 7.11 -20.39
N ARG C 158 -13.89 5.82 -20.72
CA ARG C 158 -13.38 5.43 -22.02
C ARG C 158 -14.29 5.95 -23.12
N GLU C 159 -15.59 5.71 -22.97
CA GLU C 159 -16.57 6.12 -23.98
C GLU C 159 -16.65 7.64 -24.09
N VAL C 160 -16.49 8.31 -22.95
CA VAL C 160 -16.51 9.76 -22.90
C VAL C 160 -15.34 10.37 -23.65
N LEU C 161 -14.14 9.84 -23.41
CA LEU C 161 -12.94 10.36 -24.07
C LEU C 161 -12.90 9.93 -25.53
N ASN C 162 -13.66 8.89 -25.87
CA ASN C 162 -13.74 8.40 -27.24
C ASN C 162 -14.59 9.28 -28.15
N LEU C 163 -15.16 10.33 -27.59
CA LEU C 163 -15.97 11.25 -28.39
C LEU C 163 -15.06 12.20 -29.16
N ASP C 164 -13.87 12.44 -28.62
CA ASP C 164 -12.87 13.26 -29.31
C ASP C 164 -12.84 12.89 -30.79
N LYS C 165 -13.02 13.89 -31.65
CA LYS C 165 -13.22 13.69 -33.08
C LYS C 165 -12.00 13.12 -33.82
N PHE C 166 -10.96 12.76 -33.08
CA PHE C 166 -9.74 12.25 -33.71
C PHE C 166 -9.48 10.79 -33.37
N GLU C 167 -10.39 10.19 -32.61
CA GLU C 167 -10.26 8.81 -32.16
C GLU C 167 -10.16 7.79 -33.29
N THR C 168 -11.11 7.86 -34.23
CA THR C 168 -11.17 6.87 -35.30
C THR C 168 -9.93 6.88 -36.19
N ALA C 169 -9.32 8.05 -36.35
CA ALA C 169 -8.11 8.18 -37.14
C ALA C 169 -6.92 7.49 -36.47
N TYR C 170 -6.82 7.63 -35.16
CA TYR C 170 -5.76 6.96 -34.40
C TYR C 170 -5.73 5.47 -34.66
N LYS C 171 -6.87 4.82 -34.40
CA LYS C 171 -7.01 3.38 -34.56
C LYS C 171 -6.63 2.93 -35.97
N LYS C 172 -7.15 3.64 -36.97
CA LYS C 172 -6.88 3.33 -38.37
C LYS C 172 -5.38 3.37 -38.67
N LEU C 173 -4.72 4.43 -38.24
CA LEU C 173 -3.29 4.62 -38.51
C LEU C 173 -2.41 3.59 -37.80
N SER C 174 -2.88 3.07 -36.68
CA SER C 174 -2.10 2.08 -35.94
C SER C 174 -2.25 0.70 -36.55
N GLU C 175 -2.93 0.64 -37.69
CA GLU C 175 -3.29 -0.64 -38.30
C GLU C 175 -2.63 -0.85 -39.66
N LEU C 176 -1.59 -0.06 -39.97
CA LEU C 176 -0.93 -0.16 -41.27
C LEU C 176 0.25 -1.11 -41.30
N LYS C 177 0.40 -1.82 -42.41
CA LYS C 177 1.42 -2.86 -42.55
C LYS C 177 2.71 -2.31 -43.15
N GLY C 178 3.62 -3.21 -43.49
CA GLY C 178 4.87 -2.83 -44.12
C GLY C 178 6.08 -3.02 -43.23
N GLY C 179 5.91 -2.71 -41.95
CA GLY C 179 6.99 -2.84 -40.99
C GLY C 179 8.18 -1.96 -41.32
N SER C 180 8.00 -1.04 -42.25
CA SER C 180 9.06 -0.11 -42.64
C SER C 180 9.36 0.85 -41.49
N GLY C 181 10.55 1.44 -41.51
CA GLY C 181 10.98 2.36 -40.48
C GLY C 181 10.00 3.51 -40.29
N GLY C 182 9.50 4.03 -41.41
CA GLY C 182 8.56 5.14 -41.38
C GLY C 182 7.23 4.79 -40.74
N THR C 183 6.72 3.60 -41.05
CA THR C 183 5.46 3.13 -40.47
C THR C 183 5.59 2.96 -38.96
N GLU C 184 6.67 2.32 -38.52
CA GLU C 184 6.92 2.12 -37.10
C GLU C 184 6.95 3.45 -36.35
N GLU C 185 7.67 4.43 -36.89
CA GLU C 185 7.79 5.72 -36.24
C GLU C 185 6.45 6.43 -36.17
N LEU C 186 5.69 6.35 -37.26
CA LEU C 186 4.37 6.98 -37.29
C LEU C 186 3.40 6.30 -36.33
N ILE C 187 3.40 4.96 -36.32
CA ILE C 187 2.55 4.23 -35.39
C ILE C 187 2.87 4.59 -33.94
N GLU C 188 4.16 4.61 -33.62
CA GLU C 188 4.63 4.95 -32.27
C GLU C 188 4.21 6.36 -31.88
N LYS C 189 4.39 7.30 -32.81
CA LYS C 189 4.05 8.69 -32.57
C LYS C 189 2.54 8.89 -32.33
N VAL C 190 1.72 8.22 -33.14
CA VAL C 190 0.27 8.30 -32.94
C VAL C 190 -0.14 7.73 -31.58
N LYS C 191 0.43 6.58 -31.24
CA LYS C 191 0.13 5.93 -29.97
C LYS C 191 0.48 6.82 -28.78
N LYS C 192 1.69 7.39 -28.81
CA LYS C 192 2.12 8.29 -27.75
C LYS C 192 1.21 9.50 -27.64
N TYR C 193 0.86 10.07 -28.78
CA TYR C 193 -0.01 11.25 -28.81
C TYR C 193 -1.38 10.95 -28.22
N LYS C 194 -2.01 9.87 -28.69
CA LYS C 194 -3.30 9.44 -28.18
C LYS C 194 -3.25 9.23 -26.67
N ALA C 195 -2.18 8.59 -26.18
CA ALA C 195 -2.03 8.33 -24.75
C ALA C 195 -1.91 9.62 -23.96
N LEU C 196 -1.14 10.58 -24.47
CA LEU C 196 -1.00 11.87 -23.81
C LEU C 196 -2.32 12.63 -23.78
N ALA C 197 -3.09 12.52 -24.86
CA ALA C 197 -4.37 13.21 -24.95
C ALA C 197 -5.32 12.71 -23.87
N ARG C 198 -5.34 11.39 -23.67
CA ARG C 198 -6.21 10.79 -22.68
C ARG C 198 -5.74 11.11 -21.26
N GLU C 199 -4.42 11.13 -21.06
CA GLU C 199 -3.86 11.52 -19.77
C GLU C 199 -4.28 12.96 -19.44
N ALA C 200 -4.18 13.83 -20.44
CA ALA C 200 -4.57 15.22 -20.24
C ALA C 200 -6.06 15.35 -19.91
N ALA C 201 -6.90 14.56 -20.57
CA ALA C 201 -8.33 14.58 -20.32
C ALA C 201 -8.68 14.16 -18.90
N LEU C 202 -8.06 13.08 -18.42
CA LEU C 202 -8.29 12.63 -17.05
C LEU C 202 -7.74 13.63 -16.04
N SER C 203 -6.62 14.25 -16.37
CA SER C 203 -6.05 15.27 -15.51
C SER C 203 -7.02 16.43 -15.34
N LYS C 204 -7.63 16.85 -16.44
CA LYS C 204 -8.62 17.93 -16.42
C LYS C 204 -9.83 17.57 -15.58
N ILE C 205 -10.34 16.35 -15.74
CA ILE C 205 -11.44 15.85 -14.93
C ILE C 205 -11.08 15.86 -13.44
N GLY C 206 -9.88 15.40 -13.11
CA GLY C 206 -9.42 15.40 -11.73
C GLY C 206 -9.24 16.81 -11.20
N GLU C 207 -8.81 17.72 -12.05
CA GLU C 207 -8.61 19.10 -11.64
C GLU C 207 -9.92 19.74 -11.24
N LEU C 208 -10.95 19.56 -12.08
CA LEU C 208 -12.28 20.07 -11.79
C LEU C 208 -12.89 19.40 -10.58
N ALA C 209 -12.78 18.08 -10.53
CA ALA C 209 -13.31 17.34 -9.39
C ALA C 209 -12.62 17.79 -8.10
N SER C 210 -11.31 18.01 -8.18
CA SER C 210 -10.55 18.46 -7.03
C SER C 210 -11.04 19.81 -6.51
N GLU C 211 -11.22 20.75 -7.43
CA GLU C 211 -11.68 22.08 -7.07
C GLU C 211 -13.05 22.05 -6.39
N ILE C 212 -13.97 21.29 -6.98
CA ILE C 212 -15.34 21.20 -6.46
C ILE C 212 -15.40 20.48 -5.13
N PHE C 213 -14.70 19.35 -5.02
CA PHE C 213 -14.70 18.57 -3.79
C PHE C 213 -14.02 19.34 -2.66
N ALA C 214 -12.94 20.06 -2.96
CA ALA C 214 -12.30 20.90 -1.95
C ALA C 214 -13.25 22.00 -1.46
N GLU C 215 -14.03 22.57 -2.37
CA GLU C 215 -15.03 23.57 -1.99
C GLU C 215 -16.07 22.96 -1.07
N PHE C 216 -16.65 21.85 -1.49
CA PHE C 216 -17.64 21.10 -0.73
C PHE C 216 -17.18 20.79 0.70
N THR C 217 -15.91 20.40 0.84
CA THR C 217 -15.41 19.91 2.11
C THR C 217 -14.52 20.92 2.83
N GLU C 218 -14.54 22.17 2.35
CA GLU C 218 -13.75 23.24 2.96
C GLU C 218 -12.28 22.86 3.07
N GLY C 219 -11.76 22.19 2.05
CA GLY C 219 -10.35 21.85 2.00
C GLY C 219 -9.95 20.62 2.79
N LYS C 220 -10.93 19.93 3.37
CA LYS C 220 -10.63 18.73 4.17
C LYS C 220 -9.95 17.69 3.29
N TYR C 221 -10.47 17.54 2.06
CA TYR C 221 -9.81 16.75 1.05
C TYR C 221 -9.26 17.70 -0.02
N SER C 222 -7.96 17.68 -0.23
CA SER C 222 -7.32 18.71 -1.05
C SER C 222 -7.31 18.36 -2.53
N GLU C 223 -7.44 17.08 -2.85
CA GLU C 223 -7.38 16.67 -4.25
C GLU C 223 -8.21 15.41 -4.46
N VAL C 224 -8.77 15.30 -5.65
CA VAL C 224 -9.36 14.06 -6.11
C VAL C 224 -8.46 13.56 -7.23
N VAL C 225 -7.93 12.35 -7.05
CA VAL C 225 -6.99 11.77 -8.00
C VAL C 225 -7.69 10.81 -8.96
N VAL C 226 -7.60 11.09 -10.24
CA VAL C 226 -8.17 10.24 -11.27
C VAL C 226 -7.06 9.73 -12.17
N ARG C 227 -6.65 8.47 -11.98
CA ARG C 227 -5.47 7.96 -12.67
C ARG C 227 -5.76 6.69 -13.45
N ALA C 228 -5.49 6.73 -14.75
CA ALA C 228 -5.65 5.57 -15.60
C ALA C 228 -4.52 4.57 -15.38
N GLU C 229 -4.87 3.31 -15.18
CA GLU C 229 -3.88 2.25 -15.03
C GLU C 229 -4.24 1.06 -15.91
N GLU C 230 -3.83 1.14 -17.17
CA GLU C 230 -4.14 0.10 -18.16
C GLU C 230 -5.64 0.05 -18.46
N ASN C 231 -6.32 -0.96 -17.91
CA ASN C 231 -7.76 -1.09 -18.13
C ASN C 231 -8.60 -0.64 -16.93
N LYS C 232 -8.06 0.27 -16.14
CA LYS C 232 -8.75 0.76 -14.95
C LYS C 232 -8.61 2.27 -14.80
N VAL C 233 -9.64 2.89 -14.22
CA VAL C 233 -9.56 4.30 -13.86
C VAL C 233 -9.67 4.42 -12.35
N ARG C 234 -8.51 4.56 -11.71
CA ARG C 234 -8.44 4.62 -10.26
C ARG C 234 -8.92 5.96 -9.75
N LEU C 235 -9.45 5.96 -8.54
CA LEU C 235 -10.01 7.16 -7.94
C LEU C 235 -9.59 7.20 -6.48
N PHE C 236 -8.83 8.22 -6.11
CA PHE C 236 -8.43 8.39 -4.71
C PHE C 236 -8.78 9.80 -4.23
N VAL C 237 -8.84 9.97 -2.92
CA VAL C 237 -8.92 11.32 -2.35
C VAL C 237 -7.66 11.58 -1.53
N VAL C 238 -7.22 12.83 -1.52
CA VAL C 238 -6.02 13.19 -0.77
C VAL C 238 -6.41 13.83 0.55
N TRP C 239 -6.03 13.18 1.64
CA TRP C 239 -6.30 13.66 2.98
C TRP C 239 -4.98 13.74 3.74
N GLU C 240 -4.71 14.91 4.32
CA GLU C 240 -3.43 15.16 4.98
C GLU C 240 -2.26 14.67 4.13
N GLY C 241 -2.29 15.05 2.85
CA GLY C 241 -1.15 14.93 1.97
C GLY C 241 -0.94 13.60 1.27
N LYS C 242 -1.77 12.60 1.59
CA LYS C 242 -1.60 11.29 0.99
C LYS C 242 -2.88 10.77 0.37
N GLU C 243 -2.75 9.99 -0.70
CA GLU C 243 -3.91 9.35 -1.31
C GLU C 243 -4.54 8.36 -0.33
N ARG C 244 -5.87 8.39 -0.24
CA ARG C 244 -6.62 7.44 0.58
C ARG C 244 -7.67 6.78 -0.30
N PRO C 245 -8.03 5.54 0.04
CA PRO C 245 -9.08 4.82 -0.69
C PRO C 245 -10.43 5.52 -0.47
N LEU C 246 -11.41 5.25 -1.33
CA LEU C 246 -12.72 5.89 -1.19
C LEU C 246 -13.47 5.46 0.08
N THR C 247 -13.12 4.31 0.63
CA THR C 247 -13.68 3.86 1.91
C THR C 247 -13.36 4.83 3.06
N PHE C 248 -12.37 5.70 2.84
CA PHE C 248 -11.98 6.68 3.85
C PHE C 248 -13.15 7.65 4.11
N LEU C 249 -13.91 7.96 3.06
CA LEU C 249 -14.95 8.98 3.17
C LEU C 249 -16.13 8.54 4.04
N SER C 250 -16.81 9.51 4.62
CA SER C 250 -18.10 9.27 5.28
C SER C 250 -19.19 9.17 4.20
N GLY C 251 -20.39 8.82 4.64
CA GLY C 251 -21.51 8.66 3.72
C GLY C 251 -21.84 9.94 2.98
N GLY C 252 -21.94 11.04 3.73
CA GLY C 252 -22.22 12.33 3.12
C GLY C 252 -21.08 12.83 2.25
N GLU C 253 -19.86 12.51 2.63
CA GLU C 253 -18.70 12.87 1.82
C GLU C 253 -18.68 12.11 0.48
N ARG C 254 -19.15 10.87 0.48
CA ARG C 254 -19.25 10.10 -0.75
C ARG C 254 -20.22 10.76 -1.73
N ILE C 255 -21.34 11.26 -1.19
CA ILE C 255 -22.28 11.97 -2.03
C ILE C 255 -21.63 13.20 -2.63
N ALA C 256 -20.93 13.96 -1.77
CA ALA C 256 -20.25 15.16 -2.22
C ALA C 256 -19.24 14.84 -3.33
N LEU C 257 -18.52 13.74 -3.18
CA LEU C 257 -17.53 13.34 -4.17
C LEU C 257 -18.19 12.93 -5.48
N GLY C 258 -19.27 12.15 -5.37
CA GLY C 258 -20.07 11.76 -6.51
C GLY C 258 -20.52 12.98 -7.29
N LEU C 259 -21.06 13.97 -6.59
CA LEU C 259 -21.46 15.22 -7.24
C LEU C 259 -20.30 15.92 -7.92
N ALA C 260 -19.14 15.98 -7.24
CA ALA C 260 -17.96 16.66 -7.78
C ALA C 260 -17.51 16.00 -9.05
N PHE C 261 -17.47 14.67 -9.03
CA PHE C 261 -17.04 13.91 -10.19
C PHE C 261 -18.05 14.03 -11.36
N ARG C 262 -19.36 13.91 -11.05
CA ARG C 262 -20.39 14.11 -12.08
C ARG C 262 -20.26 15.49 -12.74
N LEU C 263 -20.14 16.53 -11.91
CA LEU C 263 -20.00 17.89 -12.42
C LEU C 263 -18.71 18.04 -13.22
N ALA C 264 -17.62 17.46 -12.71
CA ALA C 264 -16.34 17.53 -13.39
C ALA C 264 -16.43 16.93 -14.80
N MET C 265 -17.06 15.77 -14.91
CA MET C 265 -17.21 15.12 -16.18
C MET C 265 -18.09 15.95 -17.12
N SER C 266 -19.18 16.49 -16.59
CA SER C 266 -20.07 17.32 -17.39
C SER C 266 -19.39 18.62 -17.85
N LEU C 267 -18.57 19.20 -16.98
CA LEU C 267 -17.87 20.43 -17.34
C LEU C 267 -16.85 20.12 -18.43
N TYR C 268 -16.21 18.96 -18.33
CA TYR C 268 -15.25 18.56 -19.34
C TYR C 268 -15.93 18.43 -20.70
N LEU C 269 -17.21 18.04 -20.66
CA LEU C 269 -17.97 17.79 -21.87
C LEU C 269 -18.94 18.93 -22.19
N ALA C 270 -18.78 20.06 -21.50
CA ALA C 270 -19.74 21.17 -21.63
C ALA C 270 -19.86 21.64 -23.07
N GLY C 271 -18.85 21.35 -23.89
CA GLY C 271 -18.86 21.71 -25.29
C GLY C 271 -19.47 20.66 -26.19
N GLU C 272 -19.21 19.39 -25.88
CA GLU C 272 -19.66 18.29 -26.71
C GLU C 272 -21.09 17.81 -26.39
N ILE C 273 -21.47 17.90 -25.11
CA ILE C 273 -22.78 17.42 -24.67
C ILE C 273 -23.62 18.55 -24.07
N SER C 274 -23.04 19.30 -23.14
CA SER C 274 -23.64 20.56 -22.69
C SER C 274 -24.93 20.37 -21.88
N LEU C 275 -25.15 19.15 -21.38
CA LEU C 275 -26.37 18.88 -20.63
C LEU C 275 -26.13 17.93 -19.47
N LEU C 276 -26.67 18.30 -18.32
CA LEU C 276 -26.61 17.42 -17.16
C LEU C 276 -28.00 17.41 -16.54
N ILE C 277 -28.48 16.21 -16.24
CA ILE C 277 -29.77 16.04 -15.60
C ILE C 277 -29.52 15.32 -14.29
N LEU C 278 -29.84 15.97 -13.17
CA LEU C 278 -29.51 15.45 -11.85
C LEU C 278 -30.73 15.32 -10.97
N ASP C 279 -31.05 14.09 -10.55
CA ASP C 279 -32.24 13.85 -9.71
C ASP C 279 -31.92 13.70 -8.21
N GLU C 280 -32.31 14.70 -7.41
CA GLU C 280 -32.12 14.75 -5.95
C GLU C 280 -30.65 14.70 -5.55
N PRO C 281 -29.98 15.86 -5.56
CA PRO C 281 -28.57 15.98 -5.19
C PRO C 281 -28.29 16.01 -3.68
N THR C 282 -29.32 16.11 -2.83
CA THR C 282 -29.08 16.37 -1.40
C THR C 282 -29.08 15.19 -0.41
N PRO C 283 -29.25 13.93 -0.88
CA PRO C 283 -29.38 12.91 0.17
C PRO C 283 -28.10 12.78 0.99
N TYR C 284 -28.22 12.59 2.30
CA TYR C 284 -27.07 12.42 3.19
C TYR C 284 -26.26 13.69 3.50
N LEU C 285 -26.49 14.76 2.75
CA LEU C 285 -25.78 16.01 3.00
C LEU C 285 -26.31 16.74 4.24
N ASP C 286 -25.41 17.18 5.11
CA ASP C 286 -25.82 17.95 6.29
C ASP C 286 -26.14 19.40 5.92
N GLU C 287 -26.51 20.21 6.89
CA GLU C 287 -26.95 21.58 6.62
C GLU C 287 -25.86 22.41 5.96
N GLU C 288 -24.64 22.31 6.48
CA GLU C 288 -23.50 23.03 5.91
C GLU C 288 -23.26 22.62 4.45
N ARG C 289 -23.34 21.33 4.16
CA ARG C 289 -23.11 20.84 2.81
C ARG C 289 -24.23 21.27 1.85
N ARG C 290 -25.46 21.30 2.34
CA ARG C 290 -26.57 21.74 1.49
C ARG C 290 -26.41 23.21 1.14
N ARG C 291 -25.92 24.01 2.10
CA ARG C 291 -25.65 25.42 1.82
C ARG C 291 -24.52 25.54 0.80
N LYS C 292 -23.51 24.70 0.94
CA LYS C 292 -22.38 24.70 0.03
C LYS C 292 -22.83 24.32 -1.37
N LEU C 293 -23.88 23.52 -1.44
CA LEU C 293 -24.41 23.10 -2.73
C LEU C 293 -24.86 24.31 -3.53
N ILE C 294 -25.47 25.28 -2.86
CA ILE C 294 -25.90 26.50 -3.52
C ILE C 294 -24.73 27.26 -4.14
N THR C 295 -23.61 27.35 -3.42
CA THR C 295 -22.40 27.98 -3.94
C THR C 295 -21.88 27.22 -5.15
N ILE C 296 -21.91 25.89 -5.07
CA ILE C 296 -21.48 25.06 -6.17
C ILE C 296 -22.41 25.21 -7.38
N MET C 297 -23.68 25.45 -7.12
CA MET C 297 -24.63 25.71 -8.21
C MET C 297 -24.24 27.00 -8.94
N GLU C 298 -23.97 28.05 -8.18
CA GLU C 298 -23.66 29.34 -8.77
C GLU C 298 -22.31 29.31 -9.51
N ARG C 299 -21.35 28.60 -8.93
CA ARG C 299 -19.98 28.64 -9.42
C ARG C 299 -19.66 27.61 -10.50
N TYR C 300 -20.29 26.45 -10.46
CA TYR C 300 -19.96 25.37 -11.40
C TYR C 300 -21.11 24.96 -12.30
N LEU C 301 -22.27 24.70 -11.71
CA LEU C 301 -23.43 24.26 -12.48
C LEU C 301 -23.79 25.26 -13.58
N LYS C 302 -23.58 26.55 -13.31
CA LYS C 302 -23.90 27.58 -14.28
C LYS C 302 -22.96 27.61 -15.49
N LYS C 303 -21.89 26.84 -15.44
CA LYS C 303 -20.95 26.78 -16.57
C LYS C 303 -21.32 25.67 -17.56
N ILE C 304 -22.27 24.83 -17.18
CA ILE C 304 -22.84 23.83 -18.11
C ILE C 304 -24.05 24.46 -18.81
N PRO C 305 -24.05 24.46 -20.15
CA PRO C 305 -25.07 25.20 -20.91
C PRO C 305 -26.51 24.91 -20.51
N GLN C 306 -26.87 23.65 -20.33
CA GLN C 306 -28.19 23.32 -19.80
C GLN C 306 -28.12 22.30 -18.67
N VAL C 307 -28.76 22.63 -17.56
CA VAL C 307 -28.86 21.70 -16.43
C VAL C 307 -30.31 21.56 -16.02
N ILE C 308 -30.73 20.32 -15.82
CA ILE C 308 -32.05 20.03 -15.28
C ILE C 308 -31.84 19.38 -13.93
N LEU C 309 -32.29 20.06 -12.89
CA LEU C 309 -32.04 19.63 -11.52
C LEU C 309 -33.39 19.42 -10.86
N VAL C 310 -33.55 18.29 -10.19
CA VAL C 310 -34.80 17.98 -9.51
C VAL C 310 -34.53 17.80 -8.04
N SER C 311 -35.39 18.37 -7.20
CA SER C 311 -35.17 18.30 -5.75
C SER C 311 -36.41 18.69 -4.96
N HIS C 312 -36.45 18.26 -3.71
CA HIS C 312 -37.47 18.71 -2.78
C HIS C 312 -36.93 19.86 -1.94
N ASP C 313 -35.67 20.21 -2.14
CA ASP C 313 -35.00 21.25 -1.32
C ASP C 313 -35.27 22.68 -1.80
N GLU C 314 -36.16 23.38 -1.10
CA GLU C 314 -36.60 24.72 -1.47
C GLU C 314 -35.50 25.79 -1.48
N GLU C 315 -34.44 25.58 -0.68
CA GLU C 315 -33.36 26.58 -0.63
C GLU C 315 -32.62 26.68 -1.96
N LEU C 316 -32.84 25.71 -2.84
CA LEU C 316 -32.15 25.70 -4.13
C LEU C 316 -32.78 26.62 -5.17
N LYS C 317 -33.98 27.14 -4.87
CA LYS C 317 -34.72 27.91 -5.86
C LYS C 317 -33.96 29.16 -6.34
N ASP C 318 -33.43 29.93 -5.41
CA ASP C 318 -32.76 31.19 -5.75
C ASP C 318 -31.50 30.98 -6.59
N ALA C 319 -30.92 29.79 -6.52
CA ALA C 319 -29.70 29.51 -7.26
C ALA C 319 -29.99 29.15 -8.72
N ALA C 320 -31.26 28.90 -9.03
CA ALA C 320 -31.63 28.45 -10.38
C ALA C 320 -32.02 29.60 -11.31
N ASP C 321 -31.89 29.36 -12.61
CA ASP C 321 -32.26 30.34 -13.63
C ASP C 321 -33.75 30.24 -13.95
N HIS C 322 -34.31 29.04 -13.81
CA HIS C 322 -35.72 28.80 -14.08
C HIS C 322 -36.24 27.78 -13.08
N VAL C 323 -37.42 28.05 -12.54
CA VAL C 323 -38.00 27.19 -11.52
C VAL C 323 -39.39 26.71 -11.94
N ILE C 324 -39.54 25.40 -12.00
CA ILE C 324 -40.84 24.81 -12.25
C ILE C 324 -41.23 24.05 -10.99
N ARG C 325 -42.42 24.32 -10.47
CA ARG C 325 -42.90 23.59 -9.32
C ARG C 325 -43.93 22.53 -9.72
N ILE C 326 -43.75 21.34 -9.16
CA ILE C 326 -44.66 20.24 -9.42
C ILE C 326 -45.31 19.81 -8.11
N SER C 327 -46.62 19.64 -8.13
CA SER C 327 -47.33 19.16 -6.96
C SER C 327 -48.37 18.12 -7.33
N LEU C 328 -48.79 17.33 -6.35
CA LEU C 328 -49.78 16.29 -6.58
C LEU C 328 -51.15 16.76 -6.12
N GLU C 329 -52.10 16.89 -7.05
CA GLU C 329 -53.47 17.28 -6.71
C GLU C 329 -54.47 16.24 -7.20
N ASN C 330 -55.29 15.70 -6.29
CA ASN C 330 -56.26 14.70 -6.66
C ASN C 330 -55.66 13.57 -7.52
N GLY C 331 -54.47 13.11 -7.14
CA GLY C 331 -53.86 11.95 -7.77
C GLY C 331 -53.16 12.18 -9.10
N SER C 332 -52.98 13.44 -9.46
CA SER C 332 -52.27 13.79 -10.70
C SER C 332 -51.33 14.97 -10.51
N SER C 333 -50.21 14.92 -11.22
CA SER C 333 -49.19 15.96 -11.11
C SER C 333 -49.61 17.26 -11.78
N LYS C 334 -49.33 18.36 -11.12
CA LYS C 334 -49.62 19.68 -11.68
C LYS C 334 -48.30 20.43 -11.77
N VAL C 335 -48.01 20.97 -12.95
CA VAL C 335 -46.78 21.72 -13.17
C VAL C 335 -47.04 23.22 -13.26
N GLU C 336 -46.31 24.00 -12.47
CA GLU C 336 -46.47 25.45 -12.45
C GLU C 336 -45.14 26.11 -12.76
N VAL C 337 -45.13 26.96 -13.79
CA VAL C 337 -43.91 27.69 -14.12
C VAL C 337 -43.73 28.88 -13.18
N VAL C 338 -42.76 28.78 -12.29
CA VAL C 338 -42.46 29.87 -11.38
C VAL C 338 -41.58 30.90 -12.06
N SER C 339 -40.52 30.41 -12.69
CA SER C 339 -39.51 31.26 -13.30
C SER C 339 -39.09 30.69 -14.65
N MET D 1 -31.17 -7.78 23.77
CA MET D 1 -29.88 -7.23 24.15
C MET D 1 -29.94 -5.73 24.42
N LYS D 2 -29.00 -5.25 25.21
CA LYS D 2 -28.90 -3.82 25.51
C LYS D 2 -27.43 -3.44 25.56
N LEU D 3 -27.05 -2.39 24.84
CA LEU D 3 -25.67 -1.90 24.87
C LEU D 3 -25.50 -0.95 26.04
N GLU D 4 -24.37 -1.03 26.73
CA GLU D 4 -24.15 -0.17 27.90
C GLU D 4 -23.03 0.83 27.70
N ARG D 5 -21.88 0.33 27.28
CA ARG D 5 -20.71 1.17 27.15
C ARG D 5 -19.88 0.72 25.97
N VAL D 6 -19.42 1.71 25.20
CA VAL D 6 -18.55 1.45 24.07
C VAL D 6 -17.32 2.30 24.25
N THR D 7 -16.15 1.66 24.25
CA THR D 7 -14.88 2.38 24.35
C THR D 7 -14.07 2.09 23.08
N VAL D 8 -13.64 3.15 22.41
CA VAL D 8 -12.96 3.03 21.12
C VAL D 8 -11.68 3.88 21.05
N LYS D 9 -10.57 3.25 20.67
CA LYS D 9 -9.32 3.99 20.50
C LYS D 9 -8.73 3.70 19.14
N ASN D 10 -8.38 4.76 18.42
CA ASN D 10 -7.77 4.65 17.09
C ASN D 10 -8.56 3.88 16.05
N PHE D 11 -9.86 4.16 15.96
CA PHE D 11 -10.69 3.57 14.92
C PHE D 11 -11.25 4.69 14.06
N ARG D 12 -10.82 4.73 12.79
CA ARG D 12 -11.19 5.82 11.90
C ARG D 12 -10.93 7.17 12.58
N SER D 13 -11.94 8.02 12.71
CA SER D 13 -11.75 9.35 13.28
C SER D 13 -11.67 9.34 14.80
N HIS D 14 -11.96 8.20 15.42
CA HIS D 14 -11.93 8.14 16.89
C HIS D 14 -10.54 7.85 17.44
N SER D 15 -9.97 8.82 18.14
CA SER D 15 -8.68 8.59 18.79
C SER D 15 -8.91 8.00 20.18
N ASP D 16 -9.85 8.58 20.92
CA ASP D 16 -10.15 8.11 22.28
C ASP D 16 -11.57 8.51 22.66
N THR D 17 -12.50 7.57 22.54
CA THR D 17 -13.92 7.87 22.72
C THR D 17 -14.55 6.87 23.68
N VAL D 18 -15.41 7.37 24.57
CA VAL D 18 -16.24 6.52 25.41
C VAL D 18 -17.68 7.01 25.33
N VAL D 19 -18.61 6.11 25.05
CA VAL D 19 -20.01 6.48 25.04
C VAL D 19 -20.83 5.54 25.92
N GLU D 20 -21.70 6.13 26.73
CA GLU D 20 -22.56 5.40 27.65
C GLU D 20 -23.97 5.40 27.09
N PHE D 21 -24.46 4.22 26.69
CA PHE D 21 -25.81 4.11 26.17
C PHE D 21 -26.80 3.77 27.26
N LYS D 22 -28.03 4.23 27.10
CA LYS D 22 -29.03 4.06 28.15
C LYS D 22 -30.34 3.57 27.55
N GLU D 23 -31.35 3.43 28.40
CA GLU D 23 -32.67 2.99 27.94
C GLU D 23 -33.32 4.05 27.04
N GLY D 24 -34.19 3.61 26.14
CA GLY D 24 -34.95 4.50 25.31
C GLY D 24 -34.19 4.95 24.08
N ILE D 25 -34.53 6.13 23.57
CA ILE D 25 -33.92 6.63 22.34
C ILE D 25 -32.65 7.42 22.63
N ASN D 26 -31.52 6.83 22.25
CA ASN D 26 -30.23 7.52 22.30
C ASN D 26 -29.93 8.13 20.93
N LEU D 27 -29.92 9.46 20.86
CA LEU D 27 -29.62 10.14 19.61
C LEU D 27 -28.19 10.66 19.58
N ILE D 28 -27.43 10.27 18.56
CA ILE D 28 -26.14 10.89 18.33
C ILE D 28 -26.24 11.84 17.13
N ILE D 29 -26.04 13.12 17.38
CA ILE D 29 -26.14 14.13 16.34
C ILE D 29 -24.75 14.60 15.95
N GLY D 30 -24.47 14.61 14.65
CA GLY D 30 -23.22 15.14 14.14
C GLY D 30 -23.26 15.42 12.65
N GLN D 31 -22.37 16.28 12.18
CA GLN D 31 -22.29 16.62 10.77
C GLN D 31 -21.64 15.53 9.92
N ASN D 32 -21.66 15.73 8.61
CA ASN D 32 -20.91 14.86 7.71
C ASN D 32 -19.45 14.82 8.18
N GLY D 33 -18.89 13.61 8.23
CA GLY D 33 -17.48 13.43 8.55
C GLY D 33 -17.09 13.55 10.02
N SER D 34 -18.05 13.45 10.92
CA SER D 34 -17.79 13.70 12.34
C SER D 34 -17.46 12.46 13.19
N GLY D 35 -17.89 11.28 12.75
CA GLY D 35 -17.55 10.05 13.47
C GLY D 35 -18.72 9.16 13.91
N LYS D 36 -19.92 9.47 13.43
CA LYS D 36 -21.11 8.71 13.82
C LYS D 36 -21.06 7.25 13.36
N SER D 37 -20.96 7.05 12.05
CA SER D 37 -20.94 5.69 11.50
C SER D 37 -19.69 4.93 11.92
N SER D 38 -18.60 5.67 12.12
CA SER D 38 -17.36 5.06 12.58
C SER D 38 -17.58 4.41 13.94
N LEU D 39 -18.35 5.08 14.78
CA LEU D 39 -18.69 4.54 16.10
C LEU D 39 -19.53 3.26 15.97
N LEU D 40 -20.59 3.32 15.17
CA LEU D 40 -21.44 2.15 14.99
C LEU D 40 -20.70 0.97 14.36
N ASP D 41 -19.83 1.26 13.40
CA ASP D 41 -19.05 0.20 12.78
C ASP D 41 -18.02 -0.40 13.75
N ALA D 42 -17.52 0.42 14.67
CA ALA D 42 -16.64 -0.09 15.72
C ALA D 42 -17.40 -1.09 16.60
N ILE D 43 -18.67 -0.81 16.86
CA ILE D 43 -19.51 -1.73 17.62
C ILE D 43 -19.63 -3.05 16.87
N LEU D 44 -19.88 -2.96 15.57
CA LEU D 44 -20.03 -4.13 14.72
C LEU D 44 -18.74 -4.96 14.75
N VAL D 45 -17.61 -4.27 14.64
CA VAL D 45 -16.31 -4.93 14.66
C VAL D 45 -16.07 -5.60 16.02
N GLY D 46 -16.36 -4.88 17.08
CA GLY D 46 -16.15 -5.39 18.43
C GLY D 46 -16.96 -6.65 18.70
N LEU D 47 -18.18 -6.68 18.21
CA LEU D 47 -19.04 -7.85 18.41
C LEU D 47 -18.63 -9.04 17.52
N TYR D 48 -18.43 -8.77 16.24
CA TYR D 48 -18.40 -9.86 15.25
C TYR D 48 -17.08 -10.08 14.51
N TRP D 49 -16.03 -9.35 14.85
CA TRP D 49 -14.73 -9.62 14.22
C TRP D 49 -14.43 -11.11 14.33
N PRO D 50 -13.92 -11.70 13.24
CA PRO D 50 -13.65 -11.05 11.96
C PRO D 50 -14.91 -11.00 11.09
N LEU D 51 -15.11 -9.90 10.35
CA LEU D 51 -16.33 -9.68 9.57
C LEU D 51 -16.15 -10.09 8.11
N ARG D 52 -17.27 -10.23 7.39
CA ARG D 52 -17.20 -10.39 5.94
C ARG D 52 -17.49 -9.09 5.21
N ILE D 53 -18.07 -8.11 5.91
CA ILE D 53 -18.40 -6.84 5.28
C ILE D 53 -17.19 -6.26 4.54
N LYS D 54 -17.36 -6.03 3.25
CA LYS D 54 -16.28 -5.62 2.37
C LYS D 54 -15.55 -4.35 2.83
N ASP D 55 -16.31 -3.28 3.02
CA ASP D 55 -15.72 -1.96 3.21
C ASP D 55 -15.10 -1.71 4.60
N ILE D 56 -14.90 -2.77 5.38
CA ILE D 56 -14.33 -2.60 6.73
C ILE D 56 -13.05 -3.42 6.89
N LYS D 57 -11.91 -2.79 6.62
CA LYS D 57 -10.62 -3.46 6.66
C LYS D 57 -9.74 -2.89 7.77
N LYS D 58 -9.11 -3.77 8.55
CA LYS D 58 -8.27 -3.36 9.68
C LYS D 58 -7.19 -2.36 9.26
N ASP D 59 -6.52 -2.63 8.16
CA ASP D 59 -5.47 -1.76 7.64
C ASP D 59 -6.02 -0.36 7.32
N GLU D 60 -7.32 -0.29 7.04
CA GLU D 60 -7.95 0.98 6.72
C GLU D 60 -8.56 1.63 7.95
N PHE D 61 -9.12 0.84 8.86
CA PHE D 61 -9.78 1.45 10.00
C PHE D 61 -8.84 1.90 11.11
N THR D 62 -7.59 1.44 11.09
CA THR D 62 -6.64 1.94 12.05
C THR D 62 -6.48 3.45 11.81
N LYS D 63 -6.73 4.26 12.82
CA LYS D 63 -6.61 5.71 12.66
C LYS D 63 -5.22 6.08 12.12
N VAL D 64 -5.20 6.95 11.13
CA VAL D 64 -3.94 7.39 10.54
C VAL D 64 -3.03 7.91 11.64
N GLY D 65 -1.79 7.44 11.66
CA GLY D 65 -0.81 7.87 12.65
C GLY D 65 -0.63 6.85 13.75
N ALA D 66 -1.62 5.98 13.93
CA ALA D 66 -1.59 5.00 15.02
C ALA D 66 -1.12 3.63 14.53
N ARG D 67 -0.68 2.80 15.48
CA ARG D 67 -0.16 1.47 15.16
C ARG D 67 -1.09 0.36 15.64
N ASP D 68 -2.16 0.74 16.34
CA ASP D 68 -3.06 -0.24 16.93
C ASP D 68 -4.45 0.35 17.24
N THR D 69 -5.41 -0.53 17.46
CA THR D 69 -6.79 -0.11 17.69
C THR D 69 -7.33 -0.88 18.89
N TYR D 70 -8.14 -0.21 19.70
CA TYR D 70 -8.73 -0.82 20.88
C TYR D 70 -10.24 -0.64 20.83
N ILE D 71 -10.99 -1.72 21.03
CA ILE D 71 -12.44 -1.63 21.14
C ILE D 71 -12.88 -2.45 22.34
N ASP D 72 -13.67 -1.82 23.21
CA ASP D 72 -14.16 -2.43 24.44
C ASP D 72 -15.67 -2.23 24.49
N LEU D 73 -16.44 -3.31 24.54
CA LEU D 73 -17.90 -3.22 24.54
C LEU D 73 -18.49 -3.95 25.74
N ILE D 74 -19.43 -3.30 26.41
CA ILE D 74 -20.18 -3.93 27.49
C ILE D 74 -21.66 -3.92 27.10
N PHE D 75 -22.30 -5.08 27.22
CA PHE D 75 -23.68 -5.20 26.80
C PHE D 75 -24.36 -6.29 27.61
N GLU D 76 -25.70 -6.26 27.64
CA GLU D 76 -26.46 -7.27 28.35
C GLU D 76 -27.31 -8.10 27.40
N LYS D 77 -27.41 -9.39 27.67
CA LYS D 77 -28.37 -10.25 27.00
C LYS D 77 -28.83 -11.37 27.94
N ASP D 78 -30.13 -11.55 28.03
CA ASP D 78 -30.72 -12.61 28.84
C ASP D 78 -30.30 -12.51 30.31
N GLY D 79 -30.16 -11.29 30.80
CA GLY D 79 -29.82 -11.08 32.20
C GLY D 79 -28.33 -11.03 32.51
N THR D 80 -27.50 -11.49 31.58
CA THR D 80 -26.05 -11.52 31.80
C THR D 80 -25.34 -10.33 31.18
N LYS D 81 -24.42 -9.73 31.92
CA LYS D 81 -23.62 -8.64 31.37
C LYS D 81 -22.34 -9.19 30.77
N TYR D 82 -22.12 -8.91 29.48
CA TYR D 82 -20.93 -9.37 28.79
C TYR D 82 -20.01 -8.20 28.47
N ARG D 83 -18.71 -8.51 28.35
CA ARG D 83 -17.73 -7.53 27.94
C ARG D 83 -16.77 -8.14 26.93
N ILE D 84 -16.66 -7.51 25.76
CA ILE D 84 -15.71 -7.95 24.76
C ILE D 84 -14.65 -6.88 24.58
N THR D 85 -13.38 -7.30 24.68
CA THR D 85 -12.27 -6.38 24.54
C THR D 85 -11.36 -6.87 23.42
N ARG D 86 -11.09 -5.99 22.46
CA ARG D 86 -10.17 -6.33 21.39
C ARG D 86 -9.07 -5.28 21.23
N ARG D 87 -7.85 -5.74 21.04
CA ARG D 87 -6.76 -4.86 20.65
C ARG D 87 -6.19 -5.37 19.33
N PHE D 88 -6.30 -4.56 18.29
CA PHE D 88 -5.76 -4.90 16.97
C PHE D 88 -4.40 -4.25 16.78
N LEU D 89 -3.57 -4.84 15.92
CA LEU D 89 -2.31 -4.23 15.51
C LEU D 89 -2.36 -4.03 14.01
N LYS D 90 -1.90 -2.87 13.54
CA LYS D 90 -1.93 -2.60 12.12
C LYS D 90 -0.88 -3.47 11.43
N GLY D 91 -1.31 -4.23 10.42
CA GLY D 91 -0.39 -4.98 9.59
C GLY D 91 -0.21 -6.46 9.91
N TYR D 92 -0.43 -6.86 11.16
CA TYR D 92 -0.28 -8.28 11.53
C TYR D 92 -1.08 -8.67 12.78
N SER D 93 -1.15 -9.97 13.05
CA SER D 93 -2.02 -10.49 14.11
C SER D 93 -1.29 -10.88 15.41
N SER D 94 -0.03 -11.26 15.32
CA SER D 94 0.71 -11.61 16.54
C SER D 94 0.69 -10.45 17.53
N GLY D 95 0.24 -10.72 18.75
CA GLY D 95 0.20 -9.70 19.78
C GLY D 95 -1.17 -9.11 19.98
N GLU D 96 -2.12 -9.46 19.12
CA GLU D 96 -3.49 -9.01 19.32
C GLU D 96 -4.08 -9.67 20.56
N ILE D 97 -5.05 -8.99 21.16
CA ILE D 97 -5.74 -9.52 22.32
C ILE D 97 -7.24 -9.54 22.01
N HIS D 98 -7.86 -10.68 22.23
CA HIS D 98 -9.32 -10.79 22.12
C HIS D 98 -9.79 -11.53 23.35
N ALA D 99 -10.67 -10.90 24.12
CA ALA D 99 -11.23 -11.51 25.31
C ALA D 99 -12.73 -11.24 25.38
N MET D 100 -13.48 -12.22 25.87
CA MET D 100 -14.89 -12.03 26.14
C MET D 100 -15.22 -12.55 27.52
N LYS D 101 -15.82 -11.70 28.35
CA LYS D 101 -16.07 -12.07 29.73
C LYS D 101 -17.50 -11.77 30.14
N ARG D 102 -17.93 -12.36 31.25
CA ARG D 102 -19.21 -12.04 31.84
C ARG D 102 -19.06 -11.60 33.29
N LEU D 103 -19.99 -10.78 33.74
CA LEU D 103 -19.96 -10.29 35.11
C LEU D 103 -20.61 -11.31 36.04
N VAL D 104 -19.79 -11.93 36.87
CA VAL D 104 -20.30 -12.86 37.88
C VAL D 104 -20.09 -12.22 39.25
N GLY D 105 -21.19 -11.88 39.90
CA GLY D 105 -21.10 -11.07 41.10
C GLY D 105 -20.41 -9.76 40.76
N ASN D 106 -19.25 -9.55 41.37
CA ASN D 106 -18.51 -8.31 41.20
C ASN D 106 -17.37 -8.42 40.18
N GLU D 107 -17.11 -9.63 39.71
CA GLU D 107 -15.93 -9.85 38.88
C GLU D 107 -16.24 -10.29 37.44
N TRP D 108 -15.36 -9.89 36.52
CA TRP D 108 -15.45 -10.29 35.13
C TRP D 108 -14.70 -11.60 34.91
N LYS D 109 -15.38 -12.61 34.38
CA LYS D 109 -14.79 -13.91 34.13
C LYS D 109 -14.88 -14.29 32.66
N HIS D 110 -13.83 -14.89 32.13
CA HIS D 110 -13.84 -15.37 30.74
C HIS D 110 -15.02 -16.32 30.49
N VAL D 111 -15.75 -16.07 29.40
CA VAL D 111 -16.84 -16.96 29.01
C VAL D 111 -16.30 -18.02 28.06
N THR D 112 -15.16 -17.71 27.45
CA THR D 112 -14.54 -18.64 26.51
C THR D 112 -13.05 -18.35 26.41
N GLU D 113 -12.34 -19.16 25.65
CA GLU D 113 -10.91 -18.97 25.45
C GLU D 113 -10.69 -17.57 24.88
N PRO D 114 -9.70 -16.84 25.39
CA PRO D 114 -9.45 -15.49 24.86
C PRO D 114 -8.79 -15.53 23.48
N SER D 115 -9.52 -16.00 22.48
CA SER D 115 -9.03 -16.03 21.12
C SER D 115 -10.15 -15.58 20.18
N SER D 116 -9.77 -15.04 19.03
CA SER D 116 -10.75 -14.56 18.06
C SER D 116 -11.69 -15.68 17.61
N LYS D 117 -11.11 -16.83 17.29
CA LYS D 117 -11.86 -17.99 16.84
C LYS D 117 -12.93 -18.39 17.86
N ALA D 118 -12.53 -18.54 19.11
CA ALA D 118 -13.44 -18.96 20.17
C ALA D 118 -14.50 -17.91 20.45
N ILE D 119 -14.11 -16.64 20.48
CA ILE D 119 -15.08 -15.58 20.71
C ILE D 119 -16.10 -15.51 19.57
N SER D 120 -15.64 -15.75 18.35
CA SER D 120 -16.53 -15.69 17.19
C SER D 120 -17.59 -16.78 17.29
N ALA D 121 -17.16 -17.99 17.65
CA ALA D 121 -18.08 -19.10 17.87
C ALA D 121 -19.12 -18.76 18.94
N PHE D 122 -18.66 -18.30 20.10
CA PHE D 122 -19.54 -17.93 21.21
C PHE D 122 -20.55 -16.86 20.84
N MET D 123 -20.08 -15.76 20.24
CA MET D 123 -20.95 -14.67 19.83
C MET D 123 -22.01 -15.13 18.84
N GLU D 124 -21.62 -15.94 17.87
CA GLU D 124 -22.54 -16.39 16.84
C GLU D 124 -23.70 -17.19 17.44
N LYS D 125 -23.44 -17.84 18.58
CA LYS D 125 -24.47 -18.60 19.28
C LYS D 125 -25.32 -17.70 20.18
N LEU D 126 -24.73 -16.61 20.65
CA LEU D 126 -25.45 -15.70 21.53
C LEU D 126 -26.40 -14.84 20.72
N ILE D 127 -25.87 -14.23 19.67
CA ILE D 127 -26.64 -13.37 18.78
C ILE D 127 -26.12 -13.55 17.36
N PRO D 128 -26.81 -14.36 16.55
CA PRO D 128 -26.31 -14.62 15.20
C PRO D 128 -26.07 -13.33 14.41
N TYR D 129 -24.96 -13.29 13.71
CA TYR D 129 -24.55 -12.17 12.88
C TYR D 129 -25.65 -11.69 11.92
N ASN D 130 -26.27 -12.63 11.21
CA ASN D 130 -27.34 -12.28 10.28
C ASN D 130 -28.53 -11.61 10.95
N ILE D 131 -28.85 -12.01 12.19
CA ILE D 131 -29.86 -11.32 12.96
C ILE D 131 -29.41 -9.88 13.27
N PHE D 132 -28.17 -9.74 13.70
CA PHE D 132 -27.67 -8.41 14.02
C PHE D 132 -27.74 -7.48 12.81
N LEU D 133 -27.31 -7.97 11.65
CA LEU D 133 -27.28 -7.11 10.46
C LEU D 133 -28.63 -6.89 9.78
N ASN D 134 -29.56 -7.82 9.94
CA ASN D 134 -30.85 -7.70 9.25
C ASN D 134 -32.02 -7.19 10.08
N ALA D 135 -31.87 -7.17 11.40
CA ALA D 135 -32.97 -6.74 12.26
C ALA D 135 -32.55 -5.73 13.31
N ILE D 136 -31.26 -5.71 13.67
CA ILE D 136 -30.81 -4.84 14.76
C ILE D 136 -30.04 -3.60 14.30
N TYR D 137 -28.97 -3.79 13.55
CA TYR D 137 -28.13 -2.68 13.09
C TYR D 137 -28.38 -2.38 11.62
N ILE D 138 -29.06 -1.28 11.34
CA ILE D 138 -29.36 -0.89 9.96
C ILE D 138 -28.32 0.12 9.52
N ARG D 139 -27.36 -0.33 8.71
CA ARG D 139 -26.20 0.51 8.38
C ARG D 139 -26.59 1.62 7.44
N GLN D 140 -25.78 2.68 7.41
CA GLN D 140 -26.11 3.82 6.57
C GLN D 140 -26.30 3.38 5.14
N GLY D 141 -27.36 3.87 4.50
CA GLY D 141 -27.64 3.54 3.12
C GLY D 141 -28.41 2.23 2.94
N GLN D 142 -28.67 1.52 4.02
CA GLN D 142 -29.31 0.21 3.93
C GLN D 142 -30.79 0.18 4.35
N ILE D 143 -31.38 1.35 4.57
CA ILE D 143 -32.78 1.39 5.01
C ILE D 143 -33.71 0.59 4.13
N ASP D 144 -33.56 0.73 2.82
CA ASP D 144 -34.48 0.11 1.89
C ASP D 144 -34.00 -1.22 1.31
N ALA D 145 -32.89 -1.73 1.83
CA ALA D 145 -32.35 -3.01 1.37
C ALA D 145 -33.41 -4.11 1.48
N ILE D 146 -34.20 -4.07 2.55
CA ILE D 146 -35.24 -5.06 2.81
C ILE D 146 -36.38 -5.03 1.77
N LEU D 147 -36.40 -3.99 0.93
CA LEU D 147 -37.42 -3.85 -0.10
C LEU D 147 -37.03 -4.45 -1.46
N GLU D 148 -35.79 -4.88 -1.58
CA GLU D 148 -35.21 -5.13 -2.91
C GLU D 148 -35.64 -6.41 -3.66
N SER D 149 -35.99 -7.47 -2.94
CA SER D 149 -36.50 -8.67 -3.63
C SER D 149 -37.25 -9.63 -2.73
N ASP D 150 -38.20 -10.34 -3.33
CA ASP D 150 -39.04 -11.29 -2.61
C ASP D 150 -38.24 -12.38 -1.90
N GLU D 151 -37.15 -12.84 -2.54
CA GLU D 151 -36.35 -13.95 -2.01
C GLU D 151 -35.49 -13.58 -0.81
N ALA D 152 -34.80 -12.43 -0.91
CA ALA D 152 -33.98 -11.96 0.19
C ALA D 152 -34.84 -11.71 1.43
N ARG D 153 -35.98 -11.06 1.22
CA ARG D 153 -36.87 -10.69 2.31
C ARG D 153 -37.38 -11.94 3.03
N GLU D 154 -37.70 -12.97 2.26
CA GLU D 154 -38.11 -14.25 2.83
C GLU D 154 -37.00 -14.83 3.72
N LYS D 155 -35.75 -14.63 3.32
CA LYS D 155 -34.64 -15.20 4.09
C LYS D 155 -34.38 -14.44 5.39
N VAL D 156 -34.62 -13.14 5.36
CA VAL D 156 -34.50 -12.34 6.58
C VAL D 156 -35.60 -12.78 7.55
N VAL D 157 -36.78 -13.04 7.01
CA VAL D 157 -37.90 -13.48 7.82
C VAL D 157 -37.63 -14.86 8.44
N ARG D 158 -37.17 -15.79 7.62
CA ARG D 158 -36.86 -17.13 8.12
C ARG D 158 -35.90 -17.07 9.29
N GLU D 159 -34.74 -16.46 9.08
CA GLU D 159 -33.73 -16.32 10.13
C GLU D 159 -34.22 -15.49 11.32
N VAL D 160 -34.84 -14.36 11.02
CA VAL D 160 -35.28 -13.43 12.05
C VAL D 160 -36.48 -13.93 12.86
N LEU D 161 -37.29 -14.80 12.27
CA LEU D 161 -38.43 -15.36 13.00
C LEU D 161 -38.04 -16.50 13.92
N ASN D 162 -37.40 -17.53 13.37
CA ASN D 162 -36.98 -18.69 14.15
C ASN D 162 -35.69 -18.45 14.91
N GLU D 184 -45.98 -40.68 11.11
CA GLU D 184 -46.63 -40.53 9.81
C GLU D 184 -47.65 -39.39 9.84
N GLU D 185 -48.49 -39.38 10.86
CA GLU D 185 -49.49 -38.35 11.02
C GLU D 185 -48.99 -37.24 11.95
N LEU D 186 -47.78 -37.44 12.48
CA LEU D 186 -47.16 -36.47 13.36
C LEU D 186 -46.64 -35.27 12.57
N ILE D 187 -45.88 -35.55 11.51
CA ILE D 187 -45.28 -34.51 10.69
C ILE D 187 -46.33 -33.73 9.89
N GLU D 188 -47.60 -34.08 10.08
CA GLU D 188 -48.68 -33.40 9.40
C GLU D 188 -48.99 -32.05 10.02
N LYS D 189 -48.81 -31.94 11.34
CA LYS D 189 -49.09 -30.70 12.05
C LYS D 189 -47.85 -29.88 12.32
N VAL D 190 -46.69 -30.53 12.36
CA VAL D 190 -45.43 -29.83 12.56
C VAL D 190 -45.23 -28.74 11.51
N LYS D 191 -45.61 -29.05 10.28
CA LYS D 191 -45.46 -28.11 9.18
C LYS D 191 -46.67 -27.19 9.06
N LYS D 192 -47.80 -27.62 9.62
CA LYS D 192 -49.02 -26.81 9.60
C LYS D 192 -48.97 -25.71 10.65
N TYR D 193 -48.71 -26.09 11.91
CA TYR D 193 -48.55 -25.11 12.97
C TYR D 193 -47.46 -24.11 12.60
N LYS D 194 -46.40 -24.61 11.97
CA LYS D 194 -45.26 -23.79 11.58
C LYS D 194 -45.69 -22.75 10.54
N ALA D 195 -46.26 -23.22 9.44
CA ALA D 195 -46.71 -22.33 8.36
C ALA D 195 -47.78 -21.35 8.84
N LEU D 196 -48.43 -21.68 9.95
CA LEU D 196 -49.41 -20.79 10.55
C LEU D 196 -48.72 -19.75 11.42
N ALA D 197 -47.65 -20.16 12.08
CA ALA D 197 -46.85 -19.23 12.88
C ALA D 197 -46.20 -18.20 11.98
N ARG D 198 -45.67 -18.64 10.86
CA ARG D 198 -45.07 -17.74 9.89
C ARG D 198 -46.12 -16.73 9.43
N GLU D 199 -47.28 -17.24 9.04
CA GLU D 199 -48.35 -16.37 8.56
C GLU D 199 -48.83 -15.39 9.63
N ALA D 200 -48.83 -15.83 10.89
CA ALA D 200 -49.25 -14.97 11.99
C ALA D 200 -48.23 -13.86 12.23
N ALA D 201 -46.95 -14.17 12.05
CA ALA D 201 -45.90 -13.18 12.26
C ALA D 201 -45.92 -12.15 11.13
N LEU D 202 -46.12 -12.63 9.91
CA LEU D 202 -46.12 -11.75 8.75
C LEU D 202 -47.34 -10.82 8.74
N SER D 203 -48.49 -11.34 9.14
CA SER D 203 -49.68 -10.51 9.24
C SER D 203 -49.45 -9.40 10.27
N LYS D 204 -48.82 -9.76 11.38
CA LYS D 204 -48.56 -8.78 12.43
C LYS D 204 -47.59 -7.71 11.94
N ILE D 205 -46.51 -8.16 11.31
CA ILE D 205 -45.50 -7.23 10.81
C ILE D 205 -46.16 -6.30 9.79
N GLY D 206 -47.01 -6.86 8.96
CA GLY D 206 -47.72 -6.11 7.95
C GLY D 206 -48.65 -5.08 8.58
N GLU D 207 -49.34 -5.48 9.63
CA GLU D 207 -50.21 -4.60 10.38
C GLU D 207 -49.42 -3.42 10.95
N LEU D 208 -48.30 -3.72 11.60
CA LEU D 208 -47.46 -2.65 12.16
C LEU D 208 -46.92 -1.72 11.10
N ALA D 209 -46.33 -2.28 10.04
CA ALA D 209 -45.78 -1.49 8.96
C ALA D 209 -46.87 -0.64 8.32
N SER D 210 -48.07 -1.20 8.20
CA SER D 210 -49.20 -0.47 7.62
C SER D 210 -49.50 0.81 8.41
N GLU D 211 -49.61 0.68 9.72
CA GLU D 211 -49.92 1.83 10.56
C GLU D 211 -48.86 2.89 10.40
N ILE D 212 -47.60 2.49 10.52
CA ILE D 212 -46.49 3.43 10.47
C ILE D 212 -46.43 4.14 9.13
N PHE D 213 -46.52 3.37 8.05
CA PHE D 213 -46.44 3.92 6.69
C PHE D 213 -47.64 4.80 6.35
N ALA D 214 -48.81 4.45 6.86
CA ALA D 214 -50.00 5.26 6.64
C ALA D 214 -49.83 6.61 7.34
N GLU D 215 -49.28 6.60 8.54
CA GLU D 215 -49.01 7.84 9.26
C GLU D 215 -47.97 8.68 8.54
N PHE D 216 -46.87 8.04 8.15
CA PHE D 216 -45.79 8.67 7.42
C PHE D 216 -46.29 9.38 6.17
N THR D 217 -47.20 8.74 5.44
CA THR D 217 -47.67 9.26 4.17
C THR D 217 -49.05 9.91 4.28
N GLU D 218 -49.49 10.13 5.52
CA GLU D 218 -50.82 10.71 5.78
C GLU D 218 -51.95 10.06 4.97
N GLY D 219 -52.00 8.74 5.00
CA GLY D 219 -53.09 8.02 4.37
C GLY D 219 -53.05 7.92 2.86
N LYS D 220 -51.98 8.42 2.24
CA LYS D 220 -51.84 8.25 0.79
C LYS D 220 -51.79 6.76 0.44
N TYR D 221 -51.10 5.98 1.27
CA TYR D 221 -51.10 4.53 1.15
C TYR D 221 -51.73 3.97 2.41
N SER D 222 -52.84 3.27 2.24
CA SER D 222 -53.70 2.93 3.38
C SER D 222 -53.26 1.64 4.05
N GLU D 223 -52.35 0.91 3.40
CA GLU D 223 -51.99 -0.41 3.90
C GLU D 223 -50.73 -0.88 3.24
N VAL D 224 -49.94 -1.64 3.98
CA VAL D 224 -48.80 -2.40 3.44
C VAL D 224 -49.15 -3.87 3.51
N VAL D 225 -49.11 -4.56 2.38
CA VAL D 225 -49.50 -5.96 2.32
C VAL D 225 -48.27 -6.84 2.29
N VAL D 226 -48.13 -7.69 3.30
CA VAL D 226 -47.01 -8.63 3.37
C VAL D 226 -47.50 -10.04 3.06
N ARG D 227 -47.35 -10.46 1.81
CA ARG D 227 -47.93 -11.72 1.34
C ARG D 227 -46.90 -12.84 1.21
N ALA D 228 -47.02 -13.85 2.05
CA ALA D 228 -46.09 -14.98 2.03
C ALA D 228 -46.41 -15.96 0.91
N GLU D 229 -45.39 -16.35 0.15
CA GLU D 229 -45.55 -17.31 -0.92
C GLU D 229 -44.36 -18.27 -1.00
N GLU D 230 -44.49 -19.29 -1.83
CA GLU D 230 -43.45 -20.30 -2.00
C GLU D 230 -42.09 -19.64 -2.21
N ASN D 231 -41.21 -19.75 -1.22
CA ASN D 231 -39.85 -19.21 -1.31
C ASN D 231 -39.77 -17.69 -1.18
N LYS D 232 -40.92 -17.04 -1.04
CA LYS D 232 -40.95 -15.58 -1.16
C LYS D 232 -41.84 -14.88 -0.15
N VAL D 233 -41.45 -13.66 0.20
CA VAL D 233 -42.32 -12.75 0.94
C VAL D 233 -42.56 -11.51 0.06
N ARG D 234 -43.77 -11.36 -0.47
CA ARG D 234 -44.05 -10.21 -1.32
C ARG D 234 -44.59 -9.00 -0.57
N LEU D 235 -44.28 -7.81 -1.08
CA LEU D 235 -44.69 -6.55 -0.46
C LEU D 235 -45.45 -5.69 -1.46
N PHE D 236 -46.60 -5.17 -1.02
CA PHE D 236 -47.40 -4.29 -1.86
C PHE D 236 -47.87 -3.13 -1.02
N VAL D 237 -48.20 -2.03 -1.68
CA VAL D 237 -48.80 -0.90 -0.99
C VAL D 237 -50.18 -0.66 -1.55
N VAL D 238 -51.12 -0.29 -0.68
CA VAL D 238 -52.47 -0.03 -1.14
C VAL D 238 -52.66 1.45 -1.43
N TRP D 239 -52.95 1.75 -2.69
CA TRP D 239 -53.18 3.11 -3.15
C TRP D 239 -54.52 3.17 -3.87
N GLU D 240 -55.36 4.12 -3.47
CA GLU D 240 -56.73 4.23 -3.97
C GLU D 240 -57.43 2.87 -3.99
N GLY D 241 -57.25 2.11 -2.91
CA GLY D 241 -58.02 0.92 -2.66
C GLY D 241 -57.52 -0.38 -3.28
N LYS D 242 -56.42 -0.32 -4.03
CA LYS D 242 -55.88 -1.51 -4.67
C LYS D 242 -54.39 -1.66 -4.42
N GLU D 243 -53.93 -2.91 -4.26
CA GLU D 243 -52.51 -3.21 -4.11
C GLU D 243 -51.71 -2.80 -5.34
N ARG D 244 -50.59 -2.11 -5.12
CA ARG D 244 -49.64 -1.76 -6.18
C ARG D 244 -48.28 -2.34 -5.81
N PRO D 245 -47.46 -2.67 -6.82
CA PRO D 245 -46.10 -3.14 -6.56
C PRO D 245 -45.21 -2.02 -6.03
N LEU D 246 -44.06 -2.38 -5.47
CA LEU D 246 -43.16 -1.42 -4.83
C LEU D 246 -42.62 -0.35 -5.78
N THR D 247 -42.60 -0.66 -7.07
CA THR D 247 -42.10 0.31 -8.04
C THR D 247 -43.01 1.54 -8.13
N PHE D 248 -44.23 1.40 -7.62
CA PHE D 248 -45.18 2.50 -7.56
C PHE D 248 -44.62 3.69 -6.76
N LEU D 249 -43.92 3.40 -5.67
CA LEU D 249 -43.47 4.44 -4.74
C LEU D 249 -42.43 5.37 -5.35
N SER D 250 -42.39 6.61 -4.84
CA SER D 250 -41.32 7.52 -5.22
C SER D 250 -40.10 7.21 -4.34
N GLY D 251 -38.98 7.89 -4.61
CA GLY D 251 -37.75 7.64 -3.87
C GLY D 251 -37.90 7.88 -2.38
N GLY D 252 -38.48 9.04 -2.04
CA GLY D 252 -38.76 9.36 -0.65
C GLY D 252 -39.73 8.41 0.00
N GLU D 253 -40.76 8.00 -0.74
CA GLU D 253 -41.72 7.05 -0.20
C GLU D 253 -41.09 5.68 0.07
N ARG D 254 -40.12 5.31 -0.75
CA ARG D 254 -39.38 4.06 -0.54
C ARG D 254 -38.65 4.07 0.80
N ILE D 255 -38.04 5.21 1.12
CA ILE D 255 -37.33 5.37 2.38
C ILE D 255 -38.29 5.23 3.54
N ALA D 256 -39.44 5.90 3.44
CA ALA D 256 -40.45 5.84 4.48
C ALA D 256 -40.96 4.42 4.68
N LEU D 257 -41.12 3.69 3.58
CA LEU D 257 -41.61 2.31 3.69
C LEU D 257 -40.53 1.42 4.31
N GLY D 258 -39.27 1.66 3.93
CA GLY D 258 -38.15 0.93 4.49
C GLY D 258 -38.12 1.13 6.00
N LEU D 259 -38.26 2.39 6.42
CA LEU D 259 -38.31 2.72 7.85
C LEU D 259 -39.48 2.02 8.53
N ALA D 260 -40.66 2.07 7.91
CA ALA D 260 -41.85 1.45 8.48
C ALA D 260 -41.65 -0.04 8.68
N PHE D 261 -41.01 -0.69 7.72
CA PHE D 261 -40.81 -2.13 7.79
C PHE D 261 -39.72 -2.47 8.82
N ARG D 262 -38.67 -1.65 8.87
CA ARG D 262 -37.62 -1.82 9.87
C ARG D 262 -38.22 -1.71 11.28
N LEU D 263 -39.01 -0.67 11.50
CA LEU D 263 -39.66 -0.46 12.80
C LEU D 263 -40.61 -1.59 13.15
N ALA D 264 -41.37 -2.03 12.15
CA ALA D 264 -42.37 -3.08 12.38
C ALA D 264 -41.71 -4.36 12.84
N MET D 265 -40.61 -4.73 12.18
CA MET D 265 -39.90 -5.94 12.58
C MET D 265 -39.34 -5.80 13.99
N SER D 266 -38.80 -4.63 14.31
CA SER D 266 -38.24 -4.39 15.64
C SER D 266 -39.31 -4.40 16.71
N LEU D 267 -40.48 -3.86 16.39
CA LEU D 267 -41.59 -3.86 17.32
C LEU D 267 -42.12 -5.28 17.48
N TYR D 268 -42.17 -6.03 16.39
CA TYR D 268 -42.61 -7.41 16.47
C TYR D 268 -41.70 -8.22 17.40
N LEU D 269 -40.42 -7.86 17.44
CA LEU D 269 -39.44 -8.60 18.25
C LEU D 269 -38.89 -7.80 19.43
N ALA D 270 -39.63 -6.77 19.85
CA ALA D 270 -39.16 -5.86 20.90
C ALA D 270 -38.94 -6.57 22.23
N GLY D 271 -39.50 -7.77 22.37
CA GLY D 271 -39.35 -8.53 23.58
C GLY D 271 -38.16 -9.46 23.55
N GLU D 272 -37.82 -9.95 22.37
CA GLU D 272 -36.74 -10.93 22.22
C GLU D 272 -35.43 -10.25 21.81
N ILE D 273 -35.53 -9.20 21.01
CA ILE D 273 -34.34 -8.48 20.56
C ILE D 273 -34.14 -7.18 21.35
N SER D 274 -35.13 -6.30 21.28
CA SER D 274 -35.21 -5.14 22.19
C SER D 274 -34.25 -4.00 21.87
N LEU D 275 -33.54 -4.10 20.76
CA LEU D 275 -32.59 -3.05 20.36
C LEU D 275 -32.68 -2.78 18.87
N LEU D 276 -32.69 -1.50 18.50
CA LEU D 276 -32.62 -1.10 17.11
C LEU D 276 -31.58 0.00 16.94
N ILE D 277 -30.67 -0.20 16.00
CA ILE D 277 -29.63 0.79 15.68
C ILE D 277 -29.86 1.27 14.26
N LEU D 278 -30.09 2.58 14.11
CA LEU D 278 -30.52 3.13 12.83
C LEU D 278 -29.59 4.27 12.42
N ASP D 279 -28.88 4.11 11.32
CA ASP D 279 -27.87 5.11 10.89
C ASP D 279 -28.37 5.97 9.73
N GLU D 280 -28.63 7.25 10.04
CA GLU D 280 -29.12 8.27 9.09
C GLU D 280 -30.47 7.92 8.47
N PRO D 281 -31.56 8.16 9.20
CA PRO D 281 -32.89 7.81 8.70
C PRO D 281 -33.51 8.81 7.70
N THR D 282 -32.87 9.95 7.43
CA THR D 282 -33.54 11.00 6.64
C THR D 282 -33.20 11.18 5.15
N PRO D 283 -32.34 10.35 4.55
CA PRO D 283 -32.05 10.61 3.13
C PRO D 283 -33.32 10.59 2.27
N TYR D 284 -33.40 11.49 1.30
CA TYR D 284 -34.52 11.58 0.36
C TYR D 284 -35.84 12.10 0.96
N LEU D 285 -35.92 12.23 2.27
CA LEU D 285 -37.17 12.71 2.87
C LEU D 285 -37.30 14.21 2.76
N ASP D 286 -38.45 14.70 2.29
CA ASP D 286 -38.69 16.13 2.24
C ASP D 286 -39.01 16.72 3.63
N GLU D 287 -39.21 18.03 3.68
CA GLU D 287 -39.43 18.71 4.94
C GLU D 287 -40.59 18.10 5.73
N GLU D 288 -41.72 17.88 5.06
CA GLU D 288 -42.89 17.33 5.75
C GLU D 288 -42.66 15.93 6.26
N ARG D 289 -41.94 15.11 5.50
CA ARG D 289 -41.66 13.75 5.92
C ARG D 289 -40.68 13.72 7.10
N ARG D 290 -39.76 14.68 7.14
CA ARG D 290 -38.83 14.77 8.26
C ARG D 290 -39.59 15.15 9.54
N ARG D 291 -40.55 16.06 9.43
CA ARG D 291 -41.40 16.36 10.58
C ARG D 291 -42.16 15.11 11.01
N LYS D 292 -42.69 14.36 10.04
CA LYS D 292 -43.42 13.12 10.33
C LYS D 292 -42.55 12.09 11.06
N LEU D 293 -41.28 12.00 10.68
CA LEU D 293 -40.37 11.06 11.34
C LEU D 293 -40.32 11.34 12.85
N ILE D 294 -40.38 12.61 13.23
CA ILE D 294 -40.36 12.97 14.64
C ILE D 294 -41.57 12.41 15.36
N THR D 295 -42.73 12.47 14.73
CA THR D 295 -43.95 11.96 15.36
C THR D 295 -43.93 10.43 15.40
N ILE D 296 -43.26 9.83 14.42
CA ILE D 296 -43.08 8.39 14.39
C ILE D 296 -42.06 7.91 15.42
N MET D 297 -41.05 8.73 15.71
CA MET D 297 -40.13 8.43 16.79
C MET D 297 -40.87 8.39 18.12
N GLU D 298 -41.73 9.39 18.33
CA GLU D 298 -42.44 9.54 19.59
C GLU D 298 -43.44 8.41 19.81
N ARG D 299 -44.09 7.99 18.73
CA ARG D 299 -45.19 7.05 18.83
C ARG D 299 -44.75 5.60 18.73
N TYR D 300 -43.70 5.35 17.95
CA TYR D 300 -43.28 3.98 17.66
C TYR D 300 -41.89 3.61 18.20
N LEU D 301 -40.86 4.35 17.78
CA LEU D 301 -39.50 4.10 18.27
C LEU D 301 -39.43 4.00 19.80
N LYS D 302 -40.29 4.75 20.48
CA LYS D 302 -40.28 4.74 21.94
C LYS D 302 -40.82 3.45 22.55
N LYS D 303 -41.38 2.58 21.72
CA LYS D 303 -41.89 1.29 22.20
C LYS D 303 -40.81 0.21 22.17
N ILE D 304 -39.67 0.54 21.58
CA ILE D 304 -38.52 -0.35 21.58
C ILE D 304 -37.62 0.03 22.75
N PRO D 305 -37.36 -0.94 23.65
CA PRO D 305 -36.59 -0.69 24.89
C PRO D 305 -35.34 0.15 24.68
N GLN D 306 -34.47 -0.23 23.75
CA GLN D 306 -33.30 0.61 23.46
C GLN D 306 -33.19 0.90 21.97
N VAL D 307 -33.00 2.16 21.66
CA VAL D 307 -32.81 2.58 20.28
C VAL D 307 -31.61 3.50 20.20
N ILE D 308 -30.75 3.24 19.23
CA ILE D 308 -29.62 4.11 18.97
C ILE D 308 -29.77 4.68 17.58
N LEU D 309 -29.94 5.99 17.53
CA LEU D 309 -30.24 6.67 16.29
C LEU D 309 -29.14 7.67 16.03
N VAL D 310 -28.64 7.69 14.79
CA VAL D 310 -27.54 8.55 14.43
C VAL D 310 -27.92 9.40 13.22
N SER D 311 -27.66 10.70 13.30
CA SER D 311 -28.14 11.59 12.26
C SER D 311 -27.45 12.95 12.25
N HIS D 312 -27.45 13.61 11.10
CA HIS D 312 -27.03 15.00 11.01
C HIS D 312 -28.22 15.94 11.24
N ASP D 313 -29.42 15.37 11.30
CA ASP D 313 -30.66 16.17 11.41
C ASP D 313 -30.91 16.63 12.85
N GLU D 314 -30.58 17.89 13.11
CA GLU D 314 -30.73 18.51 14.42
C GLU D 314 -32.16 18.40 14.96
N GLU D 315 -33.11 18.53 14.05
CA GLU D 315 -34.54 18.50 14.34
C GLU D 315 -34.94 17.29 15.20
N LEU D 316 -34.20 16.19 15.08
CA LEU D 316 -34.55 14.93 15.75
C LEU D 316 -34.39 14.94 17.27
N LYS D 317 -33.68 15.93 17.81
CA LYS D 317 -33.54 16.11 19.26
C LYS D 317 -34.87 15.96 19.98
N ASP D 318 -35.91 16.49 19.35
CA ASP D 318 -37.23 16.65 19.98
C ASP D 318 -37.82 15.38 20.59
N ALA D 319 -37.54 14.24 19.99
CA ALA D 319 -38.13 12.99 20.47
C ALA D 319 -37.09 12.03 21.04
N ALA D 320 -35.88 12.53 21.29
CA ALA D 320 -34.85 11.68 21.86
C ALA D 320 -34.91 11.71 23.39
N ASP D 321 -34.62 10.57 24.01
CA ASP D 321 -34.53 10.51 25.47
C ASP D 321 -33.14 10.93 25.95
N HIS D 322 -32.13 10.58 25.16
CA HIS D 322 -30.76 10.91 25.50
C HIS D 322 -30.06 11.41 24.25
N VAL D 323 -29.38 12.54 24.36
CA VAL D 323 -28.71 13.15 23.22
C VAL D 323 -27.20 13.26 23.42
N ILE D 324 -26.45 12.79 22.45
CA ILE D 324 -25.01 12.92 22.42
C ILE D 324 -24.62 13.65 21.14
N ARG D 325 -23.71 14.62 21.28
CA ARG D 325 -23.20 15.31 20.10
C ARG D 325 -21.81 14.83 19.77
N ILE D 326 -21.56 14.61 18.50
CA ILE D 326 -20.23 14.25 18.04
C ILE D 326 -19.73 15.28 17.05
N SER D 327 -18.46 15.69 17.20
CA SER D 327 -17.87 16.63 16.26
C SER D 327 -16.43 16.25 15.97
N LEU D 328 -15.97 16.62 14.78
CA LEU D 328 -14.59 16.36 14.39
C LEU D 328 -13.73 17.55 14.74
N GLU D 329 -12.70 17.32 15.54
CA GLU D 329 -11.80 18.38 15.96
C GLU D 329 -10.37 17.97 15.67
N ASN D 330 -9.70 18.69 14.79
CA ASN D 330 -8.32 18.37 14.42
C ASN D 330 -8.14 16.91 14.02
N GLY D 331 -9.09 16.39 13.25
CA GLY D 331 -9.01 15.03 12.74
C GLY D 331 -9.36 13.94 13.75
N SER D 332 -9.95 14.33 14.88
CA SER D 332 -10.37 13.35 15.89
C SER D 332 -11.76 13.64 16.43
N SER D 333 -12.59 12.60 16.51
CA SER D 333 -13.95 12.75 17.02
C SER D 333 -13.96 13.12 18.49
N LYS D 334 -14.93 13.96 18.87
CA LYS D 334 -15.11 14.36 20.25
C LYS D 334 -16.59 14.20 20.54
N VAL D 335 -16.89 13.52 21.64
CA VAL D 335 -18.26 13.27 22.04
C VAL D 335 -18.65 14.12 23.26
N GLU D 336 -19.86 14.65 23.22
CA GLU D 336 -20.36 15.53 24.25
C GLU D 336 -21.72 15.02 24.70
N VAL D 337 -21.86 14.74 26.00
CA VAL D 337 -23.14 14.27 26.50
C VAL D 337 -24.05 15.46 26.77
N VAL D 338 -25.08 15.60 25.95
CA VAL D 338 -26.04 16.69 26.12
C VAL D 338 -27.16 16.24 27.06
N SER D 339 -27.53 14.96 26.93
CA SER D 339 -28.63 14.39 27.71
C SER D 339 -28.49 12.87 27.79
PG ANP E . 36.19 1.60 10.01
O1G ANP E . 35.53 0.24 9.88
O2G ANP E . 36.74 1.99 8.69
O3G ANP E . 35.15 2.64 10.32
PB ANP E . 37.91 0.67 12.20
O1B ANP E . 37.06 -0.50 12.50
O2B ANP E . 38.16 1.39 13.53
N3B ANP E . 37.34 1.70 11.14
PA ANP E . 40.02 -1.28 12.00
O1A ANP E . 39.97 -1.66 13.45
O2A ANP E . 39.46 -2.33 11.17
O3A ANP E . 39.32 0.15 11.70
O5' ANP E . 41.52 -1.10 11.53
C5' ANP E . 42.31 -0.08 12.10
C4' ANP E . 43.66 0.13 11.54
O4' ANP E . 44.48 -0.90 11.92
C3' ANP E . 43.67 0.05 10.07
O3' ANP E . 43.41 1.33 9.53
C2' ANP E . 45.03 -0.36 9.73
O2' ANP E . 45.79 0.75 9.27
C1' ANP E . 45.60 -0.83 10.98
N9 ANP E . 46.25 -2.14 10.94
C8 ANP E . 45.77 -3.29 10.41
N7 ANP E . 46.65 -4.27 10.63
C5 ANP E . 47.69 -3.75 11.32
C6 ANP E . 48.86 -4.28 11.80
N6 ANP E . 49.17 -5.72 11.64
N1 ANP E . 49.71 -3.46 12.46
C2 ANP E . 49.45 -2.17 12.64
N3 ANP E . 48.33 -1.62 12.18
C4 ANP E . 47.44 -2.40 11.52
MG MG F . 35.50 -1.30 11.22
PG ANP G . 18.43 2.84 -1.46
O1G ANP G . 19.41 1.90 -2.15
O2G ANP G . 17.91 2.15 -0.25
O3G ANP G . 19.13 4.09 -1.02
PB ANP G . 16.84 3.03 -3.93
O1B ANP G . 17.92 2.61 -4.81
O2B ANP G . 16.24 4.31 -4.54
N3B ANP G . 17.19 3.29 -2.40
PA ANP G . 15.35 0.93 -5.23
O1A ANP G . 15.35 1.58 -6.58
O2A ANP G . 16.22 -0.23 -5.24
O3A ANP G . 15.69 1.93 -4.01
O5' ANP G . 13.90 0.36 -4.89
C5' ANP G . 12.81 1.24 -4.76
C4' ANP G . 11.53 0.61 -4.36
O4' ANP G . 11.08 -0.19 -5.38
C3' ANP G . 11.71 -0.37 -3.28
O3' ANP G . 11.81 0.32 -2.06
C2' ANP G . 10.52 -1.23 -3.40
O2' ANP G . 9.52 -0.87 -2.46
C1' ANP G . 10.01 -0.97 -4.74
N9 ANP G . 9.71 -2.12 -5.62
C8 ANP G . 10.53 -3.15 -5.88
N7 ANP G . 9.94 -3.95 -6.77
C5 ANP G . 8.74 -3.41 -7.09
C6 ANP G . 7.70 -3.80 -7.93
N6 ANP G . 7.82 -5.03 -8.74
N1 ANP G . 6.59 -3.03 -8.01
C2 ANP G . 6.48 -1.90 -7.28
N3 ANP G . 7.45 -1.50 -6.47
C4 ANP G . 8.59 -2.24 -6.34
MG MG H . 19.77 1.68 -4.12
PG ANP I . -39.42 11.96 -4.37
O1G ANP I . -38.38 11.15 -5.13
O2G ANP I . -39.92 11.09 -3.25
O3G ANP I . -38.84 13.18 -3.76
PB ANP I . -40.95 12.28 -6.82
O1B ANP I . -39.81 12.03 -7.73
O2B ANP I . -41.55 13.61 -7.29
N3B ANP I . -40.68 12.38 -5.27
PA ANP I . -42.24 10.25 -8.34
O1A ANP I . -42.19 11.05 -9.61
O2A ANP I . -41.29 9.16 -8.35
O3A ANP I . -42.03 11.15 -7.04
O5' ANP I . -43.65 9.52 -8.17
C5' ANP I . -44.82 10.24 -7.91
C4' ANP I . -46.05 9.46 -7.62
O4' ANP I . -46.48 8.80 -8.76
C3' ANP I . -45.80 8.36 -6.68
O3' ANP I . -45.82 8.83 -5.36
C2' ANP I . -46.89 7.43 -6.93
O2' ANP I . -47.92 7.62 -5.99
C1' ANP I . -47.39 7.79 -8.25
N9 ANP I . -47.53 6.69 -9.23
C8 ANP I . -46.63 5.74 -9.53
N7 ANP I . -47.11 4.97 -10.51
C5 ANP I . -48.34 5.43 -10.83
C6 ANP I . -49.29 5.03 -11.75
N6 ANP I . -49.04 3.87 -12.61
N1 ANP I . -50.46 5.72 -11.83
C2 ANP I . -50.68 6.78 -11.04
N3 ANP I . -49.78 7.19 -10.15
C4 ANP I . -48.60 6.53 -10.03
MG MG J . -37.94 11.13 -7.13
PG ANP K . -21.91 11.30 7.54
O1G ANP K . -22.30 9.85 7.23
O2G ANP K . -21.39 11.89 6.28
O3G ANP K . -23.12 12.08 7.94
PB ANP K . -20.19 10.36 9.72
O1B ANP K . -20.86 9.05 9.85
O2B ANP K . -20.14 10.93 11.13
N3B ANP K . -20.86 11.42 8.75
PA ANP K . -17.84 8.77 9.44
O1A ANP K . -17.92 8.25 10.86
O2A ANP K . -18.22 7.73 8.53
O3A ANP K . -18.70 10.11 9.25
O5' ANP K . -16.35 9.16 9.05
C5' ANP K . -15.69 10.17 9.77
C4' ANP K . -14.33 10.55 9.30
O4' ANP K . -13.40 9.57 9.58
C3' ANP K . -14.28 10.61 7.84
O3' ANP K . -14.79 11.86 7.42
C2' ANP K . -12.86 10.43 7.51
O2' ANP K . -12.23 11.64 7.18
C1' ANP K . -12.26 9.88 8.73
N9 ANP K . -11.42 8.68 8.59
C8 ANP K . -11.72 7.56 7.90
N7 ANP K . -10.75 6.67 8.07
C5 ANP K . -9.82 7.21 8.90
C6 ANP K . -8.62 6.76 9.43
N6 ANP K . -8.13 5.41 9.14
N1 ANP K . -7.92 7.58 10.22
C2 ANP K . -8.36 8.79 10.53
N3 ANP K . -9.50 9.25 10.04
C4 ANP K . -10.26 8.48 9.24
MG MG L . -22.28 8.21 8.43
#